data_9N5Z
#
_entry.id   9N5Z
#
_cell.length_a   1.00
_cell.length_b   1.00
_cell.length_c   1.00
_cell.angle_alpha   90.00
_cell.angle_beta   90.00
_cell.angle_gamma   90.00
#
_symmetry.space_group_name_H-M   'P 1'
#
loop_
_entity.id
_entity.type
_entity.pdbx_description
1 polymer 'heavy chain antibody Fab AMB38599'
2 polymer 'light chain antibody Fab AMB38310'
3 polymer Hemagglutinin
4 polymer Hemagglutinin
5 non-polymer 2-acetamido-2-deoxy-beta-D-glucopyranose
#
loop_
_entity_poly.entity_id
_entity_poly.type
_entity_poly.pdbx_seq_one_letter_code
_entity_poly.pdbx_strand_id
1 'polypeptide(L)'
;EVQLLESGGGLVQPGGSLRLSCAASGFTFTHFAMTWVRQAPGKGLEWVSTIDGSGGGTYSADFVKGRFTVSRDNSKNTLF
LQMNSLRAEDTALYYCAKVSPGMVDDPHLGGAFHIWGQGTMVTVSS
;
A
2 'polypeptide(L)'
;SYELTQPPSVSVAPGQTATITCGGNNIGLKTVHWCQQKPGQAPVVVVYDNNDRPSGIPERFSGSNSWNTATLTITGVEAG
DEADYYCQVWDSGSHQVVFGGGTKLTFL
;
B
3 'polypeptide(L)'
;DPGDTLCIGYHANNSTDTVDTVLEKNVTVTHSVNLLEDKHNGKLCKLRGVAPLHLGKCNIAGWILGNPECESLSTASSWS
YIVETPSSDNGTCYPGDFIDYEELREQLSSVSSFERFEIFPKTSSWPNHDSNKGVTAACPHAGAKSFYKNLIWLVKKGNS
YPKLSKSYINDKGKEVLVLWGIHHPSTSADQQSLYQNADTYVFVGSSRYSKKFKPEIAIRPKVRDQEGRMNYYWTLVEPG
DKITFEATGNLVVPRYAFAMERNAGSGIIISDTPVHDCNTTCQTPKGAINTSLPFQNIHPITIGKCPKYVKSTKLRLATG
LRNIPS
;
C,D,E
4 'polypeptide(L)'
;GLFGAIAGFIEGGWTGMVDGWYGYHHQNEQGSGYAADLKSTQNAIDKITNKVNSVIEKMNTQFTAVGKEFNHLEKRIENL
NKKVDDGFLDIWTYNAELLVLLENERTLDYHDSNVKNLYEKVRSQLKNNAKEIGNGCFEFYHKCDNTCMESVKNGTYDYP
KYSEEAKLNRE
;
F,G,H
#
loop_
_chem_comp.id
_chem_comp.type
_chem_comp.name
_chem_comp.formula
NAG D-saccharide, beta linking 2-acetamido-2-deoxy-beta-D-glucopyranose 'C8 H15 N O6'
#
# COMPACT_ATOMS: atom_id res chain seq x y z
N GLU A 1 -47.07 15.68 43.05
CA GLU A 1 -46.26 16.55 42.20
C GLU A 1 -44.94 16.90 42.88
N VAL A 2 -44.01 17.45 42.10
CA VAL A 2 -42.70 17.81 42.63
C VAL A 2 -42.84 19.03 43.54
N GLN A 3 -42.55 18.84 44.83
CA GLN A 3 -42.74 19.88 45.84
C GLN A 3 -41.49 19.99 46.70
N LEU A 4 -40.58 20.89 46.31
CA LEU A 4 -39.41 21.18 47.12
C LEU A 4 -39.81 21.99 48.35
N LEU A 5 -39.20 21.66 49.49
CA LEU A 5 -39.57 22.24 50.78
C LEU A 5 -38.35 22.91 51.40
N GLU A 6 -38.60 23.80 52.36
CA GLU A 6 -37.56 24.61 52.98
C GLU A 6 -37.52 24.42 54.48
N SER A 7 -36.34 24.62 55.06
CA SER A 7 -36.16 24.73 56.50
C SER A 7 -34.89 25.53 56.75
N GLY A 8 -34.97 26.54 57.61
CA GLY A 8 -33.83 27.38 57.88
C GLY A 8 -33.72 27.89 59.30
N GLY A 9 -33.04 29.01 59.48
CA GLY A 9 -32.86 29.58 60.80
C GLY A 9 -33.20 31.06 60.81
N GLY A 10 -33.65 31.52 61.97
CA GLY A 10 -34.12 32.89 62.10
C GLY A 10 -33.04 33.94 62.19
N LEU A 11 -32.21 33.89 63.23
CA LEU A 11 -31.19 34.90 63.44
C LEU A 11 -30.05 34.28 64.24
N VAL A 12 -28.83 34.41 63.72
CA VAL A 12 -27.63 33.93 64.39
C VAL A 12 -26.54 34.98 64.22
N GLN A 13 -25.86 35.32 65.32
CA GLN A 13 -24.79 36.31 65.29
C GLN A 13 -23.60 35.79 64.49
N PRO A 14 -22.74 36.69 63.98
CA PRO A 14 -21.53 36.22 63.28
C PRO A 14 -20.57 35.52 64.22
N GLY A 15 -20.42 34.21 64.03
CA GLY A 15 -19.65 33.38 64.93
C GLY A 15 -20.49 32.26 65.51
N GLY A 16 -21.62 31.97 64.86
CA GLY A 16 -22.50 30.90 65.28
C GLY A 16 -22.78 29.90 64.18
N SER A 17 -23.91 29.21 64.25
CA SER A 17 -24.25 28.21 63.24
C SER A 17 -25.76 27.99 63.21
N LEU A 18 -26.23 27.47 62.08
CA LEU A 18 -27.63 27.10 61.89
C LEU A 18 -27.71 26.15 60.71
N ARG A 19 -28.86 25.48 60.59
CA ARG A 19 -29.02 24.34 59.69
C ARG A 19 -30.09 24.63 58.64
N LEU A 20 -29.76 24.35 57.39
CA LEU A 20 -30.71 24.43 56.27
C LEU A 20 -30.96 23.05 55.70
N SER A 21 -32.20 22.79 55.29
CA SER A 21 -32.54 21.54 54.63
C SER A 21 -33.56 21.78 53.54
N CYS A 22 -33.61 20.85 52.58
CA CYS A 22 -34.52 20.89 51.44
C CYS A 22 -35.15 19.51 51.31
N ALA A 23 -36.29 19.32 51.97
CA ALA A 23 -36.96 18.01 52.02
C ALA A 23 -37.85 17.85 50.78
N ALA A 24 -37.22 17.43 49.69
CA ALA A 24 -37.93 17.24 48.43
C ALA A 24 -38.84 16.01 48.49
N SER A 25 -39.95 16.08 47.76
CA SER A 25 -40.88 14.97 47.67
C SER A 25 -41.61 15.04 46.34
N GLY A 26 -42.20 13.92 45.95
CA GLY A 26 -43.04 13.85 44.77
C GLY A 26 -42.36 13.41 43.49
N PHE A 27 -41.11 12.96 43.55
CA PHE A 27 -40.38 12.57 42.35
C PHE A 27 -39.24 11.65 42.77
N THR A 28 -38.53 11.12 41.76
CA THR A 28 -37.33 10.34 42.03
C THR A 28 -36.21 11.29 42.42
N PHE A 29 -35.81 11.25 43.69
CA PHE A 29 -34.92 12.25 44.25
C PHE A 29 -33.46 11.97 43.98
N THR A 30 -33.08 10.70 43.86
CA THR A 30 -31.68 10.33 43.72
C THR A 30 -31.08 10.84 42.42
N HIS A 31 -31.89 11.10 41.40
CA HIS A 31 -31.39 11.28 40.04
C HIS A 31 -31.56 12.71 39.53
N PHE A 32 -31.75 13.69 40.43
CA PHE A 32 -31.79 15.10 40.06
C PHE A 32 -30.89 15.88 40.99
N ALA A 33 -30.07 16.77 40.42
CA ALA A 33 -29.04 17.49 41.17
C ALA A 33 -29.65 18.72 41.83
N MET A 34 -29.67 18.73 43.15
CA MET A 34 -30.28 19.82 43.92
C MET A 34 -29.31 21.01 44.02
N THR A 35 -29.88 22.18 44.27
CA THR A 35 -29.12 23.43 44.35
C THR A 35 -29.53 24.24 45.58
N TRP A 36 -28.93 25.41 45.72
CA TRP A 36 -29.30 26.42 46.71
C TRP A 36 -29.00 27.78 46.10
N VAL A 37 -29.99 28.67 46.11
CA VAL A 37 -29.85 30.03 45.60
C VAL A 37 -30.48 30.97 46.62
N ARG A 38 -29.92 32.17 46.76
CA ARG A 38 -30.44 33.15 47.70
C ARG A 38 -30.53 34.50 47.02
N GLN A 39 -31.22 35.44 47.67
CA GLN A 39 -31.25 36.83 47.21
C GLN A 39 -31.38 37.77 48.40
N ALA A 40 -30.65 38.88 48.35
CA ALA A 40 -30.87 39.96 49.28
C ALA A 40 -32.26 40.57 49.06
N PRO A 41 -32.84 41.20 50.08
CA PRO A 41 -34.20 41.77 49.93
C PRO A 41 -34.23 43.03 49.07
N GLY A 42 -34.24 42.86 47.75
CA GLY A 42 -34.26 43.97 46.83
C GLY A 42 -33.12 43.94 45.85
N LYS A 43 -32.34 42.85 45.88
CA LYS A 43 -31.19 42.67 45.01
C LYS A 43 -31.41 41.45 44.14
N GLY A 44 -30.60 41.34 43.08
CA GLY A 44 -30.69 40.22 42.18
C GLY A 44 -30.28 38.91 42.83
N LEU A 45 -30.74 37.81 42.23
CA LEU A 45 -30.43 36.48 42.71
C LEU A 45 -28.92 36.21 42.66
N GLU A 46 -28.47 35.33 43.55
CA GLU A 46 -27.08 34.90 43.57
C GLU A 46 -27.04 33.47 44.11
N TRP A 47 -26.18 32.65 43.51
CA TRP A 47 -26.17 31.22 43.75
C TRP A 47 -25.24 30.85 44.91
N VAL A 48 -25.66 29.85 45.69
CA VAL A 48 -24.91 29.40 46.86
C VAL A 48 -24.06 28.18 46.55
N SER A 49 -24.72 27.07 46.19
CA SER A 49 -24.01 25.81 45.97
C SER A 49 -24.95 24.80 45.31
N THR A 50 -24.42 24.00 44.39
CA THR A 50 -25.10 22.84 43.85
C THR A 50 -24.54 21.57 44.49
N ILE A 51 -25.24 20.47 44.27
CA ILE A 51 -24.80 19.16 44.70
C ILE A 51 -25.05 18.18 43.55
N ASP A 52 -24.37 17.04 43.59
CA ASP A 52 -24.57 16.00 42.60
C ASP A 52 -25.60 15.00 43.10
N GLY A 53 -26.28 14.36 42.14
CA GLY A 53 -27.33 13.41 42.51
C GLY A 53 -26.81 12.21 43.25
N SER A 54 -25.61 11.74 42.89
CA SER A 54 -24.98 10.64 43.61
C SER A 54 -24.54 11.02 45.01
N GLY A 55 -24.54 12.31 45.34
CA GLY A 55 -24.04 12.76 46.63
C GLY A 55 -22.54 12.92 46.70
N GLY A 56 -21.85 12.96 45.56
CA GLY A 56 -20.41 13.02 45.54
C GLY A 56 -19.88 14.41 45.24
N GLY A 57 -19.46 14.64 44.00
CA GLY A 57 -18.90 15.91 43.57
C GLY A 57 -19.77 17.12 43.84
N THR A 58 -19.28 18.01 44.70
CA THR A 58 -20.03 19.18 45.13
C THR A 58 -19.40 20.45 44.54
N TYR A 59 -20.26 21.41 44.23
CA TYR A 59 -19.85 22.68 43.64
C TYR A 59 -20.45 23.81 44.44
N SER A 60 -19.70 24.88 44.63
CA SER A 60 -20.16 25.98 45.46
C SER A 60 -19.58 27.28 44.90
N ALA A 61 -20.14 28.40 45.37
CA ALA A 61 -19.81 29.72 44.85
C ALA A 61 -18.47 30.20 45.40
N ASP A 62 -18.13 31.46 45.13
CA ASP A 62 -16.87 32.04 45.56
C ASP A 62 -16.97 32.82 46.86
N PHE A 63 -18.18 33.23 47.27
CA PHE A 63 -18.33 33.97 48.51
C PHE A 63 -18.19 33.08 49.73
N VAL A 64 -18.27 31.76 49.56
CA VAL A 64 -18.27 30.87 50.71
C VAL A 64 -16.90 30.81 51.37
N LYS A 65 -15.83 30.82 50.55
CA LYS A 65 -14.44 30.70 51.01
C LYS A 65 -14.24 29.44 51.85
N GLY A 66 -14.93 28.37 51.47
CA GLY A 66 -14.79 27.08 52.11
C GLY A 66 -15.66 26.85 53.33
N ARG A 67 -16.39 27.87 53.79
CA ARG A 67 -17.21 27.71 54.99
C ARG A 67 -18.47 26.90 54.72
N PHE A 68 -19.11 27.13 53.58
CA PHE A 68 -20.43 26.56 53.30
C PHE A 68 -20.24 25.29 52.46
N THR A 69 -20.79 24.18 52.95
CA THR A 69 -20.63 22.88 52.30
C THR A 69 -21.98 22.19 52.27
N VAL A 70 -22.54 22.03 51.08
CA VAL A 70 -23.80 21.32 50.90
C VAL A 70 -23.54 19.82 50.91
N SER A 71 -24.41 19.07 51.58
CA SER A 71 -24.30 17.63 51.68
C SER A 71 -25.63 16.99 51.30
N ARG A 72 -25.56 15.87 50.59
CA ARG A 72 -26.73 15.23 50.00
C ARG A 72 -26.99 13.89 50.69
N ASP A 73 -28.24 13.64 51.05
CA ASP A 73 -28.67 12.38 51.64
C ASP A 73 -29.77 11.81 50.75
N ASN A 74 -29.43 10.78 49.97
CA ASN A 74 -30.37 10.20 49.01
C ASN A 74 -31.40 9.30 49.68
N SER A 75 -31.07 8.71 50.84
CA SER A 75 -31.91 7.68 51.43
C SER A 75 -33.23 8.25 51.93
N LYS A 76 -33.18 9.36 52.65
CA LYS A 76 -34.36 9.96 53.25
C LYS A 76 -35.01 11.01 52.37
N ASN A 77 -34.48 11.22 51.15
CA ASN A 77 -35.00 12.21 50.20
C ASN A 77 -35.00 13.61 50.80
N THR A 78 -33.83 14.03 51.29
CA THR A 78 -33.72 15.35 51.93
C THR A 78 -32.28 15.84 51.76
N LEU A 79 -32.13 17.09 51.37
CA LEU A 79 -30.84 17.72 51.16
C LEU A 79 -30.46 18.57 52.38
N PHE A 80 -29.17 18.62 52.69
CA PHE A 80 -28.64 19.34 53.83
C PHE A 80 -27.69 20.44 53.38
N LEU A 81 -27.58 21.50 54.18
CA LEU A 81 -26.68 22.62 53.88
C LEU A 81 -26.04 23.14 55.16
N GLN A 82 -24.74 23.43 55.08
CA GLN A 82 -23.97 23.95 56.21
C GLN A 82 -23.94 25.47 56.19
N MET A 83 -24.67 26.08 57.11
CA MET A 83 -24.52 27.49 57.48
C MET A 83 -23.75 27.57 58.79
N ASN A 84 -22.42 27.60 58.68
CA ASN A 84 -21.57 27.97 59.81
C ASN A 84 -21.34 29.47 59.71
N SER A 85 -22.22 30.22 60.35
CA SER A 85 -22.25 31.68 60.20
C SER A 85 -21.00 32.29 60.81
N LEU A 86 -20.15 32.87 59.95
CA LEU A 86 -18.99 33.63 60.40
C LEU A 86 -18.98 35.07 59.89
N ARG A 87 -19.92 35.46 59.02
CA ARG A 87 -19.94 36.79 58.45
C ARG A 87 -21.37 37.31 58.46
N ALA A 88 -21.51 38.63 58.57
CA ALA A 88 -22.80 39.28 58.80
C ALA A 88 -23.50 39.71 57.52
N GLU A 89 -22.90 39.51 56.35
CA GLU A 89 -23.52 39.93 55.10
C GLU A 89 -24.50 38.92 54.55
N ASP A 90 -24.58 37.72 55.15
CA ASP A 90 -25.42 36.65 54.63
C ASP A 90 -26.85 36.77 55.18
N THR A 91 -27.53 37.81 54.71
CA THR A 91 -28.96 37.99 54.97
C THR A 91 -29.71 37.88 53.64
N ALA A 92 -30.69 36.98 53.59
CA ALA A 92 -31.31 36.59 52.33
C ALA A 92 -32.48 35.66 52.60
N LEU A 93 -33.24 35.41 51.54
CA LEU A 93 -34.23 34.34 51.51
C LEU A 93 -33.60 33.15 50.80
N TYR A 94 -33.58 32.00 51.48
CA TYR A 94 -32.85 30.84 50.99
C TYR A 94 -33.81 29.90 50.26
N TYR A 95 -33.53 29.69 48.98
CA TYR A 95 -34.33 28.86 48.08
C TYR A 95 -33.51 27.61 47.72
N CYS A 96 -34.16 26.46 47.69
CA CYS A 96 -33.56 25.27 47.09
C CYS A 96 -34.28 24.97 45.79
N ALA A 97 -33.53 24.74 44.73
CA ALA A 97 -34.09 24.50 43.41
C ALA A 97 -33.61 23.16 42.87
N LYS A 98 -34.42 22.59 41.98
CA LYS A 98 -34.14 21.30 41.36
C LYS A 98 -33.66 21.52 39.94
N VAL A 99 -32.56 20.88 39.58
CA VAL A 99 -32.06 20.97 38.21
C VAL A 99 -32.80 19.94 37.36
N SER A 100 -33.58 20.42 36.39
CA SER A 100 -34.21 19.54 35.43
C SER A 100 -33.15 18.97 34.50
N PRO A 101 -33.43 17.85 33.84
CA PRO A 101 -32.44 17.27 32.91
C PRO A 101 -32.04 18.26 31.83
N GLY A 102 -30.73 18.31 31.57
CA GLY A 102 -30.16 19.28 30.67
C GLY A 102 -30.21 18.81 29.23
N MET A 103 -29.45 19.50 28.40
CA MET A 103 -29.46 19.28 26.95
C MET A 103 -28.03 19.07 26.46
N VAL A 104 -27.67 17.79 26.29
CA VAL A 104 -26.38 17.30 25.83
C VAL A 104 -25.26 17.63 26.82
N ASP A 105 -24.90 18.90 26.91
CA ASP A 105 -23.76 19.33 27.70
C ASP A 105 -24.20 19.63 29.12
N ASP A 106 -23.42 19.13 30.09
CA ASP A 106 -23.72 19.26 31.51
C ASP A 106 -25.17 18.89 31.83
N PRO A 107 -25.57 17.63 31.60
CA PRO A 107 -26.99 17.26 31.75
C PRO A 107 -27.49 17.34 33.16
N HIS A 108 -26.75 16.73 34.09
CA HIS A 108 -27.23 16.61 35.45
C HIS A 108 -27.22 17.95 36.18
N LEU A 109 -26.34 18.86 35.79
CA LEU A 109 -26.11 20.10 36.53
C LEU A 109 -26.57 21.35 35.81
N GLY A 110 -26.31 21.45 34.51
CA GLY A 110 -26.70 22.61 33.73
C GLY A 110 -28.09 22.49 33.15
N GLY A 111 -29.10 22.49 34.03
CA GLY A 111 -30.48 22.41 33.59
C GLY A 111 -31.32 23.45 34.28
N ALA A 112 -32.46 23.75 33.66
CA ALA A 112 -33.34 24.79 34.18
C ALA A 112 -33.90 24.42 35.53
N PHE A 113 -34.08 25.45 36.36
CA PHE A 113 -34.65 25.26 37.70
C PHE A 113 -36.16 25.35 37.55
N HIS A 114 -36.74 24.27 37.01
CA HIS A 114 -38.18 24.28 36.74
C HIS A 114 -39.00 24.35 38.02
N ILE A 115 -38.58 23.62 39.06
CA ILE A 115 -39.29 23.61 40.34
C ILE A 115 -38.45 24.42 41.33
N TRP A 116 -38.91 25.61 41.66
CA TRP A 116 -38.23 26.50 42.58
C TRP A 116 -38.87 26.38 43.95
N GLY A 117 -38.09 26.07 44.96
CA GLY A 117 -38.58 26.06 46.32
C GLY A 117 -38.90 27.46 46.80
N GLN A 118 -39.57 27.54 47.94
CA GLN A 118 -39.92 28.82 48.54
C GLN A 118 -38.71 29.37 49.27
N GLY A 119 -38.89 30.43 50.06
CA GLY A 119 -37.77 31.06 50.70
C GLY A 119 -37.91 31.23 52.21
N THR A 120 -36.95 30.69 52.96
CA THR A 120 -36.89 30.84 54.40
C THR A 120 -35.89 31.94 54.74
N MET A 121 -36.35 32.96 55.47
CA MET A 121 -35.49 34.08 55.85
C MET A 121 -34.38 33.62 56.78
N VAL A 122 -33.14 33.96 56.44
CA VAL A 122 -31.99 33.75 57.30
C VAL A 122 -31.22 35.06 57.37
N THR A 123 -31.26 35.71 58.53
CA THR A 123 -30.61 37.00 58.74
C THR A 123 -29.51 36.84 59.77
N VAL A 124 -28.31 37.34 59.45
CA VAL A 124 -27.19 37.35 60.37
C VAL A 124 -26.73 38.79 60.55
N SER A 125 -26.55 39.18 61.81
CA SER A 125 -26.17 40.54 62.19
C SER A 125 -25.87 40.54 63.69
N SER A 126 -25.08 41.50 64.12
CA SER A 126 -24.76 41.66 65.54
C SER A 126 -26.00 42.14 66.30
N SER B 1 -15.09 35.18 37.57
CA SER B 1 -14.55 35.02 36.22
C SER B 1 -15.59 35.39 35.18
N TYR B 2 -16.54 34.48 34.94
CA TYR B 2 -17.58 34.72 33.95
C TYR B 2 -18.54 35.78 34.47
N GLU B 3 -18.86 36.76 33.62
CA GLU B 3 -19.61 37.94 34.03
C GLU B 3 -20.89 38.05 33.21
N LEU B 4 -22.00 38.34 33.89
CA LEU B 4 -23.28 38.64 33.26
C LEU B 4 -23.68 40.07 33.59
N THR B 5 -23.94 40.87 32.57
CA THR B 5 -24.39 42.24 32.76
C THR B 5 -25.68 42.49 31.98
N GLN B 6 -26.66 43.08 32.65
CA GLN B 6 -27.95 43.40 32.06
C GLN B 6 -28.31 44.85 32.36
N PRO B 7 -29.15 45.46 31.52
CA PRO B 7 -29.66 46.80 31.83
C PRO B 7 -30.39 46.82 33.16
N PRO B 8 -30.19 47.86 33.98
CA PRO B 8 -30.97 47.96 35.22
C PRO B 8 -32.47 48.07 34.99
N SER B 9 -32.88 48.70 33.89
CA SER B 9 -34.28 48.81 33.53
C SER B 9 -34.39 48.96 32.02
N VAL B 10 -35.49 48.49 31.46
CA VAL B 10 -35.77 48.58 30.04
C VAL B 10 -37.13 49.23 29.86
N SER B 11 -37.19 50.29 29.06
CA SER B 11 -38.43 51.00 28.81
C SER B 11 -39.15 50.42 27.59
N VAL B 12 -40.47 50.37 27.67
CA VAL B 12 -41.29 49.81 26.59
C VAL B 12 -42.68 50.40 26.71
N ALA B 13 -43.34 50.57 25.54
CA ALA B 13 -44.72 51.03 25.43
C ALA B 13 -45.67 49.83 25.39
N PRO B 14 -46.88 49.97 25.92
CA PRO B 14 -47.81 48.83 25.97
C PRO B 14 -48.17 48.33 24.58
N GLY B 15 -48.01 47.02 24.38
CA GLY B 15 -48.25 46.39 23.10
C GLY B 15 -47.07 46.40 22.15
N GLN B 16 -45.98 47.04 22.51
CA GLN B 16 -44.79 47.10 21.67
C GLN B 16 -43.81 46.01 22.10
N THR B 17 -43.00 45.55 21.15
CA THR B 17 -42.04 44.48 21.39
C THR B 17 -41.05 44.88 22.47
N ALA B 18 -40.95 44.05 23.52
CA ALA B 18 -40.07 44.30 24.65
C ALA B 18 -38.89 43.33 24.58
N THR B 19 -37.68 43.87 24.55
CA THR B 19 -36.46 43.08 24.46
C THR B 19 -35.69 43.18 25.78
N ILE B 20 -35.40 42.04 26.37
CA ILE B 20 -34.62 41.94 27.61
C ILE B 20 -33.32 41.24 27.28
N THR B 21 -32.20 41.84 27.70
CA THR B 21 -30.88 41.36 27.29
C THR B 21 -30.06 40.97 28.50
N CYS B 22 -29.41 39.81 28.42
CA CYS B 22 -28.45 39.32 29.40
C CYS B 22 -27.11 39.18 28.68
N GLY B 23 -26.34 40.26 28.66
CA GLY B 23 -25.06 40.28 28.00
C GLY B 23 -23.96 39.64 28.82
N GLY B 24 -22.78 39.59 28.23
CA GLY B 24 -21.62 39.03 28.90
C GLY B 24 -20.61 38.54 27.87
N ASN B 25 -20.00 37.40 28.19
CA ASN B 25 -18.99 36.76 27.36
C ASN B 25 -19.75 35.98 26.29
N ASN B 26 -19.12 35.01 25.63
CA ASN B 26 -19.75 34.22 24.56
C ASN B 26 -20.77 33.23 25.13
N ILE B 27 -21.95 33.77 25.43
CA ILE B 27 -23.04 33.00 26.03
C ILE B 27 -23.75 32.12 25.02
N GLY B 28 -23.39 32.21 23.74
CA GLY B 28 -23.97 31.32 22.75
C GLY B 28 -23.67 29.86 23.01
N LEU B 29 -22.44 29.56 23.41
CA LEU B 29 -22.06 28.19 23.74
C LEU B 29 -22.41 27.85 25.18
N LYS B 30 -23.66 28.12 25.55
CA LYS B 30 -24.04 28.07 26.96
C LYS B 30 -25.55 28.17 27.04
N THR B 31 -26.16 27.34 27.87
CA THR B 31 -27.61 27.29 27.95
C THR B 31 -28.11 28.39 28.87
N VAL B 32 -28.99 29.24 28.37
CA VAL B 32 -29.58 30.33 29.14
C VAL B 32 -30.98 29.90 29.55
N HIS B 33 -31.27 29.97 30.85
CA HIS B 33 -32.55 29.56 31.40
C HIS B 33 -33.22 30.81 31.96
N TRP B 34 -33.97 31.50 31.12
CA TRP B 34 -34.64 32.73 31.51
C TRP B 34 -35.73 32.45 32.52
N CYS B 35 -35.91 33.38 33.47
CA CYS B 35 -36.91 33.21 34.51
C CYS B 35 -37.24 34.57 35.10
N GLN B 36 -38.54 34.88 35.17
CA GLN B 36 -39.00 36.14 35.73
C GLN B 36 -39.39 35.96 37.19
N GLN B 37 -39.36 37.07 37.92
CA GLN B 37 -39.74 37.08 39.33
C GLN B 37 -40.65 38.27 39.61
N LYS B 38 -41.91 37.98 39.92
CA LYS B 38 -42.80 38.99 40.47
C LYS B 38 -42.47 39.21 41.94
N PRO B 39 -42.80 40.38 42.48
CA PRO B 39 -42.58 40.61 43.92
C PRO B 39 -43.36 39.63 44.78
N GLY B 40 -42.65 39.00 45.72
CA GLY B 40 -43.26 37.98 46.55
C GLY B 40 -43.42 36.63 45.88
N GLN B 41 -42.68 36.38 44.80
CA GLN B 41 -42.78 35.14 44.04
C GLN B 41 -41.40 34.52 43.88
N ALA B 42 -41.40 33.27 43.39
CA ALA B 42 -40.29 32.41 43.01
C ALA B 42 -40.07 32.47 41.50
N PRO B 43 -38.82 32.30 41.04
CA PRO B 43 -38.54 32.38 39.60
C PRO B 43 -39.29 31.32 38.80
N VAL B 44 -40.17 31.77 37.91
CA VAL B 44 -40.85 30.89 36.99
C VAL B 44 -40.15 30.97 35.64
N VAL B 45 -39.75 29.81 35.12
CA VAL B 45 -38.94 29.76 33.91
C VAL B 45 -39.84 29.99 32.70
N VAL B 46 -39.42 30.91 31.83
CA VAL B 46 -40.18 31.21 30.63
C VAL B 46 -39.51 30.72 29.36
N VAL B 47 -38.18 30.63 29.34
CA VAL B 47 -37.45 29.98 28.25
C VAL B 47 -36.33 29.15 28.87
N TYR B 48 -36.51 27.83 28.92
CA TYR B 48 -35.60 26.96 29.65
C TYR B 48 -34.38 26.53 28.85
N ASP B 49 -34.08 27.23 27.76
CA ASP B 49 -32.94 26.88 26.91
C ASP B 49 -32.67 28.02 25.93
N ASN B 50 -31.88 27.72 24.90
CA ASN B 50 -31.67 28.65 23.79
C ASN B 50 -33.00 29.15 23.23
N ASN B 51 -33.83 28.23 22.73
CA ASN B 51 -35.15 28.61 22.20
C ASN B 51 -36.13 27.45 22.34
N ASP B 52 -36.91 27.45 23.42
CA ASP B 52 -38.03 26.55 23.65
C ASP B 52 -38.72 27.03 24.92
N ARG B 53 -40.03 26.85 25.00
CA ARG B 53 -40.89 27.42 26.02
C ARG B 53 -41.63 26.30 26.77
N PRO B 54 -41.83 26.43 28.08
CA PRO B 54 -42.57 25.42 28.82
C PRO B 54 -44.08 25.56 28.64
N SER B 55 -44.79 24.51 29.03
CA SER B 55 -46.24 24.51 28.97
C SER B 55 -46.81 25.32 30.12
N GLY B 56 -48.01 25.86 29.91
CA GLY B 56 -48.63 26.74 30.87
C GLY B 56 -48.14 28.16 30.84
N ILE B 57 -47.23 28.49 29.92
CA ILE B 57 -46.64 29.81 29.79
C ILE B 57 -47.00 30.35 28.41
N PRO B 58 -47.49 31.58 28.31
CA PRO B 58 -48.01 32.07 27.02
C PRO B 58 -46.92 32.19 25.96
N GLU B 59 -47.37 32.07 24.69
CA GLU B 59 -46.47 31.87 23.56
C GLU B 59 -45.54 33.05 23.32
N ARG B 60 -45.95 34.25 23.73
CA ARG B 60 -45.19 35.47 23.41
C ARG B 60 -43.79 35.47 24.01
N PHE B 61 -43.57 34.75 25.10
CA PHE B 61 -42.23 34.65 25.69
C PHE B 61 -41.35 33.81 24.78
N SER B 62 -40.28 34.41 24.28
CA SER B 62 -39.36 33.73 23.38
C SER B 62 -37.94 34.12 23.75
N GLY B 63 -36.99 33.29 23.32
CA GLY B 63 -35.59 33.55 23.61
C GLY B 63 -34.73 33.13 22.45
N SER B 64 -33.64 33.87 22.24
CA SER B 64 -32.71 33.57 21.15
C SER B 64 -31.31 33.97 21.61
N ASN B 65 -30.54 32.98 22.05
CA ASN B 65 -29.15 33.23 22.42
C ASN B 65 -28.34 33.54 21.17
N SER B 66 -27.30 34.36 21.34
CA SER B 66 -26.55 34.92 20.22
C SER B 66 -25.08 34.87 20.58
N TRP B 67 -24.26 35.58 19.79
CA TRP B 67 -22.80 35.49 19.91
C TRP B 67 -22.33 35.86 21.32
N ASN B 68 -22.86 36.95 21.88
CA ASN B 68 -22.46 37.40 23.20
C ASN B 68 -23.62 37.68 24.16
N THR B 69 -24.84 37.87 23.66
CA THR B 69 -25.96 38.28 24.50
C THR B 69 -27.13 37.32 24.32
N ALA B 70 -27.83 37.04 25.41
CA ALA B 70 -29.12 36.37 25.36
C ALA B 70 -30.22 37.42 25.29
N THR B 71 -31.27 37.12 24.53
CA THR B 71 -32.37 38.06 24.32
C THR B 71 -33.69 37.35 24.57
N LEU B 72 -34.34 37.67 25.69
CA LEU B 72 -35.70 37.24 25.98
C LEU B 72 -36.64 38.17 25.21
N THR B 73 -36.74 37.92 23.90
CA THR B 73 -37.47 38.79 22.98
C THR B 73 -38.98 38.54 23.09
N ILE B 74 -39.60 39.23 24.04
CA ILE B 74 -41.04 39.18 24.20
C ILE B 74 -41.69 39.95 23.05
N THR B 75 -42.54 39.27 22.27
CA THR B 75 -43.27 39.90 21.17
C THR B 75 -44.60 40.39 21.71
N GLY B 76 -44.55 41.54 22.40
CA GLY B 76 -45.75 42.14 22.95
C GLY B 76 -45.80 42.14 24.46
N VAL B 77 -45.69 43.33 25.07
CA VAL B 77 -45.71 43.48 26.52
C VAL B 77 -47.12 43.84 26.98
N GLU B 78 -47.53 43.28 28.13
CA GLU B 78 -48.78 43.66 28.78
C GLU B 78 -48.58 43.88 30.27
N ALA B 79 -49.71 44.03 30.99
CA ALA B 79 -49.66 44.39 32.41
C ALA B 79 -49.00 43.32 33.26
N GLY B 80 -49.04 42.06 32.82
CA GLY B 80 -48.43 40.99 33.57
C GLY B 80 -46.97 40.75 33.26
N ASP B 81 -46.31 41.68 32.58
CA ASP B 81 -44.91 41.54 32.19
C ASP B 81 -44.00 42.52 32.91
N GLU B 82 -44.46 43.12 34.01
CA GLU B 82 -43.63 44.02 34.82
C GLU B 82 -43.06 43.22 35.99
N ALA B 83 -41.76 42.96 35.93
CA ALA B 83 -41.07 42.14 36.92
C ALA B 83 -39.56 42.33 36.73
N ASP B 84 -38.78 41.57 37.48
CA ASP B 84 -37.33 41.51 37.31
C ASP B 84 -36.98 40.21 36.61
N TYR B 85 -36.32 40.31 35.46
CA TYR B 85 -36.06 39.16 34.60
C TYR B 85 -34.61 38.73 34.77
N TYR B 86 -34.39 37.64 35.47
CA TYR B 86 -33.05 37.10 35.68
C TYR B 86 -32.68 36.13 34.56
N CYS B 87 -31.38 35.97 34.38
CA CYS B 87 -30.82 34.98 33.45
C CYS B 87 -29.91 34.06 34.23
N GLN B 88 -30.09 32.75 34.05
CA GLN B 88 -29.35 31.74 34.80
C GLN B 88 -28.60 30.86 33.82
N VAL B 89 -27.28 30.77 33.98
CA VAL B 89 -26.43 29.95 33.14
C VAL B 89 -25.47 29.16 34.02
N TRP B 90 -25.21 27.91 33.63
CA TRP B 90 -24.22 27.08 34.31
C TRP B 90 -22.89 27.23 33.58
N ASP B 91 -21.92 27.82 34.24
CA ASP B 91 -20.61 28.07 33.64
C ASP B 91 -19.83 26.76 33.63
N SER B 92 -19.47 26.29 32.44
CA SER B 92 -18.75 25.02 32.33
C SER B 92 -17.30 25.14 32.79
N GLY B 93 -16.66 26.28 32.54
CA GLY B 93 -15.24 26.40 32.81
C GLY B 93 -14.91 26.32 34.29
N SER B 94 -15.69 27.01 35.13
CA SER B 94 -15.41 27.08 36.56
C SER B 94 -16.45 26.34 37.40
N HIS B 95 -17.41 25.67 36.77
CA HIS B 95 -18.43 24.87 37.45
C HIS B 95 -19.22 25.70 38.46
N GLN B 96 -19.90 26.72 37.94
CA GLN B 96 -20.65 27.67 38.75
C GLN B 96 -22.04 27.89 38.16
N VAL B 97 -22.92 28.44 38.99
CA VAL B 97 -24.19 29.01 38.53
C VAL B 97 -24.13 30.51 38.79
N VAL B 98 -24.33 31.31 37.75
CA VAL B 98 -24.27 32.75 37.90
C VAL B 98 -25.57 33.37 37.37
N PHE B 99 -26.23 34.13 38.23
CA PHE B 99 -27.42 34.90 37.86
C PHE B 99 -26.99 36.28 37.38
N GLY B 100 -27.97 37.18 37.24
CA GLY B 100 -27.67 38.56 36.91
C GLY B 100 -28.51 39.50 37.76
N GLY B 101 -28.16 40.78 37.69
CA GLY B 101 -28.95 41.78 38.38
C GLY B 101 -30.38 41.87 37.89
N GLY B 102 -30.61 41.49 36.64
CA GLY B 102 -31.94 41.47 36.06
C GLY B 102 -32.37 42.82 35.54
N THR B 103 -33.42 42.79 34.74
CA THR B 103 -34.01 44.00 34.17
C THR B 103 -35.35 44.23 34.83
N LYS B 104 -35.51 45.40 35.45
CA LYS B 104 -36.79 45.79 36.05
C LYS B 104 -37.51 46.64 35.00
N LEU B 105 -38.06 45.95 34.00
CA LEU B 105 -38.71 46.64 32.90
C LEU B 105 -40.09 47.12 33.33
N THR B 106 -40.48 48.28 32.81
CA THR B 106 -41.78 48.87 33.07
C THR B 106 -42.48 49.10 31.74
N PHE B 107 -43.75 48.68 31.64
CA PHE B 107 -44.52 48.91 30.43
C PHE B 107 -45.07 50.33 30.36
N LEU B 108 -44.95 51.11 31.44
CA LEU B 108 -45.37 52.51 31.49
C LEU B 108 -46.84 52.70 31.14
N GLY C 3 36.57 18.62 -58.01
CA GLY C 3 35.83 17.50 -57.48
C GLY C 3 34.56 17.89 -56.78
N ASP C 4 33.52 17.07 -56.91
CA ASP C 4 32.23 17.32 -56.29
C ASP C 4 32.07 16.49 -55.03
N THR C 5 31.06 16.81 -54.24
CA THR C 5 30.96 16.30 -52.88
C THR C 5 29.54 15.84 -52.59
N LEU C 6 29.40 14.73 -51.86
CA LEU C 6 28.11 14.16 -51.51
C LEU C 6 28.13 13.68 -50.05
N CYS C 7 28.55 14.56 -49.13
CA CYS C 7 28.64 14.20 -47.72
C CYS C 7 27.30 13.72 -47.16
N ILE C 8 27.34 12.64 -46.39
CA ILE C 8 26.20 12.17 -45.62
C ILE C 8 26.42 12.56 -44.16
N GLY C 9 25.55 13.42 -43.65
CA GLY C 9 25.63 13.84 -42.27
C GLY C 9 24.26 13.99 -41.65
N TYR C 10 24.26 14.24 -40.34
CA TYR C 10 23.06 14.52 -39.58
C TYR C 10 22.96 16.01 -39.29
N HIS C 11 21.76 16.45 -38.94
CA HIS C 11 21.55 17.86 -38.72
C HIS C 11 21.82 18.21 -37.26
N ALA C 12 22.12 19.48 -37.03
CA ALA C 12 22.32 20.03 -35.69
C ALA C 12 21.57 21.35 -35.61
N ASN C 13 21.27 21.76 -34.38
CA ASN C 13 20.52 22.98 -34.15
C ASN C 13 21.04 23.62 -32.86
N ASN C 14 20.36 24.68 -32.42
CA ASN C 14 20.71 25.40 -31.21
C ASN C 14 20.07 24.79 -29.97
N SER C 15 19.41 23.64 -30.10
CA SER C 15 18.76 23.00 -28.98
C SER C 15 19.77 22.59 -27.91
N THR C 16 19.39 22.80 -26.65
CA THR C 16 20.24 22.48 -25.51
C THR C 16 19.62 21.42 -24.61
N ASP C 17 18.68 20.64 -25.14
CA ASP C 17 18.06 19.58 -24.35
C ASP C 17 19.05 18.44 -24.13
N THR C 18 19.14 17.96 -22.89
CA THR C 18 20.13 16.98 -22.49
C THR C 18 19.45 15.69 -22.06
N VAL C 19 20.03 14.56 -22.50
CA VAL C 19 19.60 13.23 -22.11
C VAL C 19 20.81 12.48 -21.59
N ASP C 20 20.55 11.38 -20.89
CA ASP C 20 21.60 10.53 -20.33
C ASP C 20 21.43 9.08 -20.76
N THR C 21 22.51 8.48 -21.24
CA THR C 21 22.54 7.07 -21.62
C THR C 21 23.36 6.29 -20.62
N VAL C 22 23.40 4.96 -20.80
CA VAL C 22 24.22 4.12 -19.95
C VAL C 22 25.70 4.43 -20.15
N LEU C 23 26.10 4.74 -21.39
CA LEU C 23 27.51 4.97 -21.67
C LEU C 23 27.94 6.39 -21.30
N GLU C 24 27.16 7.39 -21.70
CA GLU C 24 27.53 8.79 -21.51
C GLU C 24 26.34 9.59 -21.02
N LYS C 25 26.54 10.36 -19.96
CA LYS C 25 25.50 11.23 -19.44
C LYS C 25 25.79 12.68 -19.83
N ASN C 26 24.74 13.50 -19.77
CA ASN C 26 24.79 14.92 -20.16
C ASN C 26 25.24 15.08 -21.60
N VAL C 27 24.46 14.52 -22.52
CA VAL C 27 24.68 14.67 -23.95
C VAL C 27 23.49 15.42 -24.54
N THR C 28 23.77 16.34 -25.44
CA THR C 28 22.75 17.16 -26.07
C THR C 28 22.17 16.44 -27.27
N VAL C 29 20.85 16.60 -27.48
CA VAL C 29 20.16 16.00 -28.61
C VAL C 29 19.33 17.07 -29.32
N THR C 30 19.11 16.84 -30.62
CA THR C 30 18.38 17.80 -31.43
C THR C 30 16.91 17.89 -31.01
N HIS C 31 16.25 16.74 -30.87
CA HIS C 31 14.88 16.69 -30.37
C HIS C 31 14.79 15.67 -29.25
N SER C 32 13.81 15.87 -28.37
CA SER C 32 13.55 14.92 -27.30
C SER C 32 12.12 15.13 -26.81
N VAL C 33 11.56 14.08 -26.22
CA VAL C 33 10.21 14.12 -25.66
C VAL C 33 10.29 13.78 -24.18
N ASN C 34 9.58 14.55 -23.37
CA ASN C 34 9.64 14.40 -21.92
C ASN C 34 8.62 13.33 -21.51
N LEU C 35 9.11 12.22 -21.00
CA LEU C 35 8.24 11.22 -20.40
C LEU C 35 7.88 11.54 -18.96
N LEU C 36 8.49 12.59 -18.40
CA LEU C 36 8.32 12.98 -17.01
C LEU C 36 7.53 14.28 -16.97
N GLU C 37 6.24 14.19 -16.66
CA GLU C 37 5.40 15.38 -16.60
C GLU C 37 5.65 16.08 -15.28
N ASP C 38 6.44 17.15 -15.32
CA ASP C 38 6.76 17.95 -14.14
C ASP C 38 5.91 19.20 -14.02
N LYS C 39 4.88 19.34 -14.85
CA LYS C 39 4.03 20.52 -14.86
C LYS C 39 2.60 20.11 -14.53
N HIS C 40 1.95 20.91 -13.68
CA HIS C 40 0.56 20.70 -13.31
C HIS C 40 -0.14 22.06 -13.30
N ASN C 41 -1.44 22.04 -13.64
CA ASN C 41 -2.20 23.28 -13.69
C ASN C 41 -2.42 23.89 -12.31
N GLY C 42 -2.25 23.10 -11.24
CA GLY C 42 -2.41 23.64 -9.90
C GLY C 42 -3.84 23.94 -9.51
N LYS C 43 -4.80 23.24 -10.11
CA LYS C 43 -6.21 23.43 -9.78
C LYS C 43 -6.87 22.07 -9.69
N LEU C 44 -7.66 21.86 -8.63
CA LEU C 44 -8.40 20.61 -8.42
C LEU C 44 -9.63 20.62 -9.32
N CYS C 45 -9.42 20.24 -10.58
CA CYS C 45 -10.43 20.37 -11.60
C CYS C 45 -11.21 19.05 -11.75
N LYS C 46 -12.08 18.98 -12.75
CA LYS C 46 -13.02 17.87 -12.84
C LYS C 46 -12.32 16.60 -13.31
N LEU C 47 -12.57 15.51 -12.59
CA LEU C 47 -12.10 14.18 -12.98
C LEU C 47 -13.27 13.43 -13.60
N ARG C 48 -12.94 12.51 -14.52
CA ARG C 48 -13.85 11.94 -15.51
C ARG C 48 -14.65 13.07 -16.18
N GLY C 49 -15.94 13.19 -15.94
CA GLY C 49 -16.70 14.29 -16.51
C GLY C 49 -17.64 14.96 -15.52
N VAL C 50 -17.42 14.71 -14.22
CA VAL C 50 -18.33 15.19 -13.19
C VAL C 50 -17.55 16.04 -12.19
N ALA C 51 -18.29 16.72 -11.33
CA ALA C 51 -17.73 17.71 -10.42
C ALA C 51 -17.20 17.04 -9.17
N PRO C 52 -15.91 17.16 -8.86
CA PRO C 52 -15.38 16.63 -7.60
C PRO C 52 -15.97 17.36 -6.41
N LEU C 53 -16.11 16.64 -5.30
CA LEU C 53 -16.67 17.23 -4.09
C LEU C 53 -15.63 18.07 -3.37
N HIS C 54 -16.08 19.17 -2.79
CA HIS C 54 -15.23 20.07 -2.00
C HIS C 54 -15.89 20.32 -0.66
N LEU C 55 -15.32 19.76 0.41
CA LEU C 55 -15.88 19.96 1.74
C LEU C 55 -15.44 21.29 2.36
N GLY C 56 -14.43 21.94 1.81
CA GLY C 56 -13.94 23.18 2.37
C GLY C 56 -13.30 22.99 3.74
N LYS C 57 -13.85 23.67 4.74
CA LYS C 57 -13.39 23.51 6.12
C LYS C 57 -14.14 22.36 6.79
N CYS C 58 -14.05 21.18 6.18
CA CYS C 58 -14.74 19.99 6.67
C CYS C 58 -13.93 18.77 6.27
N ASN C 59 -14.16 17.67 6.99
CA ASN C 59 -13.69 16.35 6.57
C ASN C 59 -14.90 15.43 6.37
N ILE C 60 -14.62 14.18 6.02
CA ILE C 60 -15.69 13.23 5.73
C ILE C 60 -16.52 12.97 6.99
N ALA C 61 -15.87 12.96 8.15
CA ALA C 61 -16.59 12.78 9.40
C ALA C 61 -17.43 13.98 9.79
N GLY C 62 -17.29 15.12 9.10
CA GLY C 62 -18.09 16.28 9.39
C GLY C 62 -19.16 16.51 8.35
N TRP C 63 -18.83 16.27 7.09
CA TRP C 63 -19.81 16.39 6.02
C TRP C 63 -20.93 15.36 6.18
N ILE C 64 -20.57 14.09 6.35
CA ILE C 64 -21.57 13.03 6.39
C ILE C 64 -22.37 13.13 7.69
N LEU C 65 -21.73 13.50 8.79
CA LEU C 65 -22.46 13.64 10.03
C LEU C 65 -23.42 14.83 9.98
N GLY C 66 -23.07 15.87 9.23
CA GLY C 66 -23.92 17.05 9.14
C GLY C 66 -23.47 18.18 10.03
N ASN C 67 -22.16 18.44 10.04
CA ASN C 67 -21.57 19.47 10.87
C ASN C 67 -22.14 20.84 10.48
N PRO C 68 -22.49 21.70 11.44
CA PRO C 68 -22.94 23.05 11.10
C PRO C 68 -21.96 23.87 10.26
N GLU C 69 -20.68 23.55 10.25
CA GLU C 69 -19.73 24.26 9.42
C GLU C 69 -19.58 23.64 8.03
N CYS C 70 -20.48 22.71 7.67
CA CYS C 70 -20.47 22.06 6.36
C CYS C 70 -21.70 22.42 5.53
N GLU C 71 -22.40 23.50 5.91
CA GLU C 71 -23.57 23.91 5.15
C GLU C 71 -23.22 24.56 3.82
N SER C 72 -22.01 25.10 3.68
CA SER C 72 -21.62 25.80 2.45
C SER C 72 -21.52 24.85 1.27
N LEU C 73 -21.00 23.65 1.49
CA LEU C 73 -20.80 22.69 0.41
C LEU C 73 -22.15 22.22 -0.13
N SER C 74 -22.15 21.84 -1.41
CA SER C 74 -23.34 21.33 -2.07
C SER C 74 -23.04 19.94 -2.62
N THR C 75 -23.97 19.01 -2.41
CA THR C 75 -23.89 17.66 -2.96
C THR C 75 -25.11 17.44 -3.83
N ALA C 76 -24.90 17.31 -5.14
CA ALA C 76 -26.02 17.20 -6.06
C ALA C 76 -25.94 16.00 -6.97
N SER C 77 -24.75 15.60 -7.40
CA SER C 77 -24.61 14.55 -8.40
C SER C 77 -23.34 13.75 -8.05
N SER C 78 -22.93 12.90 -8.98
CA SER C 78 -21.74 12.08 -8.76
C SER C 78 -20.48 12.92 -8.68
N TRP C 79 -19.57 12.51 -7.81
CA TRP C 79 -18.28 13.16 -7.64
C TRP C 79 -17.18 12.11 -7.76
N SER C 80 -16.03 12.53 -8.27
CA SER C 80 -14.95 11.59 -8.52
C SER C 80 -14.00 11.44 -7.34
N TYR C 81 -13.89 12.45 -6.49
CA TYR C 81 -13.05 12.39 -5.30
C TYR C 81 -13.52 13.48 -4.34
N ILE C 82 -13.00 13.40 -3.12
CA ILE C 82 -13.39 14.29 -2.03
C ILE C 82 -12.19 15.16 -1.67
N VAL C 83 -12.41 16.47 -1.60
CA VAL C 83 -11.38 17.45 -1.30
C VAL C 83 -11.50 17.87 0.16
N GLU C 84 -10.39 17.80 0.90
CA GLU C 84 -10.31 18.33 2.24
C GLU C 84 -9.10 19.25 2.34
N THR C 85 -9.27 20.38 3.00
CA THR C 85 -8.12 21.21 3.33
C THR C 85 -7.28 20.51 4.39
N PRO C 86 -5.95 20.61 4.33
CA PRO C 86 -5.12 20.07 5.42
C PRO C 86 -5.40 20.74 6.76
N SER C 87 -5.96 21.94 6.77
CA SER C 87 -6.37 22.61 7.99
C SER C 87 -7.81 22.30 8.38
N SER C 88 -8.47 21.36 7.69
CA SER C 88 -9.85 21.00 8.01
C SER C 88 -9.87 20.26 9.34
N ASP C 89 -10.31 20.97 10.38
CA ASP C 89 -10.53 20.38 11.68
C ASP C 89 -11.98 20.43 12.10
N ASN C 90 -12.83 21.09 11.33
CA ASN C 90 -14.28 21.13 11.57
C ASN C 90 -14.92 19.86 11.03
N GLY C 91 -14.67 18.76 11.73
CA GLY C 91 -15.29 17.50 11.39
C GLY C 91 -16.20 17.01 12.48
N THR C 92 -15.80 15.96 13.18
CA THR C 92 -16.51 15.56 14.39
C THR C 92 -16.29 16.64 15.46
N CYS C 93 -17.35 17.39 15.75
CA CYS C 93 -17.28 18.47 16.70
C CYS C 93 -17.58 18.02 18.13
N TYR C 94 -17.99 16.78 18.31
CA TYR C 94 -18.08 16.16 19.62
C TYR C 94 -16.94 15.15 19.75
N PRO C 95 -16.23 15.11 20.88
CA PRO C 95 -15.12 14.16 21.02
C PRO C 95 -15.58 12.72 20.90
N GLY C 96 -14.75 11.92 20.27
CA GLY C 96 -15.03 10.51 20.09
C GLY C 96 -14.31 9.97 18.88
N ASP C 97 -14.35 8.65 18.75
CA ASP C 97 -13.76 7.96 17.62
C ASP C 97 -14.83 7.40 16.70
N PHE C 98 -14.71 7.73 15.42
CA PHE C 98 -15.67 7.28 14.42
C PHE C 98 -15.22 5.87 14.06
N ILE C 99 -15.90 4.83 14.55
CA ILE C 99 -15.45 3.48 14.27
C ILE C 99 -15.69 3.13 12.81
N ASP C 100 -14.72 2.42 12.22
CA ASP C 100 -14.72 1.99 10.82
C ASP C 100 -14.62 3.21 9.90
N TYR C 101 -13.72 4.14 10.27
CA TYR C 101 -13.70 5.48 9.69
C TYR C 101 -13.05 5.51 8.32
N GLU C 102 -11.85 4.92 8.20
CA GLU C 102 -11.06 5.12 7.00
C GLU C 102 -11.66 4.36 5.82
N GLU C 103 -12.22 3.16 6.06
CA GLU C 103 -12.84 2.47 4.94
C GLU C 103 -14.19 3.06 4.57
N LEU C 104 -14.89 3.70 5.52
CA LEU C 104 -16.06 4.49 5.13
C LEU C 104 -15.63 5.67 4.25
N ARG C 105 -14.49 6.29 4.59
CA ARG C 105 -13.94 7.33 3.74
C ARG C 105 -13.64 6.78 2.35
N GLU C 106 -13.09 5.57 2.28
CA GLU C 106 -12.74 4.95 1.01
C GLU C 106 -13.99 4.62 0.17
N GLN C 107 -15.02 4.06 0.81
CA GLN C 107 -16.24 3.69 0.08
C GLN C 107 -16.97 4.92 -0.43
N LEU C 108 -17.00 5.98 0.36
CA LEU C 108 -17.71 7.20 0.03
C LEU C 108 -16.89 8.15 -0.83
N SER C 109 -15.71 7.71 -1.28
CA SER C 109 -14.85 8.57 -2.07
C SER C 109 -15.48 8.95 -3.41
N SER C 110 -16.12 7.98 -4.07
CA SER C 110 -16.79 8.23 -5.35
C SER C 110 -18.13 7.53 -5.32
N VAL C 111 -19.19 8.28 -5.57
CA VAL C 111 -20.56 7.75 -5.52
C VAL C 111 -21.28 8.23 -6.78
N SER C 112 -21.82 7.28 -7.54
CA SER C 112 -22.48 7.62 -8.81
C SER C 112 -23.83 8.30 -8.58
N SER C 113 -24.60 7.84 -7.61
CA SER C 113 -25.94 8.38 -7.34
C SER C 113 -26.06 8.68 -5.85
N PHE C 114 -25.96 9.96 -5.49
CA PHE C 114 -26.04 10.40 -4.11
C PHE C 114 -27.13 11.47 -4.00
N GLU C 115 -28.30 11.07 -3.51
CA GLU C 115 -29.33 12.02 -3.12
C GLU C 115 -29.54 11.92 -1.61
N ARG C 116 -29.33 13.03 -0.92
CA ARG C 116 -29.35 13.09 0.54
C ARG C 116 -30.80 13.22 0.97
N PHE C 117 -31.42 12.09 1.30
CA PHE C 117 -32.84 12.05 1.62
C PHE C 117 -33.04 11.74 3.09
N GLU C 118 -34.31 11.62 3.48
CA GLU C 118 -34.74 11.60 4.88
C GLU C 118 -35.48 10.29 5.17
N ILE C 119 -34.76 9.29 5.70
CA ILE C 119 -35.42 8.05 6.08
C ILE C 119 -36.43 8.28 7.20
N PHE C 120 -36.04 9.05 8.21
CA PHE C 120 -36.95 9.36 9.31
C PHE C 120 -37.12 10.87 9.41
N PRO C 121 -38.28 11.42 9.03
CA PRO C 121 -38.50 12.85 9.18
C PRO C 121 -38.53 13.26 10.64
N LYS C 122 -37.86 14.37 10.95
CA LYS C 122 -37.80 14.85 12.33
C LYS C 122 -39.18 15.23 12.85
N THR C 123 -40.07 15.66 11.95
CA THR C 123 -41.38 16.17 12.37
C THR C 123 -42.25 15.07 12.97
N SER C 124 -42.21 13.85 12.41
CA SER C 124 -43.18 12.83 12.76
C SER C 124 -42.61 11.48 13.16
N SER C 125 -41.36 11.16 12.82
CA SER C 125 -40.89 9.79 13.00
C SER C 125 -40.55 9.44 14.45
N TRP C 126 -40.37 10.42 15.33
CA TRP C 126 -40.03 10.17 16.73
C TRP C 126 -41.08 10.82 17.63
N PRO C 127 -42.25 10.20 17.80
CA PRO C 127 -43.31 10.86 18.59
C PRO C 127 -43.00 10.91 20.09
N ASN C 128 -42.45 9.83 20.65
CA ASN C 128 -42.38 9.65 22.09
C ASN C 128 -41.06 10.08 22.70
N HIS C 129 -40.20 10.72 21.92
CA HIS C 129 -38.88 11.14 22.39
C HIS C 129 -38.69 12.63 22.10
N ASP C 130 -37.82 13.25 22.89
CA ASP C 130 -37.53 14.67 22.76
C ASP C 130 -36.36 14.87 21.80
N SER C 131 -36.62 15.59 20.71
CA SER C 131 -35.63 15.78 19.66
C SER C 131 -35.00 17.17 19.65
N ASN C 132 -35.67 18.18 20.20
CA ASN C 132 -35.14 19.54 20.13
C ASN C 132 -33.97 19.75 21.07
N LYS C 133 -33.91 19.01 22.17
CA LYS C 133 -32.88 19.20 23.18
C LYS C 133 -31.50 18.69 22.74
N GLY C 134 -31.42 18.00 21.62
CA GLY C 134 -30.15 17.44 21.21
C GLY C 134 -29.25 18.38 20.44
N VAL C 135 -28.92 19.53 21.02
CA VAL C 135 -27.95 20.46 20.44
C VAL C 135 -26.90 20.78 21.51
N THR C 136 -25.65 20.94 21.07
CA THR C 136 -24.50 21.01 21.95
C THR C 136 -23.71 22.28 21.70
N ALA C 137 -23.07 22.77 22.77
CA ALA C 137 -22.13 23.88 22.69
C ALA C 137 -20.78 23.48 22.11
N ALA C 138 -20.55 22.18 21.91
CA ALA C 138 -19.34 21.72 21.24
C ALA C 138 -19.47 21.77 19.72
N CYS C 139 -20.64 22.10 19.19
CA CYS C 139 -20.87 22.23 17.76
C CYS C 139 -21.56 23.55 17.46
N PRO C 140 -20.83 24.66 17.52
CA PRO C 140 -21.45 25.95 17.17
C PRO C 140 -21.67 26.09 15.67
N HIS C 141 -22.80 26.71 15.32
CA HIS C 141 -23.04 27.15 13.95
C HIS C 141 -22.75 28.63 13.79
N ALA C 142 -23.46 29.47 14.55
CA ALA C 142 -23.14 30.90 14.67
C ALA C 142 -23.46 31.30 16.11
N GLY C 143 -22.46 31.20 16.98
CA GLY C 143 -22.61 31.56 18.38
C GLY C 143 -23.37 30.54 19.21
N ALA C 144 -24.66 30.39 18.96
CA ALA C 144 -25.51 29.54 19.77
C ALA C 144 -25.21 28.06 19.54
N LYS C 145 -25.65 27.24 20.48
CA LYS C 145 -25.45 25.80 20.38
C LYS C 145 -26.21 25.22 19.20
N SER C 146 -25.55 24.33 18.46
CA SER C 146 -26.16 23.64 17.34
C SER C 146 -25.72 22.19 17.42
N PHE C 147 -26.04 21.41 16.38
CA PHE C 147 -25.72 19.99 16.36
C PHE C 147 -25.71 19.55 14.90
N TYR C 148 -25.47 18.26 14.67
CA TYR C 148 -25.56 17.71 13.34
C TYR C 148 -26.99 17.74 12.82
N LYS C 149 -27.15 18.10 11.55
CA LYS C 149 -28.46 18.07 10.92
C LYS C 149 -28.86 16.65 10.56
N ASN C 150 -27.90 15.85 10.09
CA ASN C 150 -28.18 14.51 9.58
C ASN C 150 -28.44 13.50 10.70
N LEU C 151 -28.23 13.88 11.95
CA LEU C 151 -28.50 13.02 13.09
C LEU C 151 -29.32 13.80 14.13
N ILE C 152 -30.18 13.07 14.85
CA ILE C 152 -30.89 13.61 15.99
C ILE C 152 -30.41 12.86 17.23
N TRP C 153 -30.01 13.61 18.25
CA TRP C 153 -29.49 13.00 19.48
C TRP C 153 -30.62 13.10 20.49
N LEU C 154 -31.14 11.96 20.91
CA LEU C 154 -32.42 11.95 21.60
C LEU C 154 -32.25 12.12 23.10
N VAL C 155 -33.34 12.51 23.75
CA VAL C 155 -33.42 12.70 25.19
C VAL C 155 -34.67 11.97 25.63
N LYS C 156 -34.70 11.54 26.89
CA LYS C 156 -35.97 11.12 27.48
C LYS C 156 -36.95 12.29 27.47
N LYS C 157 -38.19 12.02 27.09
CA LYS C 157 -39.21 13.06 27.02
C LYS C 157 -40.05 12.97 28.29
N GLY C 158 -39.84 13.91 29.19
CA GLY C 158 -40.48 13.88 30.50
C GLY C 158 -39.58 13.23 31.54
N ASN C 159 -39.92 12.00 31.93
CA ASN C 159 -39.08 11.22 32.83
C ASN C 159 -38.99 9.76 32.40
N SER C 160 -39.05 9.51 31.09
CA SER C 160 -38.99 8.14 30.59
C SER C 160 -38.38 8.13 29.19
N TYR C 161 -37.58 7.11 28.93
CA TYR C 161 -37.05 6.83 27.59
C TYR C 161 -37.61 5.49 27.15
N PRO C 162 -38.69 5.47 26.37
CA PRO C 162 -39.26 4.18 25.94
C PRO C 162 -38.34 3.47 24.96
N LYS C 163 -38.60 2.17 24.80
CA LYS C 163 -37.78 1.32 23.94
C LYS C 163 -38.06 1.69 22.49
N LEU C 164 -37.15 2.47 21.90
CA LEU C 164 -37.27 2.84 20.50
C LEU C 164 -37.22 1.61 19.60
N SER C 165 -38.14 1.54 18.66
CA SER C 165 -38.17 0.43 17.71
C SER C 165 -38.74 0.98 16.39
N LYS C 166 -37.85 1.32 15.47
CA LYS C 166 -38.26 1.84 14.17
C LYS C 166 -37.33 1.31 13.09
N SER C 167 -37.91 0.82 12.00
CA SER C 167 -37.16 0.14 10.96
C SER C 167 -37.43 0.81 9.61
N TYR C 168 -36.40 0.82 8.76
CA TYR C 168 -36.48 1.38 7.42
C TYR C 168 -36.35 0.25 6.40
N ILE C 169 -37.44 -0.04 5.71
CA ILE C 169 -37.42 -0.99 4.60
C ILE C 169 -36.92 -0.25 3.37
N ASN C 170 -35.71 -0.58 2.92
CA ASN C 170 -35.11 0.08 1.77
C ASN C 170 -35.91 -0.26 0.52
N ASP C 171 -36.44 0.77 -0.15
CA ASP C 171 -37.25 0.62 -1.34
C ASP C 171 -36.80 1.58 -2.43
N LYS C 172 -35.49 1.71 -2.64
CA LYS C 172 -34.97 2.67 -3.60
C LYS C 172 -34.04 2.04 -4.63
N GLY C 173 -33.69 0.77 -4.50
CA GLY C 173 -32.82 0.11 -5.45
C GLY C 173 -31.35 0.49 -5.35
N LYS C 174 -30.95 1.20 -4.30
CA LYS C 174 -29.58 1.59 -4.10
C LYS C 174 -29.22 1.38 -2.63
N GLU C 175 -27.91 1.26 -2.36
CA GLU C 175 -27.42 0.99 -1.02
C GLU C 175 -27.62 2.22 -0.15
N VAL C 176 -28.62 2.18 0.72
CA VAL C 176 -28.90 3.30 1.61
C VAL C 176 -27.85 3.29 2.72
N LEU C 177 -26.98 4.30 2.75
CA LEU C 177 -25.95 4.43 3.76
C LEU C 177 -26.50 5.15 4.99
N VAL C 178 -26.40 4.49 6.14
CA VAL C 178 -27.02 4.92 7.39
C VAL C 178 -25.93 5.15 8.42
N LEU C 179 -26.03 6.26 9.16
CA LEU C 179 -25.17 6.52 10.31
C LEU C 179 -25.99 6.79 11.55
N TRP C 180 -25.51 6.26 12.68
CA TRP C 180 -26.10 6.49 13.99
C TRP C 180 -24.98 6.70 14.98
N GLY C 181 -25.33 7.26 16.13
CA GLY C 181 -24.35 7.46 17.18
C GLY C 181 -24.75 6.80 18.49
N ILE C 182 -23.77 6.49 19.33
CA ILE C 182 -23.98 5.97 20.67
C ILE C 182 -23.24 6.90 21.62
N HIS C 183 -23.97 7.50 22.55
CA HIS C 183 -23.38 8.46 23.47
C HIS C 183 -22.83 7.74 24.69
N HIS C 184 -21.61 8.08 25.08
CA HIS C 184 -21.01 7.57 26.31
C HIS C 184 -20.89 8.70 27.31
N PRO C 185 -21.79 8.80 28.29
CA PRO C 185 -21.71 9.91 29.26
C PRO C 185 -20.49 9.81 30.14
N SER C 186 -20.06 10.96 30.64
CA SER C 186 -18.91 11.00 31.54
C SER C 186 -19.26 10.41 32.90
N THR C 187 -20.46 10.68 33.40
CA THR C 187 -20.90 10.20 34.71
C THR C 187 -22.21 9.46 34.57
N SER C 188 -22.45 8.54 35.52
CA SER C 188 -23.69 7.78 35.51
C SER C 188 -24.90 8.67 35.78
N ALA C 189 -24.70 9.76 36.52
CA ALA C 189 -25.76 10.75 36.69
C ALA C 189 -26.15 11.37 35.36
N ASP C 190 -25.17 11.67 34.50
CA ASP C 190 -25.46 12.13 33.15
C ASP C 190 -26.21 11.07 32.36
N GLN C 191 -25.77 9.81 32.50
CA GLN C 191 -26.43 8.69 31.84
C GLN C 191 -27.90 8.62 32.18
N GLN C 192 -28.24 8.72 33.47
CA GLN C 192 -29.63 8.63 33.85
C GLN C 192 -30.41 9.89 33.47
N SER C 193 -29.82 11.07 33.68
CA SER C 193 -30.51 12.32 33.40
C SER C 193 -30.71 12.58 31.92
N LEU C 194 -30.02 11.84 31.05
CA LEU C 194 -30.31 11.91 29.62
C LEU C 194 -31.20 10.78 29.16
N TYR C 195 -30.96 9.57 29.66
CA TYR C 195 -31.69 8.38 29.27
C TYR C 195 -32.16 7.70 30.53
N GLN C 196 -33.48 7.54 30.68
CA GLN C 196 -34.06 7.10 31.94
C GLN C 196 -33.52 5.75 32.38
N ASN C 197 -33.16 4.89 31.44
CA ASN C 197 -32.64 3.56 31.76
C ASN C 197 -31.17 3.65 32.14
N ALA C 198 -30.80 3.00 33.24
CA ALA C 198 -29.40 2.98 33.66
C ALA C 198 -28.56 2.10 32.73
N ASP C 199 -29.05 0.92 32.41
CA ASP C 199 -28.44 0.06 31.41
C ASP C 199 -29.20 0.16 30.08
N THR C 200 -28.47 0.46 29.00
CA THR C 200 -29.08 0.80 27.72
C THR C 200 -28.35 0.06 26.60
N TYR C 201 -28.95 -1.03 26.13
CA TYR C 201 -28.49 -1.65 24.91
C TYR C 201 -28.99 -0.86 23.71
N VAL C 202 -28.19 -0.84 22.66
CA VAL C 202 -28.60 -0.32 21.36
C VAL C 202 -28.31 -1.43 20.35
N PHE C 203 -29.32 -2.21 20.00
CA PHE C 203 -29.16 -3.18 18.94
C PHE C 203 -29.62 -2.58 17.63
N VAL C 204 -28.77 -2.65 16.61
CA VAL C 204 -29.14 -2.26 15.26
C VAL C 204 -28.95 -3.47 14.35
N GLY C 205 -30.06 -3.93 13.76
CA GLY C 205 -30.05 -5.12 12.95
C GLY C 205 -30.24 -4.85 11.48
N SER C 206 -29.86 -5.83 10.66
CA SER C 206 -30.08 -5.80 9.22
C SER C 206 -30.17 -7.25 8.77
N SER C 207 -30.20 -7.47 7.46
CA SER C 207 -30.07 -8.83 6.95
C SER C 207 -28.63 -9.34 7.03
N ARG C 208 -27.66 -8.45 7.24
CA ARG C 208 -26.26 -8.82 7.21
C ARG C 208 -25.45 -8.27 8.38
N TYR C 209 -25.88 -7.20 9.03
CA TYR C 209 -25.11 -6.54 10.09
C TYR C 209 -25.93 -6.52 11.37
N SER C 210 -25.33 -6.98 12.47
CA SER C 210 -25.99 -7.00 13.76
C SER C 210 -24.96 -6.82 14.86
N LYS C 211 -25.12 -5.77 15.67
CA LYS C 211 -24.26 -5.52 16.82
C LYS C 211 -25.08 -4.92 17.95
N LYS C 212 -24.65 -5.17 19.18
CA LYS C 212 -25.24 -4.59 20.37
C LYS C 212 -24.25 -3.62 21.00
N PHE C 213 -24.74 -2.45 21.40
CA PHE C 213 -23.90 -1.36 21.87
C PHE C 213 -24.28 -1.00 23.30
N LYS C 214 -23.28 -0.78 24.13
CA LYS C 214 -23.54 -0.35 25.49
C LYS C 214 -22.63 0.82 25.86
N PRO C 215 -23.09 1.70 26.75
CA PRO C 215 -22.26 2.84 27.17
C PRO C 215 -21.04 2.41 27.97
N GLU C 216 -19.99 3.21 27.87
CA GLU C 216 -18.77 3.06 28.66
C GLU C 216 -18.68 4.33 29.50
N ILE C 217 -19.30 4.30 30.68
CA ILE C 217 -19.52 5.49 31.49
C ILE C 217 -18.31 5.70 32.39
N ALA C 218 -17.47 6.66 32.05
CA ALA C 218 -16.36 7.09 32.90
C ALA C 218 -15.88 8.46 32.42
N ILE C 219 -15.18 9.15 33.31
CA ILE C 219 -14.78 10.54 33.07
C ILE C 219 -13.49 10.54 32.26
N ARG C 220 -13.55 11.01 31.03
CA ARG C 220 -12.39 11.19 30.17
C ARG C 220 -11.77 12.56 30.40
N PRO C 221 -10.51 12.74 30.01
CA PRO C 221 -9.96 14.10 29.94
C PRO C 221 -10.73 14.95 28.95
N LYS C 222 -10.79 16.25 29.23
CA LYS C 222 -11.60 17.16 28.45
C LYS C 222 -11.04 17.32 27.03
N VAL C 223 -11.91 17.10 26.04
CA VAL C 223 -11.64 17.45 24.65
C VAL C 223 -12.84 18.22 24.15
N ARG C 224 -12.60 19.42 23.60
CA ARG C 224 -13.65 20.35 23.18
C ARG C 224 -14.62 20.63 24.32
N ASP C 225 -14.06 20.80 25.52
CA ASP C 225 -14.80 21.13 26.75
C ASP C 225 -15.82 20.04 27.08
N GLN C 226 -15.52 18.80 26.72
CA GLN C 226 -16.43 17.68 26.97
C GLN C 226 -15.66 16.53 27.60
N GLU C 227 -16.21 15.99 28.69
CA GLU C 227 -15.64 14.83 29.35
C GLU C 227 -16.22 13.51 28.87
N GLY C 228 -17.21 13.54 27.99
CA GLY C 228 -17.78 12.31 27.47
C GLY C 228 -17.51 12.13 26.00
N ARG C 229 -17.58 10.91 25.51
CA ARG C 229 -17.34 10.60 24.11
C ARG C 229 -18.65 10.24 23.44
N MET C 230 -18.65 10.34 22.10
CA MET C 230 -19.86 10.10 21.32
C MET C 230 -19.42 9.28 20.11
N ASN C 231 -19.67 7.98 20.18
CA ASN C 231 -19.08 7.00 19.28
C ASN C 231 -20.04 6.69 18.14
N TYR C 232 -19.57 6.77 16.91
CA TYR C 232 -20.41 6.71 15.73
C TYR C 232 -20.26 5.38 15.01
N TYR C 233 -21.35 4.87 14.46
CA TYR C 233 -21.35 3.66 13.66
C TYR C 233 -22.06 3.90 12.34
N TRP C 234 -21.87 2.96 11.40
CA TRP C 234 -22.52 3.06 10.10
C TRP C 234 -22.65 1.66 9.50
N THR C 235 -23.55 1.55 8.52
CA THR C 235 -23.70 0.32 7.76
C THR C 235 -24.31 0.64 6.40
N LEU C 236 -24.21 -0.33 5.49
CA LEU C 236 -24.80 -0.22 4.15
C LEU C 236 -26.04 -1.09 4.08
N VAL C 237 -27.21 -0.45 4.04
CA VAL C 237 -28.46 -1.16 3.85
C VAL C 237 -28.58 -1.58 2.40
N GLU C 238 -28.80 -2.86 2.17
CA GLU C 238 -28.87 -3.41 0.82
C GLU C 238 -30.18 -2.95 0.17
N PRO C 239 -30.31 -3.01 -1.17
CA PRO C 239 -31.48 -2.41 -1.82
C PRO C 239 -32.83 -3.01 -1.44
N GLY C 240 -32.87 -4.22 -0.87
CA GLY C 240 -34.16 -4.80 -0.57
C GLY C 240 -34.37 -5.26 0.86
N ASP C 241 -33.35 -5.13 1.71
CA ASP C 241 -33.44 -5.64 3.07
C ASP C 241 -33.95 -4.56 4.02
N LYS C 242 -33.85 -4.82 5.32
CA LYS C 242 -34.39 -3.97 6.37
C LYS C 242 -33.24 -3.52 7.27
N ILE C 243 -33.48 -2.45 8.02
CA ILE C 243 -32.58 -2.02 9.10
C ILE C 243 -33.42 -1.66 10.32
N THR C 244 -33.33 -2.49 11.36
CA THR C 244 -34.09 -2.30 12.58
C THR C 244 -33.26 -1.52 13.59
N PHE C 245 -33.82 -0.43 14.11
CA PHE C 245 -33.16 0.40 15.11
C PHE C 245 -33.85 0.19 16.45
N GLU C 246 -33.13 -0.39 17.40
CA GLU C 246 -33.66 -0.69 18.72
C GLU C 246 -32.71 -0.12 19.76
N ALA C 247 -33.26 0.57 20.75
CA ALA C 247 -32.44 1.18 21.80
C ALA C 247 -33.33 1.59 22.96
N THR C 248 -32.84 1.33 24.18
CA THR C 248 -33.46 1.88 25.37
C THR C 248 -32.69 3.09 25.91
N GLY C 249 -31.78 3.63 25.12
CA GLY C 249 -31.04 4.82 25.49
C GLY C 249 -29.75 4.92 24.72
N ASN C 250 -29.22 6.15 24.67
CA ASN C 250 -27.92 6.46 24.07
C ASN C 250 -27.90 6.12 22.58
N LEU C 251 -28.88 6.63 21.85
CA LEU C 251 -28.95 6.44 20.41
C LEU C 251 -29.09 7.79 19.72
N VAL C 252 -28.31 8.01 18.67
CA VAL C 252 -28.36 9.22 17.87
C VAL C 252 -28.87 8.81 16.49
N VAL C 253 -30.19 8.91 16.29
CA VAL C 253 -30.87 8.32 15.14
C VAL C 253 -30.47 9.07 13.87
N PRO C 254 -30.61 8.46 12.69
CA PRO C 254 -30.36 9.19 11.44
C PRO C 254 -31.57 10.03 11.05
N ARG C 255 -31.43 11.35 11.17
CA ARG C 255 -32.39 12.25 10.55
C ARG C 255 -32.34 12.11 9.02
N TYR C 256 -31.14 12.20 8.45
CA TYR C 256 -30.93 12.08 7.01
C TYR C 256 -30.04 10.87 6.76
N ALA C 257 -30.54 9.93 5.96
CA ALA C 257 -29.67 8.91 5.41
C ALA C 257 -29.16 9.36 4.04
N PHE C 258 -28.49 8.47 3.31
CA PHE C 258 -27.82 8.85 2.08
C PHE C 258 -27.96 7.70 1.08
N ALA C 259 -28.85 7.87 0.11
CA ALA C 259 -28.96 6.92 -0.99
C ALA C 259 -27.67 6.93 -1.79
N MET C 260 -27.05 5.76 -1.92
CA MET C 260 -25.68 5.63 -2.40
C MET C 260 -25.59 4.52 -3.44
N GLU C 261 -24.73 4.73 -4.43
CA GLU C 261 -24.42 3.68 -5.40
C GLU C 261 -22.93 3.85 -5.73
N ARG C 262 -22.11 2.96 -5.19
CA ARG C 262 -20.67 3.02 -5.44
C ARG C 262 -20.36 2.75 -6.90
N ASN C 263 -19.39 3.51 -7.43
CA ASN C 263 -18.91 3.33 -8.81
C ASN C 263 -17.40 3.21 -8.77
N ALA C 264 -16.93 1.97 -8.59
CA ALA C 264 -15.55 1.52 -8.84
C ALA C 264 -14.53 2.02 -7.81
N GLY C 265 -14.94 2.88 -6.88
CA GLY C 265 -14.05 3.30 -5.82
C GLY C 265 -13.00 4.30 -6.22
N SER C 266 -12.66 5.21 -5.31
CA SER C 266 -11.63 6.21 -5.54
C SER C 266 -11.01 6.55 -4.18
N GLY C 267 -10.29 7.68 -4.11
CA GLY C 267 -9.68 8.10 -2.87
C GLY C 267 -10.05 9.51 -2.44
N ILE C 268 -9.31 10.05 -1.47
CA ILE C 268 -9.54 11.38 -0.94
C ILE C 268 -8.27 12.20 -1.13
N ILE C 269 -8.41 13.39 -1.70
CA ILE C 269 -7.30 14.31 -1.95
C ILE C 269 -7.35 15.43 -0.92
N ILE C 270 -6.27 15.58 -0.16
CA ILE C 270 -6.17 16.59 0.89
C ILE C 270 -5.17 17.65 0.43
N SER C 271 -5.66 18.84 0.08
CA SER C 271 -4.79 19.91 -0.39
C SER C 271 -5.47 21.25 -0.20
N ASP C 272 -4.66 22.31 -0.20
CA ASP C 272 -5.11 23.70 -0.16
C ASP C 272 -5.51 24.23 -1.53
N THR C 273 -5.45 23.39 -2.55
CA THR C 273 -5.58 23.86 -3.93
C THR C 273 -7.01 24.32 -4.23
N PRO C 274 -7.17 25.49 -4.84
CA PRO C 274 -8.52 25.93 -5.26
C PRO C 274 -9.09 25.06 -6.37
N VAL C 275 -10.42 25.04 -6.45
CA VAL C 275 -11.15 24.23 -7.42
C VAL C 275 -11.66 25.11 -8.54
N HIS C 276 -11.40 24.69 -9.78
CA HIS C 276 -11.95 25.31 -10.98
C HIS C 276 -12.50 24.20 -11.87
N ASP C 277 -13.16 24.56 -12.95
CA ASP C 277 -13.73 23.60 -13.89
C ASP C 277 -12.76 23.37 -15.03
N CYS C 278 -12.27 22.13 -15.15
CA CYS C 278 -11.35 21.74 -16.21
C CYS C 278 -11.74 20.34 -16.69
N ASN C 279 -10.87 19.73 -17.50
CA ASN C 279 -11.11 18.40 -18.06
C ASN C 279 -9.79 17.64 -17.94
N THR C 280 -9.62 16.92 -16.83
CA THR C 280 -8.36 16.28 -16.50
C THR C 280 -8.55 14.79 -16.27
N THR C 281 -7.69 13.98 -16.91
CA THR C 281 -7.73 12.54 -16.72
C THR C 281 -7.11 12.11 -15.39
N CYS C 282 -6.10 12.85 -14.92
CA CYS C 282 -5.40 12.54 -13.68
C CYS C 282 -5.44 13.76 -12.78
N GLN C 283 -5.47 13.51 -11.47
CA GLN C 283 -5.56 14.60 -10.49
C GLN C 283 -4.70 14.26 -9.28
N THR C 284 -3.73 15.12 -8.99
CA THR C 284 -2.89 15.03 -7.81
C THR C 284 -3.22 16.18 -6.86
N PRO C 285 -2.93 16.06 -5.57
CA PRO C 285 -3.19 17.18 -4.65
C PRO C 285 -2.47 18.47 -5.03
N LYS C 286 -1.25 18.37 -5.55
CA LYS C 286 -0.54 19.58 -5.97
C LYS C 286 -1.20 20.22 -7.19
N GLY C 287 -1.53 19.41 -8.20
CA GLY C 287 -2.17 19.94 -9.39
C GLY C 287 -2.60 18.91 -10.41
N ALA C 288 -3.70 19.19 -11.10
CA ALA C 288 -4.27 18.24 -12.05
C ALA C 288 -3.41 18.15 -13.32
N ILE C 289 -3.33 16.95 -13.87
CA ILE C 289 -2.51 16.65 -15.04
C ILE C 289 -3.41 16.04 -16.12
N ASN C 290 -3.29 16.51 -17.35
CA ASN C 290 -3.86 15.80 -18.49
C ASN C 290 -2.74 15.36 -19.45
N THR C 291 -2.12 14.23 -19.16
CA THR C 291 -1.07 13.73 -20.03
C THR C 291 -1.22 12.23 -20.25
N SER C 292 -0.91 11.81 -21.46
CA SER C 292 -0.73 10.39 -21.75
C SER C 292 0.68 9.92 -21.44
N LEU C 293 1.55 10.83 -21.00
CA LEU C 293 2.94 10.48 -20.74
C LEU C 293 3.03 9.48 -19.59
N PRO C 294 3.93 8.50 -19.69
CA PRO C 294 3.89 7.36 -18.75
C PRO C 294 4.33 7.68 -17.33
N PHE C 295 5.13 8.72 -17.10
CA PHE C 295 5.74 8.93 -15.81
C PHE C 295 5.50 10.35 -15.31
N GLN C 296 5.47 10.50 -13.99
CA GLN C 296 5.22 11.76 -13.32
C GLN C 296 6.14 11.85 -12.10
N ASN C 297 6.29 13.08 -11.59
CA ASN C 297 7.01 13.28 -10.34
C ASN C 297 6.31 14.27 -9.41
N ILE C 298 5.06 14.61 -9.68
CA ILE C 298 4.37 15.64 -8.91
C ILE C 298 4.07 15.14 -7.49
N HIS C 299 3.46 13.96 -7.37
CA HIS C 299 3.01 13.50 -6.07
C HIS C 299 2.76 12.01 -6.15
N PRO C 300 3.07 11.24 -5.10
CA PRO C 300 2.77 9.80 -5.13
C PRO C 300 1.27 9.50 -5.08
N ILE C 301 0.54 10.18 -4.20
CA ILE C 301 -0.89 9.93 -4.05
C ILE C 301 -1.62 10.54 -5.24
N THR C 302 -2.13 9.71 -6.13
CA THR C 302 -2.80 10.15 -7.34
C THR C 302 -4.07 9.34 -7.55
N ILE C 303 -5.09 10.00 -8.10
CA ILE C 303 -6.38 9.36 -8.37
C ILE C 303 -6.70 9.53 -9.85
N GLY C 304 -6.97 8.42 -10.52
CA GLY C 304 -7.38 8.43 -11.90
C GLY C 304 -6.51 7.52 -12.75
N LYS C 305 -6.62 7.69 -14.06
CA LYS C 305 -5.75 7.01 -15.02
C LYS C 305 -4.41 7.75 -15.12
N CYS C 306 -3.70 7.78 -13.99
CA CYS C 306 -2.53 8.59 -13.72
C CYS C 306 -1.25 7.87 -14.15
N PRO C 307 -0.22 8.65 -14.46
CA PRO C 307 1.10 8.05 -14.70
C PRO C 307 1.70 7.50 -13.41
N LYS C 308 2.84 6.83 -13.56
CA LYS C 308 3.54 6.28 -12.41
C LYS C 308 4.42 7.34 -11.76
N TYR C 309 4.40 7.39 -10.44
CA TYR C 309 5.24 8.33 -9.71
C TYR C 309 6.65 7.77 -9.60
N VAL C 310 7.63 8.59 -9.96
CA VAL C 310 9.04 8.24 -9.91
C VAL C 310 9.78 9.31 -9.14
N LYS C 311 11.06 9.05 -8.87
CA LYS C 311 11.92 10.00 -8.18
C LYS C 311 12.88 10.70 -9.12
N SER C 312 12.83 10.39 -10.41
CA SER C 312 13.77 10.96 -11.37
C SER C 312 13.41 12.43 -11.65
N THR C 313 14.36 13.12 -12.29
CA THR C 313 14.17 14.50 -12.72
C THR C 313 14.41 14.71 -14.21
N LYS C 314 15.11 13.80 -14.88
CA LYS C 314 15.39 13.91 -16.31
C LYS C 314 15.03 12.59 -16.98
N LEU C 315 13.77 12.46 -17.40
CA LEU C 315 13.29 11.33 -18.18
C LEU C 315 12.92 11.84 -19.56
N ARG C 316 13.89 11.84 -20.46
CA ARG C 316 13.64 12.29 -21.83
C ARG C 316 14.16 11.24 -22.81
N LEU C 317 13.29 10.82 -23.73
CA LEU C 317 13.73 9.94 -24.81
C LEU C 317 14.42 10.80 -25.87
N ALA C 318 15.57 10.32 -26.34
CA ALA C 318 16.41 11.10 -27.24
C ALA C 318 16.02 10.83 -28.69
N THR C 319 14.81 11.29 -29.04
CA THR C 319 14.26 11.03 -30.36
C THR C 319 15.12 11.61 -31.48
N GLY C 320 15.77 12.74 -31.23
CA GLY C 320 16.71 13.29 -32.18
C GLY C 320 18.09 12.68 -32.04
N LEU C 321 18.97 13.07 -32.96
CA LEU C 321 20.33 12.56 -32.95
C LEU C 321 21.16 13.27 -31.90
N ARG C 322 22.43 12.88 -31.79
CA ARG C 322 23.38 13.58 -30.94
C ARG C 322 23.64 14.96 -31.54
N ASN C 323 23.28 16.01 -30.81
CA ASN C 323 23.37 17.38 -31.31
C ASN C 323 24.78 17.90 -31.09
N ILE C 324 25.63 17.79 -32.12
CA ILE C 324 26.98 18.32 -32.05
C ILE C 324 27.10 19.47 -33.05
N PRO C 325 26.73 20.69 -32.67
CA PRO C 325 26.80 21.81 -33.62
C PRO C 325 28.23 22.20 -33.91
N SER C 326 28.44 22.76 -35.10
CA SER C 326 29.74 23.19 -35.61
C SER C 326 30.74 22.02 -35.63
N GLY D 3 29.60 -16.53 -65.00
CA GLY D 3 28.53 -16.94 -64.13
C GLY D 3 28.99 -17.32 -62.73
N ASP D 4 28.24 -18.23 -62.11
CA ASP D 4 28.50 -18.82 -60.79
C ASP D 4 28.31 -17.80 -59.66
N THR D 5 27.81 -18.26 -58.51
CA THR D 5 27.55 -17.38 -57.39
C THR D 5 27.41 -18.20 -56.12
N LEU D 6 27.70 -17.55 -54.98
CA LEU D 6 27.30 -18.00 -53.65
C LEU D 6 26.60 -16.83 -52.98
N CYS D 7 25.27 -16.78 -53.15
CA CYS D 7 24.49 -15.63 -52.75
C CYS D 7 23.97 -15.88 -51.35
N ILE D 8 24.42 -15.08 -50.38
CA ILE D 8 23.94 -15.22 -49.01
C ILE D 8 22.51 -14.74 -48.94
N GLY D 9 21.63 -15.55 -48.35
CA GLY D 9 20.24 -15.21 -48.18
C GLY D 9 19.73 -15.74 -46.86
N TYR D 10 18.43 -15.55 -46.63
CA TYR D 10 17.85 -15.94 -45.36
C TYR D 10 16.51 -16.63 -45.59
N HIS D 11 16.16 -17.49 -44.63
CA HIS D 11 15.03 -18.40 -44.77
C HIS D 11 13.71 -17.64 -44.74
N ALA D 12 12.83 -17.97 -45.68
CA ALA D 12 11.45 -17.51 -45.70
C ALA D 12 10.54 -18.69 -45.96
N ASN D 13 9.29 -18.56 -45.54
CA ASN D 13 8.32 -19.65 -45.67
C ASN D 13 6.92 -19.05 -45.80
N ASN D 14 5.91 -19.92 -45.70
CA ASN D 14 4.52 -19.52 -45.80
C ASN D 14 3.91 -19.13 -44.46
N SER D 15 4.71 -19.05 -43.41
CA SER D 15 4.20 -18.72 -42.09
C SER D 15 3.64 -17.30 -42.05
N THR D 16 2.64 -17.12 -41.19
CA THR D 16 1.96 -15.83 -41.08
C THR D 16 1.96 -15.32 -39.63
N ASP D 17 2.84 -15.86 -38.79
CA ASP D 17 2.96 -15.36 -37.42
C ASP D 17 3.52 -13.95 -37.43
N THR D 18 2.90 -13.06 -36.65
CA THR D 18 3.30 -11.66 -36.57
C THR D 18 3.78 -11.35 -35.17
N VAL D 19 4.89 -10.59 -35.09
CA VAL D 19 5.43 -10.12 -33.83
C VAL D 19 5.51 -8.60 -33.91
N ASP D 20 5.62 -7.97 -32.74
CA ASP D 20 5.70 -6.53 -32.62
C ASP D 20 7.07 -6.15 -32.09
N THR D 21 7.89 -5.51 -32.92
CA THR D 21 9.11 -4.91 -32.41
C THR D 21 8.83 -3.48 -31.99
N VAL D 22 9.75 -2.91 -31.21
CA VAL D 22 9.57 -1.55 -30.70
C VAL D 22 9.65 -0.55 -31.85
N LEU D 23 10.40 -0.87 -32.90
CA LEU D 23 10.51 0.04 -34.05
C LEU D 23 9.33 -0.08 -34.99
N GLU D 24 8.99 -1.31 -35.40
CA GLU D 24 7.93 -1.55 -36.37
C GLU D 24 6.91 -2.53 -35.80
N LYS D 25 5.64 -2.30 -36.08
CA LYS D 25 4.60 -3.22 -35.65
C LYS D 25 4.31 -4.24 -36.75
N ASN D 26 3.52 -5.25 -36.37
CA ASN D 26 2.95 -6.32 -37.21
C ASN D 26 3.90 -6.80 -38.31
N VAL D 27 5.13 -7.12 -37.93
CA VAL D 27 6.10 -7.69 -38.84
C VAL D 27 5.98 -9.21 -38.78
N THR D 28 6.07 -9.86 -39.94
CA THR D 28 5.92 -11.30 -40.03
C THR D 28 7.27 -11.99 -39.87
N VAL D 29 7.26 -13.11 -39.14
CA VAL D 29 8.47 -13.90 -38.90
C VAL D 29 8.24 -15.34 -39.32
N THR D 30 9.34 -16.01 -39.67
CA THR D 30 9.25 -17.40 -40.13
C THR D 30 8.86 -18.33 -38.99
N HIS D 31 9.52 -18.21 -37.84
CA HIS D 31 9.17 -18.99 -36.65
C HIS D 31 9.00 -18.04 -35.49
N SER D 32 8.11 -18.42 -34.57
CA SER D 32 7.90 -17.65 -33.35
C SER D 32 7.55 -18.60 -32.23
N VAL D 33 8.01 -18.28 -31.02
CA VAL D 33 7.69 -19.04 -29.83
C VAL D 33 6.75 -18.19 -28.99
N ASN D 34 5.53 -18.67 -28.82
CA ASN D 34 4.49 -17.92 -28.13
C ASN D 34 4.72 -17.99 -26.63
N LEU D 35 4.91 -16.83 -26.00
CA LEU D 35 5.08 -16.74 -24.56
C LEU D 35 3.78 -16.40 -23.85
N LEU D 36 2.65 -16.39 -24.56
CA LEU D 36 1.36 -16.02 -24.00
C LEU D 36 0.35 -17.09 -24.43
N GLU D 37 0.23 -18.15 -23.63
CA GLU D 37 -0.72 -19.19 -23.97
C GLU D 37 -2.14 -18.72 -23.69
N ASP D 38 -3.03 -19.02 -24.62
CA ASP D 38 -4.45 -18.71 -24.48
C ASP D 38 -5.30 -19.97 -24.44
N LYS D 39 -4.68 -21.13 -24.29
CA LYS D 39 -5.40 -22.40 -24.22
C LYS D 39 -5.47 -22.82 -22.76
N HIS D 40 -6.68 -23.13 -22.31
CA HIS D 40 -6.90 -23.79 -21.04
C HIS D 40 -7.78 -25.00 -21.29
N ASN D 41 -7.49 -26.11 -20.59
CA ASN D 41 -8.23 -27.34 -20.83
C ASN D 41 -9.69 -27.25 -20.40
N GLY D 42 -10.04 -26.27 -19.57
CA GLY D 42 -11.41 -26.12 -19.14
C GLY D 42 -11.88 -27.23 -18.22
N LYS D 43 -10.97 -27.80 -17.44
CA LYS D 43 -11.29 -28.86 -16.50
C LYS D 43 -10.46 -28.64 -15.24
N LEU D 44 -11.12 -28.48 -14.10
CA LEU D 44 -10.42 -28.36 -12.82
C LEU D 44 -9.80 -29.71 -12.49
N CYS D 45 -8.49 -29.82 -12.67
CA CYS D 45 -7.82 -31.10 -12.59
C CYS D 45 -6.78 -31.08 -11.47
N LYS D 46 -6.05 -32.18 -11.33
CA LYS D 46 -5.21 -32.39 -10.16
C LYS D 46 -4.00 -31.48 -10.16
N LEU D 47 -3.73 -30.87 -9.01
CA LEU D 47 -2.54 -30.08 -8.77
C LEU D 47 -1.67 -30.79 -7.73
N ARG D 48 -0.35 -30.68 -7.91
CA ARG D 48 0.72 -31.41 -7.19
C ARG D 48 0.47 -32.92 -7.14
N GLY D 49 -0.34 -33.46 -8.06
CA GLY D 49 -0.65 -34.88 -8.03
C GLY D 49 -1.71 -35.28 -7.04
N VAL D 50 -2.45 -34.34 -6.47
CA VAL D 50 -3.46 -34.61 -5.45
C VAL D 50 -4.81 -34.13 -5.96
N ALA D 51 -5.85 -34.90 -5.67
CA ALA D 51 -7.19 -34.59 -6.15
C ALA D 51 -7.74 -33.32 -5.50
N PRO D 52 -8.16 -32.33 -6.27
CA PRO D 52 -8.74 -31.12 -5.67
C PRO D 52 -10.08 -31.41 -5.03
N LEU D 53 -10.39 -30.63 -3.99
CA LEU D 53 -11.68 -30.78 -3.33
C LEU D 53 -12.78 -30.15 -4.17
N HIS D 54 -13.97 -30.77 -4.13
CA HIS D 54 -15.15 -30.27 -4.82
C HIS D 54 -16.31 -30.22 -3.84
N LEU D 55 -16.76 -29.02 -3.50
CA LEU D 55 -17.93 -28.87 -2.65
C LEU D 55 -19.24 -28.82 -3.44
N GLY D 56 -19.17 -28.64 -4.76
CA GLY D 56 -20.39 -28.61 -5.56
C GLY D 56 -21.28 -27.45 -5.19
N LYS D 57 -22.54 -27.76 -4.89
CA LYS D 57 -23.53 -26.74 -4.48
C LYS D 57 -23.41 -26.45 -2.99
N CYS D 58 -22.22 -26.00 -2.59
CA CYS D 58 -21.89 -25.79 -1.18
C CYS D 58 -20.59 -24.99 -1.13
N ASN D 59 -20.42 -24.25 -0.04
CA ASN D 59 -19.20 -23.46 0.15
C ASN D 59 -18.44 -23.99 1.37
N ILE D 60 -17.32 -23.32 1.68
CA ILE D 60 -16.47 -23.78 2.78
C ILE D 60 -17.22 -23.75 4.10
N ALA D 61 -18.04 -22.73 4.31
CA ALA D 61 -18.85 -22.64 5.53
C ALA D 61 -19.78 -23.83 5.65
N GLY D 62 -20.48 -24.17 4.56
CA GLY D 62 -21.43 -25.28 4.61
C GLY D 62 -20.74 -26.61 4.82
N TRP D 63 -19.69 -26.89 4.05
CA TRP D 63 -19.00 -28.17 4.16
C TRP D 63 -18.34 -28.33 5.52
N ILE D 64 -17.67 -27.28 6.01
CA ILE D 64 -16.97 -27.36 7.28
C ILE D 64 -17.94 -27.43 8.45
N LEU D 65 -19.07 -26.73 8.36
CA LEU D 65 -20.07 -26.82 9.41
C LEU D 65 -20.90 -28.09 9.35
N GLY D 66 -20.90 -28.80 8.22
CA GLY D 66 -21.68 -30.02 8.10
C GLY D 66 -23.07 -29.81 7.53
N ASN D 67 -23.14 -29.14 6.39
CA ASN D 67 -24.42 -28.78 5.80
C ASN D 67 -25.13 -30.03 5.29
N PRO D 68 -26.41 -30.22 5.62
CA PRO D 68 -27.16 -31.37 5.08
C PRO D 68 -27.36 -31.37 3.57
N GLU D 69 -26.88 -30.37 2.83
CA GLU D 69 -27.04 -30.35 1.39
C GLU D 69 -25.81 -30.83 0.62
N CYS D 70 -24.62 -30.62 1.16
CA CYS D 70 -23.38 -30.98 0.48
C CYS D 70 -22.66 -32.14 1.17
N GLU D 71 -23.43 -33.13 1.64
CA GLU D 71 -22.84 -34.35 2.18
C GLU D 71 -22.50 -35.37 1.11
N SER D 72 -23.00 -35.19 -0.11
CA SER D 72 -22.79 -36.17 -1.18
C SER D 72 -21.34 -36.27 -1.58
N LEU D 73 -20.56 -35.21 -1.40
CA LEU D 73 -19.15 -35.24 -1.70
C LEU D 73 -18.42 -36.23 -0.82
N SER D 74 -17.43 -36.92 -1.39
CA SER D 74 -16.60 -37.84 -0.63
C SER D 74 -15.39 -37.07 -0.10
N THR D 75 -15.30 -36.95 1.21
CA THR D 75 -14.19 -36.23 1.83
C THR D 75 -12.89 -36.99 1.62
N ALA D 76 -11.85 -36.28 1.22
CA ALA D 76 -10.54 -36.85 0.98
C ALA D 76 -9.60 -36.51 2.12
N SER D 77 -8.35 -36.95 2.02
CA SER D 77 -7.34 -36.65 3.01
C SER D 77 -6.42 -35.50 2.61
N SER D 78 -6.38 -35.14 1.33
CA SER D 78 -5.52 -34.05 0.88
C SER D 78 -6.11 -33.45 -0.38
N TRP D 79 -5.81 -32.17 -0.61
CA TRP D 79 -6.28 -31.45 -1.78
C TRP D 79 -5.47 -30.18 -1.93
N SER D 80 -5.38 -29.69 -3.16
CA SER D 80 -4.60 -28.52 -3.47
C SER D 80 -5.40 -27.22 -3.35
N TYR D 81 -6.71 -27.29 -3.60
CA TYR D 81 -7.57 -26.12 -3.56
C TYR D 81 -9.00 -26.57 -3.38
N ILE D 82 -9.87 -25.61 -3.11
CA ILE D 82 -11.28 -25.85 -2.85
C ILE D 82 -12.10 -25.26 -3.99
N VAL D 83 -12.99 -26.06 -4.55
CA VAL D 83 -13.83 -25.65 -5.67
C VAL D 83 -15.21 -25.26 -5.15
N GLU D 84 -15.68 -24.09 -5.56
CA GLU D 84 -17.00 -23.61 -5.22
C GLU D 84 -17.69 -23.11 -6.49
N THR D 85 -18.94 -23.48 -6.66
CA THR D 85 -19.72 -22.90 -7.75
C THR D 85 -20.01 -21.43 -7.44
N PRO D 86 -19.96 -20.54 -8.44
CA PRO D 86 -20.44 -19.17 -8.22
C PRO D 86 -21.90 -19.12 -7.82
N SER D 87 -22.69 -20.12 -8.22
CA SER D 87 -24.08 -20.23 -7.81
C SER D 87 -24.27 -21.05 -6.54
N SER D 88 -23.19 -21.59 -5.96
CA SER D 88 -23.33 -22.39 -4.74
C SER D 88 -23.63 -21.44 -3.57
N ASP D 89 -24.85 -21.51 -3.08
CA ASP D 89 -25.30 -20.67 -1.97
C ASP D 89 -25.68 -21.49 -0.74
N ASN D 90 -25.57 -22.81 -0.80
CA ASN D 90 -25.91 -23.67 0.33
C ASN D 90 -24.72 -23.70 1.28
N GLY D 91 -24.66 -22.67 2.11
CA GLY D 91 -23.61 -22.53 3.10
C GLY D 91 -24.14 -22.52 4.51
N THR D 92 -24.01 -21.37 5.17
CA THR D 92 -24.60 -21.17 6.48
C THR D 92 -26.11 -21.08 6.29
N CYS D 93 -26.81 -22.18 6.53
CA CYS D 93 -28.26 -22.18 6.34
C CYS D 93 -28.96 -21.35 7.40
N TYR D 94 -28.48 -21.42 8.63
CA TYR D 94 -29.07 -20.58 9.65
C TYR D 94 -28.37 -19.23 9.61
N PRO D 95 -29.12 -18.13 9.55
CA PRO D 95 -28.48 -16.81 9.33
C PRO D 95 -27.51 -16.46 10.45
N GLY D 96 -26.45 -15.78 10.08
CA GLY D 96 -25.46 -15.35 11.05
C GLY D 96 -24.17 -14.97 10.36
N ASP D 97 -23.27 -14.41 11.17
CA ASP D 97 -21.96 -13.99 10.69
C ASP D 97 -20.92 -15.01 11.14
N PHE D 98 -20.24 -15.62 10.18
CA PHE D 98 -19.16 -16.54 10.49
C PHE D 98 -17.97 -15.71 10.97
N ILE D 99 -17.74 -15.70 12.28
CA ILE D 99 -16.63 -14.93 12.83
C ILE D 99 -15.32 -15.54 12.38
N ASP D 100 -14.42 -14.70 11.86
CA ASP D 100 -13.12 -15.09 11.32
C ASP D 100 -13.29 -16.08 10.16
N TYR D 101 -14.06 -15.66 9.17
CA TYR D 101 -14.47 -16.54 8.08
C TYR D 101 -13.41 -16.65 6.99
N GLU D 102 -12.93 -15.50 6.50
CA GLU D 102 -12.11 -15.52 5.29
C GLU D 102 -10.71 -16.06 5.57
N GLU D 103 -10.14 -15.77 6.74
CA GLU D 103 -8.83 -16.34 7.02
C GLU D 103 -8.91 -17.81 7.45
N LEU D 104 -10.05 -18.27 7.95
CA LEU D 104 -10.22 -19.71 8.12
C LEU D 104 -10.29 -20.38 6.75
N ARG D 105 -11.00 -19.77 5.80
CA ARG D 105 -11.00 -20.28 4.43
C ARG D 105 -9.59 -20.30 3.86
N GLU D 106 -8.78 -19.30 4.20
CA GLU D 106 -7.39 -19.26 3.75
C GLU D 106 -6.57 -20.38 4.38
N GLN D 107 -6.77 -20.64 5.68
CA GLN D 107 -6.03 -21.69 6.36
C GLN D 107 -6.42 -23.07 5.83
N LEU D 108 -7.71 -23.28 5.60
CA LEU D 108 -8.25 -24.56 5.19
C LEU D 108 -8.18 -24.79 3.68
N SER D 109 -7.43 -23.95 2.97
CA SER D 109 -7.36 -24.06 1.51
C SER D 109 -6.71 -25.36 1.08
N SER D 110 -5.66 -25.79 1.77
CA SER D 110 -4.96 -27.01 1.41
C SER D 110 -4.40 -27.67 2.66
N VAL D 111 -4.49 -29.00 2.72
CA VAL D 111 -4.09 -29.78 3.88
C VAL D 111 -3.34 -31.02 3.42
N SER D 112 -2.48 -31.53 4.30
CA SER D 112 -1.80 -32.79 4.04
C SER D 112 -2.52 -33.99 4.63
N SER D 113 -3.23 -33.83 5.75
CA SER D 113 -3.92 -34.95 6.38
C SER D 113 -5.17 -34.39 7.06
N PHE D 114 -6.31 -34.55 6.41
CA PHE D 114 -7.60 -34.09 6.90
C PHE D 114 -8.45 -35.32 7.22
N GLU D 115 -8.68 -35.56 8.51
CA GLU D 115 -9.46 -36.70 8.99
C GLU D 115 -10.55 -36.19 9.92
N ARG D 116 -11.80 -36.25 9.47
CA ARG D 116 -12.91 -35.92 10.34
C ARG D 116 -13.09 -37.00 11.40
N PHE D 117 -13.10 -36.60 12.67
CA PHE D 117 -13.23 -37.54 13.76
C PHE D 117 -14.18 -36.98 14.80
N GLU D 118 -14.73 -37.89 15.62
CA GLU D 118 -15.62 -37.52 16.71
C GLU D 118 -14.77 -36.99 17.86
N ILE D 119 -14.58 -35.67 17.90
CA ILE D 119 -13.95 -35.05 19.06
C ILE D 119 -14.80 -35.27 20.31
N PHE D 120 -16.12 -35.18 20.18
CA PHE D 120 -17.05 -35.54 21.25
C PHE D 120 -18.19 -36.32 20.61
N PRO D 121 -18.22 -37.65 20.77
CA PRO D 121 -19.26 -38.46 20.13
C PRO D 121 -20.65 -38.08 20.62
N LYS D 122 -21.60 -38.06 19.70
CA LYS D 122 -22.97 -37.69 20.04
C LYS D 122 -23.61 -38.68 20.99
N THR D 123 -23.17 -39.95 20.95
CA THR D 123 -23.84 -41.00 21.72
C THR D 123 -23.62 -40.83 23.22
N SER D 124 -22.41 -40.43 23.64
CA SER D 124 -22.07 -40.47 25.06
C SER D 124 -21.45 -39.21 25.62
N SER D 125 -20.96 -38.28 24.81
CA SER D 125 -20.19 -37.16 25.35
C SER D 125 -21.04 -36.08 25.99
N TRP D 126 -22.35 -36.03 25.70
CA TRP D 126 -23.24 -35.02 26.27
C TRP D 126 -24.36 -35.72 27.04
N PRO D 127 -24.10 -36.14 28.27
CA PRO D 127 -25.15 -36.89 28.99
C PRO D 127 -26.31 -36.03 29.45
N ASN D 128 -26.05 -34.79 29.86
CA ASN D 128 -27.03 -33.97 30.55
C ASN D 128 -27.70 -32.94 29.65
N HIS D 129 -27.50 -33.03 28.34
CA HIS D 129 -28.09 -32.07 27.41
C HIS D 129 -28.85 -32.81 26.32
N ASP D 130 -29.89 -32.16 25.80
CA ASP D 130 -30.73 -32.72 24.76
C ASP D 130 -30.11 -32.42 23.40
N SER D 131 -29.77 -33.46 22.65
CA SER D 131 -29.08 -33.30 21.37
C SER D 131 -29.99 -33.49 20.16
N ASN D 132 -31.07 -34.25 20.31
CA ASN D 132 -31.98 -34.48 19.18
C ASN D 132 -32.89 -33.29 18.91
N LYS D 133 -33.19 -32.48 19.94
CA LYS D 133 -34.14 -31.39 19.79
C LYS D 133 -33.60 -30.24 18.95
N GLY D 134 -32.28 -30.17 18.77
CA GLY D 134 -31.68 -29.07 18.03
C GLY D 134 -31.77 -29.19 16.52
N VAL D 135 -32.98 -29.07 15.97
CA VAL D 135 -33.21 -29.09 14.53
C VAL D 135 -33.95 -27.83 14.13
N THR D 136 -33.61 -27.28 12.96
CA THR D 136 -34.16 -26.02 12.50
C THR D 136 -34.66 -26.17 11.06
N ALA D 137 -35.60 -25.29 10.70
CA ALA D 137 -36.10 -25.25 9.33
C ALA D 137 -35.17 -24.53 8.37
N ALA D 138 -34.13 -23.86 8.89
CA ALA D 138 -33.15 -23.22 8.02
C ALA D 138 -32.37 -24.26 7.23
N CYS D 139 -32.05 -25.39 7.83
CA CYS D 139 -31.52 -26.54 7.11
C CYS D 139 -32.60 -27.61 6.95
N PRO D 140 -33.36 -27.61 5.85
CA PRO D 140 -34.24 -28.74 5.58
C PRO D 140 -33.53 -29.81 4.76
N HIS D 141 -33.73 -31.06 5.16
CA HIS D 141 -33.21 -32.20 4.43
C HIS D 141 -34.35 -33.17 4.19
N ALA D 142 -34.65 -33.42 2.91
CA ALA D 142 -35.79 -34.25 2.49
C ALA D 142 -37.10 -33.69 3.04
N GLY D 143 -37.20 -32.36 3.11
CA GLY D 143 -38.40 -31.70 3.56
C GLY D 143 -38.63 -31.71 5.06
N ALA D 144 -37.70 -32.24 5.84
CA ALA D 144 -37.83 -32.32 7.29
C ALA D 144 -36.79 -31.45 7.97
N LYS D 145 -37.15 -30.93 9.15
CA LYS D 145 -36.24 -30.09 9.91
C LYS D 145 -35.01 -30.89 10.34
N SER D 146 -33.84 -30.35 10.06
CA SER D 146 -32.58 -30.98 10.45
C SER D 146 -31.61 -29.89 10.89
N PHE D 147 -30.34 -30.25 11.05
CA PHE D 147 -29.32 -29.30 11.44
C PHE D 147 -27.97 -29.87 10.96
N TYR D 148 -26.90 -29.16 11.29
CA TYR D 148 -25.55 -29.54 10.88
C TYR D 148 -25.16 -30.89 11.45
N LYS D 149 -24.43 -31.67 10.66
CA LYS D 149 -23.93 -32.96 11.12
C LYS D 149 -22.68 -32.80 11.98
N ASN D 150 -21.81 -31.84 11.64
CA ASN D 150 -20.56 -31.65 12.35
C ASN D 150 -20.72 -30.89 13.66
N LEU D 151 -21.90 -30.34 13.94
CA LEU D 151 -22.16 -29.61 15.17
C LEU D 151 -23.47 -30.12 15.78
N ILE D 152 -23.57 -29.99 17.10
CA ILE D 152 -24.80 -30.30 17.82
C ILE D 152 -25.29 -29.02 18.48
N TRP D 153 -26.51 -28.63 18.16
CA TRP D 153 -27.12 -27.43 18.74
C TRP D 153 -27.82 -27.89 20.01
N LEU D 154 -27.07 -27.89 21.11
CA LEU D 154 -27.60 -28.37 22.38
C LEU D 154 -28.67 -27.43 22.91
N VAL D 155 -29.70 -28.04 23.51
CA VAL D 155 -30.81 -27.34 24.14
C VAL D 155 -30.92 -27.94 25.54
N LYS D 156 -31.54 -27.20 26.46
CA LYS D 156 -31.73 -27.71 27.82
C LYS D 156 -32.48 -29.03 27.79
N LYS D 157 -32.06 -29.96 28.64
CA LYS D 157 -32.71 -31.26 28.77
C LYS D 157 -33.55 -31.24 30.04
N GLY D 158 -34.86 -31.36 29.86
CA GLY D 158 -35.78 -31.22 30.98
C GLY D 158 -36.23 -29.78 31.17
N ASN D 159 -35.78 -29.14 32.25
CA ASN D 159 -36.05 -27.74 32.48
C ASN D 159 -34.82 -27.00 33.01
N SER D 160 -33.62 -27.47 32.67
CA SER D 160 -32.41 -26.86 33.17
C SER D 160 -31.25 -27.12 32.22
N TYR D 161 -30.37 -26.12 32.11
CA TYR D 161 -29.14 -26.24 31.34
C TYR D 161 -27.96 -26.23 32.29
N PRO D 162 -27.31 -27.36 32.54
CA PRO D 162 -26.18 -27.38 33.47
C PRO D 162 -24.97 -26.67 32.88
N LYS D 163 -24.01 -26.37 33.75
CA LYS D 163 -22.78 -25.72 33.33
C LYS D 163 -21.93 -26.73 32.59
N LEU D 164 -22.01 -26.71 31.27
CA LEU D 164 -21.34 -27.67 30.41
C LEU D 164 -19.83 -27.57 30.53
N SER D 165 -19.19 -28.59 31.09
CA SER D 165 -17.74 -28.68 31.15
C SER D 165 -17.29 -29.86 30.31
N LYS D 166 -16.43 -29.61 29.33
CA LYS D 166 -15.97 -30.67 28.43
C LYS D 166 -14.66 -30.23 27.81
N SER D 167 -13.66 -31.12 27.85
CA SER D 167 -12.31 -30.79 27.41
C SER D 167 -11.82 -31.85 26.44
N TYR D 168 -10.91 -31.45 25.55
CA TYR D 168 -10.25 -32.36 24.63
C TYR D 168 -8.76 -32.12 24.68
N ILE D 169 -8.02 -33.04 25.31
CA ILE D 169 -6.58 -33.01 25.29
C ILE D 169 -6.14 -33.58 23.95
N ASN D 170 -5.59 -32.73 23.08
CA ASN D 170 -5.18 -33.16 21.74
C ASN D 170 -4.07 -34.18 21.83
N ASP D 171 -4.33 -35.38 21.29
CA ASP D 171 -3.41 -36.50 21.35
C ASP D 171 -3.24 -37.14 19.98
N LYS D 172 -3.23 -36.32 18.93
CA LYS D 172 -3.09 -36.83 17.58
C LYS D 172 -1.89 -36.27 16.84
N GLY D 173 -1.14 -35.35 17.44
CA GLY D 173 0.08 -34.83 16.85
C GLY D 173 -0.11 -33.85 15.71
N LYS D 174 -1.35 -33.44 15.42
CA LYS D 174 -1.63 -32.47 14.38
C LYS D 174 -2.69 -31.50 14.89
N GLU D 175 -2.77 -30.34 14.22
CA GLU D 175 -3.63 -29.25 14.66
C GLU D 175 -5.10 -29.63 14.48
N VAL D 176 -5.77 -29.91 15.60
CA VAL D 176 -7.19 -30.26 15.56
C VAL D 176 -8.01 -29.00 15.45
N LEU D 177 -8.76 -28.86 14.35
CA LEU D 177 -9.57 -27.68 14.10
C LEU D 177 -10.93 -27.87 14.76
N VAL D 178 -11.23 -27.04 15.75
CA VAL D 178 -12.44 -27.15 16.56
C VAL D 178 -13.40 -26.04 16.14
N LEU D 179 -14.70 -26.36 16.06
CA LEU D 179 -15.71 -25.41 15.62
C LEU D 179 -16.89 -25.42 16.58
N TRP D 180 -17.31 -24.24 17.01
CA TRP D 180 -18.50 -24.11 17.83
C TRP D 180 -19.31 -22.93 17.34
N GLY D 181 -20.59 -22.93 17.68
CA GLY D 181 -21.47 -21.82 17.37
C GLY D 181 -22.04 -21.22 18.64
N ILE D 182 -22.38 -19.95 18.58
CA ILE D 182 -23.04 -19.25 19.68
C ILE D 182 -24.37 -18.73 19.16
N HIS D 183 -25.45 -19.11 19.84
CA HIS D 183 -26.79 -18.74 19.39
C HIS D 183 -27.20 -17.40 20.01
N HIS D 184 -27.68 -16.50 19.16
CA HIS D 184 -28.25 -15.24 19.62
C HIS D 184 -29.74 -15.26 19.37
N PRO D 185 -30.57 -15.52 20.38
CA PRO D 185 -32.01 -15.66 20.17
C PRO D 185 -32.65 -14.34 19.76
N SER D 186 -33.94 -14.43 19.43
CA SER D 186 -34.70 -13.27 19.01
C SER D 186 -35.31 -12.52 20.18
N THR D 187 -35.78 -13.25 21.18
CA THR D 187 -36.43 -12.65 22.34
C THR D 187 -35.93 -13.34 23.60
N SER D 188 -36.18 -12.70 24.74
CA SER D 188 -35.81 -13.30 26.02
C SER D 188 -36.62 -14.56 26.29
N ALA D 189 -37.84 -14.64 25.74
CA ALA D 189 -38.63 -15.86 25.84
C ALA D 189 -37.94 -17.02 25.14
N ASP D 190 -37.37 -16.77 23.96
CA ASP D 190 -36.61 -17.80 23.27
C ASP D 190 -35.40 -18.23 24.10
N GLN D 191 -34.71 -17.27 24.70
CA GLN D 191 -33.55 -17.58 25.54
C GLN D 191 -33.93 -18.47 26.72
N GLN D 192 -35.03 -18.12 27.42
CA GLN D 192 -35.47 -18.89 28.56
C GLN D 192 -35.95 -20.28 28.13
N SER D 193 -36.69 -20.37 27.02
CA SER D 193 -37.22 -21.64 26.57
C SER D 193 -36.18 -22.54 25.93
N LEU D 194 -35.02 -22.00 25.56
CA LEU D 194 -33.97 -22.80 24.95
C LEU D 194 -32.86 -23.17 25.93
N TYR D 195 -32.35 -22.21 26.69
CA TYR D 195 -31.18 -22.43 27.53
C TYR D 195 -31.38 -22.13 29.00
N GLN D 196 -32.59 -21.69 29.42
CA GLN D 196 -33.05 -21.65 30.81
C GLN D 196 -32.36 -20.54 31.62
N ASN D 197 -31.37 -19.87 31.04
CA ASN D 197 -30.63 -18.84 31.76
C ASN D 197 -30.64 -17.55 30.96
N ALA D 198 -30.90 -16.44 31.63
CA ALA D 198 -30.85 -15.14 30.96
C ALA D 198 -29.41 -14.75 30.65
N ASP D 199 -28.54 -14.77 31.66
CA ASP D 199 -27.12 -14.59 31.44
C ASP D 199 -26.47 -15.94 31.11
N THR D 200 -25.75 -15.98 30.00
CA THR D 200 -25.09 -17.21 29.55
C THR D 200 -23.75 -16.82 28.95
N TYR D 201 -22.67 -17.20 29.63
CA TYR D 201 -21.33 -17.04 29.09
C TYR D 201 -20.88 -18.34 28.46
N VAL D 202 -20.20 -18.23 27.32
CA VAL D 202 -19.51 -19.36 26.70
C VAL D 202 -18.04 -19.03 26.67
N PHE D 203 -17.23 -19.90 27.24
CA PHE D 203 -15.79 -19.71 27.30
C PHE D 203 -15.10 -20.86 26.61
N VAL D 204 -14.19 -20.56 25.69
CA VAL D 204 -13.41 -21.56 24.98
C VAL D 204 -11.94 -21.24 25.23
N GLY D 205 -11.31 -22.00 26.13
CA GLY D 205 -9.93 -21.77 26.48
C GLY D 205 -8.96 -22.71 25.77
N SER D 206 -7.72 -22.26 25.69
CA SER D 206 -6.63 -23.00 25.05
C SER D 206 -5.33 -22.38 25.57
N SER D 207 -4.19 -22.78 25.00
CA SER D 207 -2.93 -22.14 25.38
C SER D 207 -2.67 -20.87 24.59
N ARG D 208 -3.46 -20.58 23.55
CA ARG D 208 -3.29 -19.35 22.80
C ARG D 208 -4.61 -18.69 22.44
N TYR D 209 -5.74 -19.19 22.94
CA TYR D 209 -7.04 -18.64 22.60
C TYR D 209 -7.91 -18.62 23.83
N SER D 210 -8.55 -17.47 24.09
CA SER D 210 -9.40 -17.31 25.27
C SER D 210 -10.37 -16.18 24.99
N LYS D 211 -11.66 -16.50 24.89
CA LYS D 211 -12.70 -15.49 24.66
C LYS D 211 -13.95 -15.85 25.45
N LYS D 212 -14.71 -14.83 25.79
CA LYS D 212 -15.98 -14.97 26.49
C LYS D 212 -17.09 -14.44 25.60
N PHE D 213 -18.12 -15.26 25.39
CA PHE D 213 -19.20 -14.94 24.47
C PHE D 213 -20.50 -14.76 25.24
N LYS D 214 -21.29 -13.77 24.83
CA LYS D 214 -22.60 -13.54 25.41
C LYS D 214 -23.60 -13.29 24.28
N PRO D 215 -24.85 -13.66 24.48
CA PRO D 215 -25.86 -13.47 23.43
C PRO D 215 -26.19 -12.00 23.22
N GLU D 216 -26.68 -11.72 22.01
CA GLU D 216 -27.20 -10.40 21.64
C GLU D 216 -28.67 -10.61 21.31
N ILE D 217 -29.51 -10.53 22.32
CA ILE D 217 -30.92 -10.92 22.21
C ILE D 217 -31.74 -9.70 21.80
N ALA D 218 -32.20 -9.71 20.55
CA ALA D 218 -33.07 -8.66 20.02
C ALA D 218 -33.66 -9.13 18.71
N ILE D 219 -34.87 -8.64 18.42
CA ILE D 219 -35.58 -9.03 17.21
C ILE D 219 -34.88 -8.44 16.00
N ARG D 220 -34.67 -9.26 14.97
CA ARG D 220 -33.94 -8.91 13.76
C ARG D 220 -34.83 -9.08 12.54
N PRO D 221 -34.49 -8.41 11.43
CA PRO D 221 -35.19 -8.70 10.17
C PRO D 221 -35.02 -10.15 9.75
N LYS D 222 -36.07 -10.71 9.17
CA LYS D 222 -36.09 -12.12 8.82
C LYS D 222 -35.08 -12.42 7.71
N VAL D 223 -34.24 -13.42 7.95
CA VAL D 223 -33.37 -13.97 6.91
C VAL D 223 -33.57 -15.49 6.94
N ARG D 224 -34.05 -16.04 5.82
CA ARG D 224 -34.35 -17.47 5.70
C ARG D 224 -35.32 -17.92 6.80
N ASP D 225 -36.34 -17.11 7.05
CA ASP D 225 -37.44 -17.38 7.98
C ASP D 225 -36.93 -17.52 9.41
N GLN D 226 -35.77 -16.92 9.71
CA GLN D 226 -35.21 -16.93 11.05
C GLN D 226 -34.87 -15.51 11.46
N GLU D 227 -35.33 -15.09 12.63
CA GLU D 227 -35.05 -13.76 13.16
C GLU D 227 -33.86 -13.73 14.11
N GLY D 228 -33.18 -14.85 14.30
CA GLY D 228 -32.02 -14.90 15.17
C GLY D 228 -30.76 -15.25 14.41
N ARG D 229 -29.59 -14.89 14.95
CA ARG D 229 -28.33 -15.19 14.30
C ARG D 229 -27.59 -16.28 15.05
N MET D 230 -26.63 -16.89 14.36
CA MET D 230 -25.83 -18.00 14.88
C MET D 230 -24.40 -17.73 14.44
N ASN D 231 -23.63 -17.03 15.26
CA ASN D 231 -22.25 -16.73 14.92
C ASN D 231 -21.37 -17.94 15.19
N TYR D 232 -20.53 -18.28 14.23
CA TYR D 232 -19.63 -19.43 14.30
C TYR D 232 -18.22 -18.98 14.62
N TYR D 233 -17.59 -19.65 15.57
CA TYR D 233 -16.22 -19.41 15.98
C TYR D 233 -15.41 -20.69 15.80
N TRP D 234 -14.09 -20.54 15.83
CA TRP D 234 -13.21 -21.67 15.65
C TRP D 234 -11.85 -21.36 16.26
N THR D 235 -11.07 -22.42 16.49
CA THR D 235 -9.69 -22.28 16.91
C THR D 235 -8.91 -23.50 16.45
N LEU D 236 -7.59 -23.36 16.41
CA LEU D 236 -6.69 -24.41 15.97
C LEU D 236 -5.91 -24.92 17.18
N VAL D 237 -6.38 -26.03 17.76
CA VAL D 237 -5.71 -26.61 18.92
C VAL D 237 -4.40 -27.23 18.47
N GLU D 238 -3.30 -26.84 19.13
CA GLU D 238 -1.97 -27.28 18.74
C GLU D 238 -1.79 -28.74 19.19
N PRO D 239 -0.85 -29.48 18.62
CA PRO D 239 -0.58 -30.83 19.12
C PRO D 239 -0.12 -30.81 20.57
N GLY D 240 -0.77 -31.64 21.39
CA GLY D 240 -0.50 -31.68 22.80
C GLY D 240 -1.20 -30.62 23.61
N ASP D 241 -1.97 -29.74 22.98
CA ASP D 241 -2.64 -28.65 23.68
C ASP D 241 -3.93 -29.18 24.32
N LYS D 242 -4.67 -28.26 24.93
CA LYS D 242 -5.96 -28.58 25.55
C LYS D 242 -6.95 -27.50 25.16
N ILE D 243 -8.22 -27.90 25.01
CA ILE D 243 -9.32 -26.97 24.77
C ILE D 243 -10.39 -27.22 25.82
N THR D 244 -11.03 -26.15 26.29
CA THR D 244 -11.97 -26.23 27.39
C THR D 244 -13.25 -25.50 27.00
N PHE D 245 -14.36 -26.25 26.94
CA PHE D 245 -15.66 -25.70 26.60
C PHE D 245 -16.48 -25.54 27.86
N GLU D 246 -16.70 -24.29 28.27
CA GLU D 246 -17.57 -23.96 29.40
C GLU D 246 -18.73 -23.15 28.87
N ALA D 247 -19.95 -23.48 29.28
CA ALA D 247 -21.11 -22.79 28.75
C ALA D 247 -22.29 -22.94 29.69
N THR D 248 -22.95 -21.84 30.01
CA THR D 248 -24.23 -21.85 30.68
C THR D 248 -25.39 -21.85 29.69
N GLY D 249 -25.09 -21.66 28.40
CA GLY D 249 -26.11 -21.74 27.38
C GLY D 249 -25.58 -21.18 26.07
N ASN D 250 -26.40 -21.36 25.03
CA ASN D 250 -26.14 -20.80 23.69
C ASN D 250 -24.82 -21.31 23.12
N LEU D 251 -24.60 -22.62 23.21
CA LEU D 251 -23.41 -23.24 22.64
C LEU D 251 -23.84 -24.35 21.69
N VAL D 252 -23.27 -24.34 20.48
CA VAL D 252 -23.46 -25.39 19.50
C VAL D 252 -22.16 -26.16 19.40
N VAL D 253 -22.07 -27.25 20.16
CA VAL D 253 -20.83 -27.96 20.46
C VAL D 253 -20.29 -28.71 19.23
N PRO D 254 -18.99 -29.01 19.16
CA PRO D 254 -18.44 -29.77 18.02
C PRO D 254 -18.75 -31.25 18.13
N ARG D 255 -19.64 -31.74 17.26
CA ARG D 255 -19.79 -33.18 17.10
C ARG D 255 -18.56 -33.77 16.43
N TYR D 256 -18.12 -33.16 15.33
CA TYR D 256 -16.95 -33.57 14.60
C TYR D 256 -15.96 -32.41 14.53
N ALA D 257 -14.75 -32.64 15.01
CA ALA D 257 -13.63 -31.76 14.68
C ALA D 257 -12.82 -32.43 13.59
N PHE D 258 -11.69 -31.83 13.22
CA PHE D 258 -10.99 -32.24 12.01
C PHE D 258 -9.49 -32.21 12.28
N ALA D 259 -8.89 -33.39 12.44
CA ALA D 259 -7.44 -33.50 12.50
C ALA D 259 -6.83 -32.96 11.22
N MET D 260 -5.90 -32.02 11.36
CA MET D 260 -5.54 -31.16 10.25
C MET D 260 -4.08 -30.72 10.37
N GLU D 261 -3.35 -30.79 9.27
CA GLU D 261 -2.02 -30.20 9.20
C GLU D 261 -1.90 -29.41 7.90
N ARG D 262 -1.41 -28.18 8.00
CA ARG D 262 -1.30 -27.30 6.85
C ARG D 262 -0.03 -27.58 6.05
N ASN D 263 -0.10 -27.29 4.75
CA ASN D 263 1.05 -27.37 3.86
C ASN D 263 1.09 -26.13 2.98
N ALA D 264 1.77 -25.09 3.47
CA ALA D 264 2.18 -23.87 2.75
C ALA D 264 1.03 -22.95 2.36
N GLY D 265 -0.23 -23.32 2.62
CA GLY D 265 -1.35 -22.46 2.29
C GLY D 265 -1.67 -22.41 0.81
N SER D 266 -2.94 -22.16 0.47
CA SER D 266 -3.37 -22.13 -0.91
C SER D 266 -4.55 -21.16 -1.04
N GLY D 267 -5.25 -21.24 -2.17
CA GLY D 267 -6.40 -20.40 -2.43
C GLY D 267 -7.67 -21.18 -2.72
N ILE D 268 -8.73 -20.47 -3.09
CA ILE D 268 -10.03 -21.07 -3.38
C ILE D 268 -10.42 -20.70 -4.81
N ILE D 269 -10.72 -21.71 -5.61
CA ILE D 269 -11.06 -21.54 -7.01
C ILE D 269 -12.58 -21.62 -7.14
N ILE D 270 -13.21 -20.50 -7.51
CA ILE D 270 -14.66 -20.43 -7.66
C ILE D 270 -14.98 -20.44 -9.15
N SER D 271 -15.60 -21.52 -9.63
CA SER D 271 -15.92 -21.63 -11.05
C SER D 271 -17.03 -22.65 -11.25
N ASP D 272 -17.62 -22.60 -12.45
CA ASP D 272 -18.60 -23.58 -12.92
C ASP D 272 -17.94 -24.79 -13.59
N THR D 273 -16.62 -24.83 -13.61
CA THR D 273 -15.89 -25.80 -14.42
C THR D 273 -16.03 -27.21 -13.85
N PRO D 274 -16.27 -28.21 -14.69
CA PRO D 274 -16.29 -29.60 -14.22
C PRO D 274 -14.91 -30.07 -13.77
N VAL D 275 -14.91 -30.98 -12.81
CA VAL D 275 -13.68 -31.57 -12.27
C VAL D 275 -13.39 -32.87 -12.98
N HIS D 276 -12.15 -33.03 -13.45
CA HIS D 276 -11.73 -34.21 -14.19
C HIS D 276 -10.33 -34.59 -13.70
N ASP D 277 -9.86 -35.76 -14.11
CA ASP D 277 -8.54 -36.27 -13.72
C ASP D 277 -7.50 -35.81 -14.73
N CYS D 278 -6.57 -34.97 -14.29
CA CYS D 278 -5.46 -34.50 -15.12
C CYS D 278 -4.22 -34.39 -14.23
N ASN D 279 -3.20 -33.72 -14.74
CA ASN D 279 -2.00 -33.43 -13.95
C ASN D 279 -1.45 -32.10 -14.47
N THR D 280 -1.79 -31.01 -13.77
CA THR D 280 -1.49 -29.67 -14.22
C THR D 280 -0.69 -28.90 -13.17
N THR D 281 0.27 -28.10 -13.63
CA THR D 281 1.09 -27.30 -12.73
C THR D 281 0.38 -26.04 -12.26
N CYS D 282 -0.51 -25.48 -13.07
CA CYS D 282 -1.22 -24.25 -12.75
C CYS D 282 -2.71 -24.46 -12.95
N GLN D 283 -3.52 -23.79 -12.12
CA GLN D 283 -4.96 -23.90 -12.22
C GLN D 283 -5.62 -22.54 -12.02
N THR D 284 -6.55 -22.21 -12.91
CA THR D 284 -7.35 -20.99 -12.84
C THR D 284 -8.81 -21.39 -12.95
N PRO D 285 -9.74 -20.54 -12.48
CA PRO D 285 -11.17 -20.90 -12.56
C PRO D 285 -11.67 -21.18 -13.97
N LYS D 286 -11.20 -20.44 -14.98
CA LYS D 286 -11.62 -20.71 -16.35
C LYS D 286 -11.18 -22.10 -16.80
N GLY D 287 -9.90 -22.40 -16.66
CA GLY D 287 -9.40 -23.74 -16.94
C GLY D 287 -7.96 -23.93 -16.54
N ALA D 288 -7.57 -25.17 -16.26
CA ALA D 288 -6.20 -25.44 -15.83
C ALA D 288 -5.22 -25.13 -16.95
N ILE D 289 -4.00 -24.79 -16.56
CA ILE D 289 -2.97 -24.30 -17.47
C ILE D 289 -1.78 -25.23 -17.34
N ASN D 290 -1.62 -26.13 -18.32
CA ASN D 290 -0.45 -27.00 -18.39
C ASN D 290 0.48 -26.45 -19.49
N THR D 291 1.28 -25.46 -19.13
CA THR D 291 2.29 -24.90 -20.01
C THR D 291 3.52 -24.53 -19.19
N SER D 292 4.66 -24.45 -19.88
CA SER D 292 5.92 -24.03 -19.30
C SER D 292 6.25 -22.57 -19.61
N LEU D 293 5.25 -21.77 -20.01
CA LEU D 293 5.53 -20.44 -20.52
C LEU D 293 5.39 -19.39 -19.43
N PRO D 294 6.12 -18.27 -19.50
CA PRO D 294 6.18 -17.34 -18.37
C PRO D 294 4.96 -16.44 -18.21
N PHE D 295 4.25 -16.12 -19.28
CA PHE D 295 3.17 -15.14 -19.24
C PHE D 295 1.86 -15.77 -19.67
N GLN D 296 0.80 -15.49 -18.93
CA GLN D 296 -0.56 -15.97 -19.20
C GLN D 296 -1.48 -14.78 -19.39
N ASN D 297 -2.69 -15.07 -19.88
CA ASN D 297 -3.74 -14.06 -19.95
C ASN D 297 -5.11 -14.59 -19.54
N ILE D 298 -5.19 -15.84 -19.08
CA ILE D 298 -6.49 -16.47 -18.85
C ILE D 298 -7.23 -15.80 -17.69
N HIS D 299 -6.57 -15.67 -16.53
CA HIS D 299 -7.29 -15.18 -15.37
C HIS D 299 -6.32 -14.64 -14.35
N PRO D 300 -6.65 -13.56 -13.64
CA PRO D 300 -5.76 -13.09 -12.55
C PRO D 300 -5.66 -14.07 -11.40
N ILE D 301 -6.78 -14.62 -10.94
CA ILE D 301 -6.80 -15.49 -9.77
C ILE D 301 -6.21 -16.83 -10.16
N THR D 302 -4.98 -17.10 -9.70
CA THR D 302 -4.24 -18.30 -10.07
C THR D 302 -3.69 -18.98 -8.83
N ILE D 303 -3.63 -20.31 -8.87
CA ILE D 303 -3.07 -21.10 -7.80
C ILE D 303 -2.09 -22.11 -8.38
N GLY D 304 -0.91 -22.20 -7.77
CA GLY D 304 0.10 -23.14 -8.22
C GLY D 304 1.38 -22.48 -8.67
N LYS D 305 2.21 -23.22 -9.41
CA LYS D 305 3.41 -22.69 -10.03
C LYS D 305 3.05 -21.98 -11.34
N CYS D 306 2.22 -20.95 -11.20
CA CYS D 306 1.52 -20.34 -12.32
C CYS D 306 2.38 -19.27 -13.01
N PRO D 307 2.12 -19.02 -14.29
CA PRO D 307 2.74 -17.87 -14.96
C PRO D 307 2.19 -16.56 -14.42
N LYS D 308 2.87 -15.46 -14.74
CA LYS D 308 2.41 -14.14 -14.38
C LYS D 308 1.31 -13.67 -15.32
N TYR D 309 0.28 -13.05 -14.75
CA TYR D 309 -0.87 -12.59 -15.52
C TYR D 309 -0.59 -11.21 -16.11
N VAL D 310 -0.88 -11.06 -17.41
CA VAL D 310 -0.74 -9.80 -18.11
C VAL D 310 -2.05 -9.47 -18.79
N LYS D 311 -2.12 -8.27 -19.35
CA LYS D 311 -3.28 -7.82 -20.13
C LYS D 311 -3.03 -7.92 -21.62
N SER D 312 -1.97 -8.61 -22.03
CA SER D 312 -1.57 -8.62 -23.42
C SER D 312 -2.38 -9.64 -24.23
N THR D 313 -2.28 -9.53 -25.55
CA THR D 313 -2.89 -10.48 -26.46
C THR D 313 -1.92 -11.08 -27.46
N LYS D 314 -0.79 -10.42 -27.75
CA LYS D 314 0.22 -10.91 -28.69
C LYS D 314 1.59 -10.73 -28.04
N LEU D 315 2.04 -11.74 -27.30
CA LEU D 315 3.39 -11.75 -26.73
C LEU D 315 4.29 -12.73 -27.47
N ARG D 316 4.08 -12.86 -28.78
CA ARG D 316 4.87 -13.78 -29.60
C ARG D 316 6.32 -13.34 -29.61
N LEU D 317 7.21 -14.19 -29.09
CA LEU D 317 8.63 -13.92 -29.10
C LEU D 317 9.21 -14.39 -30.43
N ALA D 318 9.85 -13.48 -31.14
CA ALA D 318 10.46 -13.82 -32.42
C ALA D 318 11.60 -14.80 -32.21
N THR D 319 11.55 -15.91 -32.93
CA THR D 319 12.60 -16.92 -32.93
C THR D 319 13.25 -17.05 -34.30
N GLY D 320 12.45 -17.07 -35.36
CA GLY D 320 12.96 -17.08 -36.71
C GLY D 320 13.24 -15.68 -37.22
N LEU D 321 13.43 -15.59 -38.52
CA LEU D 321 13.93 -14.37 -39.14
C LEU D 321 12.75 -13.55 -39.66
N ARG D 322 13.05 -12.37 -40.20
CA ARG D 322 12.03 -11.59 -40.88
C ARG D 322 11.57 -12.36 -42.11
N ASN D 323 10.26 -12.48 -42.27
CA ASN D 323 9.67 -13.35 -43.30
C ASN D 323 9.20 -12.48 -44.46
N ILE D 324 10.07 -12.27 -45.43
CA ILE D 324 9.68 -11.59 -46.67
C ILE D 324 9.71 -12.63 -47.80
N PRO D 325 8.56 -13.16 -48.22
CA PRO D 325 8.53 -14.16 -49.29
C PRO D 325 8.81 -13.55 -50.66
N ASP E 1 58.16 -9.41 -41.04
CA ASP E 1 59.36 -8.80 -41.63
C ASP E 1 59.13 -8.30 -43.08
N PRO E 2 58.42 -9.05 -43.95
CA PRO E 2 57.97 -8.42 -45.21
C PRO E 2 57.07 -7.21 -44.98
N GLY E 3 56.25 -7.25 -43.95
CA GLY E 3 55.44 -6.11 -43.57
C GLY E 3 55.41 -5.93 -42.07
N ASP E 4 55.44 -4.69 -41.60
CA ASP E 4 55.43 -4.40 -40.18
C ASP E 4 53.98 -4.47 -39.69
N THR E 5 53.59 -5.63 -39.18
CA THR E 5 52.19 -5.86 -38.82
C THR E 5 51.80 -5.03 -37.61
N LEU E 6 50.55 -4.58 -37.60
CA LEU E 6 50.02 -3.70 -36.55
C LEU E 6 48.69 -4.27 -36.05
N CYS E 7 48.75 -5.54 -35.63
CA CYS E 7 47.57 -6.32 -35.28
C CYS E 7 46.72 -5.63 -34.23
N ILE E 8 45.40 -5.69 -34.42
CA ILE E 8 44.43 -5.21 -33.44
C ILE E 8 43.90 -6.41 -32.68
N GLY E 9 43.89 -6.31 -31.35
CA GLY E 9 43.43 -7.40 -30.52
C GLY E 9 42.88 -6.88 -29.22
N TYR E 10 42.46 -7.81 -28.37
CA TYR E 10 41.86 -7.47 -27.09
C TYR E 10 42.58 -8.19 -25.95
N HIS E 11 42.64 -7.51 -24.81
CA HIS E 11 43.35 -7.99 -23.64
C HIS E 11 42.77 -9.30 -23.12
N ALA E 12 43.65 -10.24 -22.80
CA ALA E 12 43.28 -11.51 -22.19
C ALA E 12 44.22 -11.77 -21.02
N ASN E 13 43.74 -12.53 -20.04
CA ASN E 13 44.52 -12.80 -18.84
C ASN E 13 44.10 -14.16 -18.29
N ASN E 14 44.62 -14.49 -17.11
CA ASN E 14 44.32 -15.74 -16.42
C ASN E 14 43.21 -15.49 -15.41
N SER E 15 41.99 -15.36 -15.92
CA SER E 15 40.81 -15.07 -15.10
C SER E 15 39.76 -16.14 -15.34
N THR E 16 39.24 -16.69 -14.24
CA THR E 16 38.20 -17.69 -14.28
C THR E 16 36.82 -17.10 -13.99
N ASP E 17 36.68 -15.78 -14.03
CA ASP E 17 35.38 -15.14 -13.83
C ASP E 17 34.43 -15.52 -14.96
N THR E 18 33.23 -15.95 -14.60
CA THR E 18 32.23 -16.39 -15.55
C THR E 18 30.99 -15.53 -15.41
N VAL E 19 30.43 -15.10 -16.55
CA VAL E 19 29.19 -14.35 -16.57
C VAL E 19 28.22 -15.05 -17.51
N ASP E 20 26.94 -14.77 -17.32
CA ASP E 20 25.87 -15.37 -18.09
C ASP E 20 25.27 -14.32 -19.00
N THR E 21 25.27 -14.59 -20.31
CA THR E 21 24.65 -13.69 -21.27
C THR E 21 23.32 -14.28 -21.73
N VAL E 22 22.63 -13.56 -22.60
CA VAL E 22 21.33 -14.00 -23.09
C VAL E 22 21.46 -14.92 -24.29
N LEU E 23 22.68 -15.11 -24.80
CA LEU E 23 22.93 -16.00 -25.93
C LEU E 23 23.72 -17.22 -25.50
N GLU E 24 24.89 -17.02 -24.91
CA GLU E 24 25.69 -18.10 -24.33
C GLU E 24 25.50 -18.09 -22.81
N LYS E 25 25.88 -19.19 -22.16
CA LYS E 25 25.62 -19.33 -20.73
C LYS E 25 26.87 -19.29 -19.87
N ASN E 26 27.95 -19.95 -20.29
CA ASN E 26 29.26 -19.79 -19.66
C ASN E 26 30.20 -19.10 -20.64
N VAL E 27 30.63 -17.89 -20.28
CA VAL E 27 31.70 -17.18 -20.97
C VAL E 27 32.64 -16.61 -19.91
N THR E 28 33.93 -16.63 -20.22
CA THR E 28 34.95 -16.10 -19.33
C THR E 28 35.29 -14.68 -19.73
N VAL E 29 35.42 -13.80 -18.74
CA VAL E 29 35.69 -12.39 -18.98
C VAL E 29 36.89 -11.94 -18.16
N THR E 30 37.60 -10.93 -18.67
CA THR E 30 38.84 -10.48 -18.05
C THR E 30 38.58 -9.85 -16.69
N HIS E 31 37.65 -8.90 -16.62
CA HIS E 31 37.28 -8.24 -15.37
C HIS E 31 35.77 -8.24 -15.23
N SER E 32 35.31 -8.17 -13.98
CA SER E 32 33.88 -8.09 -13.71
C SER E 32 33.68 -7.54 -12.31
N VAL E 33 32.48 -7.01 -12.08
CA VAL E 33 32.05 -6.55 -10.77
C VAL E 33 30.88 -7.43 -10.32
N ASN E 34 30.88 -7.77 -9.04
CA ASN E 34 29.89 -8.68 -8.48
C ASN E 34 28.73 -7.84 -7.92
N LEU E 35 27.64 -7.77 -8.67
CA LEU E 35 26.48 -7.01 -8.23
C LEU E 35 25.68 -7.71 -7.14
N LEU E 36 25.95 -8.98 -6.89
CA LEU E 36 25.30 -9.78 -5.85
C LEU E 36 26.32 -10.10 -4.75
N GLU E 37 26.45 -9.21 -3.77
CA GLU E 37 27.31 -9.52 -2.64
C GLU E 37 26.75 -10.70 -1.86
N ASP E 38 27.60 -11.70 -1.66
CA ASP E 38 27.24 -12.90 -0.90
C ASP E 38 28.13 -13.05 0.33
N LYS E 39 28.47 -11.93 0.96
CA LYS E 39 29.29 -11.98 2.17
C LYS E 39 28.71 -11.08 3.23
N HIS E 40 28.60 -11.63 4.44
CA HIS E 40 28.18 -10.92 5.63
C HIS E 40 29.32 -10.86 6.65
N ASN E 41 29.31 -9.82 7.47
CA ASN E 41 30.31 -9.72 8.53
C ASN E 41 30.04 -10.67 9.69
N GLY E 42 28.79 -11.11 9.85
CA GLY E 42 28.47 -12.04 10.92
C GLY E 42 28.27 -11.43 12.29
N LYS E 43 28.21 -10.11 12.37
CA LYS E 43 28.09 -9.40 13.63
C LYS E 43 26.92 -8.42 13.53
N LEU E 44 25.97 -8.50 14.46
CA LEU E 44 24.87 -7.55 14.50
C LEU E 44 25.41 -6.20 14.97
N CYS E 45 25.54 -5.26 14.04
CA CYS E 45 26.29 -4.03 14.26
C CYS E 45 25.42 -2.84 13.87
N LYS E 46 26.02 -1.64 13.94
CA LYS E 46 25.29 -0.39 14.01
C LYS E 46 24.65 0.01 12.68
N LEU E 47 23.55 0.77 12.77
CA LEU E 47 23.12 1.68 11.73
C LEU E 47 23.16 3.10 12.25
N ARG E 48 23.45 4.04 11.34
CA ARG E 48 23.42 5.47 11.61
C ARG E 48 24.38 5.89 12.71
N GLY E 49 25.42 5.09 12.96
CA GLY E 49 26.31 5.36 14.08
C GLY E 49 25.70 5.10 15.43
N VAL E 50 24.66 4.27 15.49
CA VAL E 50 23.85 4.07 16.68
C VAL E 50 23.82 2.57 17.01
N ALA E 51 24.06 2.23 18.26
CA ALA E 51 24.10 0.83 18.68
C ALA E 51 22.72 0.20 18.61
N PRO E 52 22.58 -0.95 17.94
CA PRO E 52 21.29 -1.67 17.97
C PRO E 52 21.03 -2.24 19.36
N LEU E 53 19.74 -2.31 19.69
CA LEU E 53 19.33 -2.87 20.97
C LEU E 53 19.52 -4.39 20.97
N HIS E 54 19.87 -4.94 22.13
CA HIS E 54 20.00 -6.38 22.35
C HIS E 54 19.25 -6.80 23.61
N LEU E 55 18.20 -7.61 23.44
CA LEU E 55 17.50 -8.19 24.56
C LEU E 55 18.04 -9.54 24.99
N GLY E 56 18.82 -10.19 24.13
CA GLY E 56 19.37 -11.49 24.47
C GLY E 56 18.27 -12.53 24.63
N LYS E 57 18.23 -13.15 25.80
CA LYS E 57 17.22 -14.16 26.12
C LYS E 57 15.94 -13.49 26.61
N CYS E 58 15.35 -12.67 25.72
CA CYS E 58 14.19 -11.86 26.05
C CYS E 58 13.63 -11.32 24.74
N ASN E 59 12.33 -11.05 24.73
CA ASN E 59 11.68 -10.46 23.57
C ASN E 59 11.12 -9.09 23.95
N ILE E 60 10.44 -8.46 22.99
CA ILE E 60 9.93 -7.10 23.19
C ILE E 60 8.92 -7.05 24.33
N ALA E 61 7.99 -8.00 24.36
CA ALA E 61 7.02 -8.10 25.45
C ALA E 61 7.71 -8.15 26.81
N GLY E 62 8.68 -9.06 26.96
CA GLY E 62 9.39 -9.17 28.22
C GLY E 62 10.20 -7.93 28.55
N TRP E 63 10.88 -7.36 27.56
CA TRP E 63 11.66 -6.15 27.77
C TRP E 63 10.80 -5.01 28.28
N ILE E 64 9.80 -4.60 27.49
CA ILE E 64 8.98 -3.44 27.85
C ILE E 64 8.21 -3.71 29.13
N LEU E 65 7.64 -4.91 29.26
CA LEU E 65 6.90 -5.25 30.48
C LEU E 65 7.80 -5.27 31.71
N GLY E 66 9.10 -5.47 31.56
CA GLY E 66 10.00 -5.48 32.70
C GLY E 66 10.27 -6.85 33.27
N ASN E 67 10.65 -7.78 32.42
CA ASN E 67 10.87 -9.16 32.83
C ASN E 67 12.11 -9.25 33.70
N PRO E 68 12.04 -9.86 34.88
CA PRO E 68 13.24 -10.05 35.71
C PRO E 68 14.27 -11.02 35.12
N GLU E 69 14.04 -11.58 33.93
CA GLU E 69 15.00 -12.46 33.30
C GLU E 69 15.82 -11.78 32.22
N CYS E 70 15.49 -10.52 31.86
CA CYS E 70 16.25 -9.78 30.87
C CYS E 70 16.49 -8.35 31.35
N GLU E 71 16.78 -8.18 32.64
CA GLU E 71 17.15 -6.88 33.17
C GLU E 71 18.63 -6.57 33.00
N SER E 72 19.45 -7.57 32.67
CA SER E 72 20.89 -7.38 32.56
C SER E 72 21.28 -6.47 31.40
N LEU E 73 20.41 -6.33 30.40
CA LEU E 73 20.71 -5.47 29.27
C LEU E 73 20.80 -4.02 29.70
N SER E 74 21.70 -3.27 29.07
CA SER E 74 21.88 -1.86 29.36
C SER E 74 21.00 -1.05 28.40
N THR E 75 20.04 -0.33 28.96
CA THR E 75 19.12 0.46 28.15
C THR E 75 19.87 1.60 27.46
N ALA E 76 19.63 1.75 26.15
CA ALA E 76 20.23 2.80 25.36
C ALA E 76 19.21 3.91 25.12
N SER E 77 19.62 4.93 24.37
CA SER E 77 18.74 6.04 24.04
C SER E 77 18.30 6.03 22.58
N SER E 78 18.90 5.21 21.74
CA SER E 78 18.48 5.10 20.35
C SER E 78 18.96 3.75 19.81
N TRP E 79 18.27 3.27 18.78
CA TRP E 79 18.52 1.96 18.20
C TRP E 79 17.75 1.85 16.90
N SER E 80 18.33 1.12 15.95
CA SER E 80 17.65 0.81 14.71
C SER E 80 17.28 -0.66 14.57
N TYR E 81 17.61 -1.48 15.57
CA TYR E 81 17.19 -2.87 15.63
C TYR E 81 16.79 -3.23 17.04
N ILE E 82 15.96 -4.27 17.14
CA ILE E 82 15.67 -4.91 18.42
C ILE E 82 16.08 -6.37 18.25
N VAL E 83 17.31 -6.68 18.62
CA VAL E 83 17.84 -8.03 18.47
C VAL E 83 17.18 -8.97 19.46
N GLU E 84 16.67 -10.10 18.96
CA GLU E 84 16.16 -11.18 19.78
C GLU E 84 16.80 -12.49 19.33
N THR E 85 17.02 -13.39 20.27
CA THR E 85 17.43 -14.73 19.90
C THR E 85 16.25 -15.48 19.26
N PRO E 86 16.51 -16.48 18.43
CA PRO E 86 15.40 -17.31 17.93
C PRO E 86 14.62 -18.01 19.02
N SER E 87 15.27 -18.40 20.11
CA SER E 87 14.52 -18.92 21.26
C SER E 87 13.65 -17.85 21.88
N SER E 88 14.26 -16.82 22.48
CA SER E 88 13.61 -15.71 23.17
C SER E 88 12.39 -16.13 24.00
N ASP E 89 12.50 -17.25 24.70
CA ASP E 89 11.37 -17.77 25.45
C ASP E 89 11.13 -17.01 26.75
N ASN E 90 12.06 -16.18 27.17
CA ASN E 90 11.92 -15.45 28.43
C ASN E 90 11.36 -14.06 28.15
N GLY E 91 10.08 -14.05 27.77
CA GLY E 91 9.39 -12.82 27.50
C GLY E 91 8.25 -12.58 28.47
N THR E 92 7.02 -12.70 27.99
CA THR E 92 5.88 -12.71 28.90
C THR E 92 5.91 -13.98 29.74
N CYS E 93 5.93 -13.80 31.06
CA CYS E 93 5.98 -14.97 31.94
C CYS E 93 4.60 -15.41 32.38
N TYR E 94 3.73 -14.48 32.66
CA TYR E 94 2.39 -14.85 33.06
C TYR E 94 1.56 -15.05 31.80
N PRO E 95 0.87 -16.18 31.65
CA PRO E 95 0.18 -16.47 30.38
C PRO E 95 -0.86 -15.42 30.06
N GLY E 96 -0.98 -15.10 28.78
CA GLY E 96 -1.93 -14.11 28.34
C GLY E 96 -1.62 -13.65 26.93
N ASP E 97 -2.51 -12.81 26.42
CA ASP E 97 -2.39 -12.26 25.08
C ASP E 97 -1.99 -10.80 25.19
N PHE E 98 -0.88 -10.43 24.57
CA PHE E 98 -0.51 -9.03 24.49
C PHE E 98 -1.42 -8.39 23.45
N ILE E 99 -2.41 -7.63 23.91
CA ILE E 99 -3.36 -7.01 22.98
C ILE E 99 -2.63 -5.95 22.16
N ASP E 100 -2.79 -6.03 20.83
CA ASP E 100 -2.11 -5.17 19.87
C ASP E 100 -0.59 -5.30 20.01
N TYR E 101 -0.11 -6.54 19.87
CA TYR E 101 1.27 -6.85 20.22
C TYR E 101 2.24 -6.46 19.10
N GLU E 102 1.93 -6.86 17.87
CA GLU E 102 2.85 -6.61 16.78
C GLU E 102 2.82 -5.15 16.34
N GLU E 103 1.69 -4.46 16.54
CA GLU E 103 1.66 -3.01 16.34
C GLU E 103 2.66 -2.32 17.26
N LEU E 104 2.66 -2.68 18.54
CA LEU E 104 3.60 -2.07 19.48
C LEU E 104 5.03 -2.46 19.12
N ARG E 105 5.26 -3.73 18.76
CA ARG E 105 6.59 -4.15 18.33
C ARG E 105 7.07 -3.40 17.09
N GLU E 106 6.15 -2.88 16.28
CA GLU E 106 6.53 -2.09 15.12
C GLU E 106 6.77 -0.63 15.48
N GLN E 107 5.98 -0.09 16.41
CA GLN E 107 6.13 1.32 16.79
C GLN E 107 7.47 1.59 17.46
N LEU E 108 7.80 0.83 18.52
CA LEU E 108 9.00 1.11 19.30
C LEU E 108 10.25 0.43 18.70
N SER E 109 10.48 0.69 17.42
CA SER E 109 11.59 0.06 16.71
C SER E 109 12.74 0.99 16.38
N SER E 110 12.48 2.29 16.22
CA SER E 110 13.52 3.25 15.85
C SER E 110 13.43 4.48 16.75
N VAL E 111 13.33 4.22 18.05
CA VAL E 111 13.17 5.29 19.03
C VAL E 111 14.41 6.17 19.04
N SER E 112 14.21 7.48 18.99
CA SER E 112 15.31 8.44 19.01
C SER E 112 15.69 8.85 20.43
N SER E 113 14.75 8.79 21.38
CA SER E 113 15.04 9.16 22.76
C SER E 113 14.19 8.27 23.66
N PHE E 114 14.79 7.21 24.16
CA PHE E 114 14.12 6.26 25.04
C PHE E 114 14.70 6.43 26.44
N GLU E 115 13.97 7.14 27.28
CA GLU E 115 14.33 7.31 28.69
C GLU E 115 13.16 6.80 29.54
N ARG E 116 13.31 5.60 30.07
CA ARG E 116 12.30 5.05 30.96
C ARG E 116 12.19 5.90 32.21
N PHE E 117 11.01 6.48 32.41
CA PHE E 117 10.76 7.41 33.50
C PHE E 117 9.67 6.86 34.39
N GLU E 118 9.83 7.04 35.69
CA GLU E 118 8.95 6.43 36.68
C GLU E 118 7.69 7.29 36.73
N ILE E 119 6.69 6.89 35.92
CA ILE E 119 5.47 7.68 35.75
C ILE E 119 4.70 7.81 37.05
N PHE E 120 4.57 6.71 37.80
CA PHE E 120 3.92 6.75 39.10
C PHE E 120 4.86 6.05 40.08
N PRO E 121 5.48 6.78 41.00
CA PRO E 121 6.45 6.17 41.92
C PRO E 121 5.80 5.11 42.80
N LYS E 122 6.46 3.95 42.91
CA LYS E 122 5.97 2.90 43.78
C LYS E 122 5.95 3.33 45.24
N THR E 123 6.84 4.25 45.61
CA THR E 123 6.94 4.69 47.00
C THR E 123 5.70 5.48 47.42
N SER E 124 5.16 6.32 46.54
CA SER E 124 4.16 7.29 46.97
C SER E 124 2.87 7.34 46.14
N SER E 125 2.88 6.86 44.89
CA SER E 125 1.73 7.12 44.02
C SER E 125 0.53 6.21 44.32
N TRP E 126 0.72 5.09 45.01
CA TRP E 126 -0.37 4.17 45.31
C TRP E 126 -0.49 4.01 46.83
N PRO E 127 -1.14 4.95 47.51
CA PRO E 127 -1.23 4.83 48.98
C PRO E 127 -2.19 3.74 49.42
N ASN E 128 -3.28 3.53 48.69
CA ASN E 128 -4.40 2.74 49.17
C ASN E 128 -4.43 1.32 48.62
N HIS E 129 -3.44 0.92 47.84
CA HIS E 129 -3.41 -0.41 47.25
C HIS E 129 -2.08 -1.09 47.55
N ASP E 130 -2.14 -2.37 47.88
CA ASP E 130 -0.94 -3.12 48.21
C ASP E 130 -0.11 -3.36 46.96
N SER E 131 1.19 -3.06 47.04
CA SER E 131 2.08 -3.17 45.90
C SER E 131 3.19 -4.20 46.10
N ASN E 132 3.42 -4.68 47.32
CA ASN E 132 4.44 -5.69 47.55
C ASN E 132 3.91 -7.10 47.44
N LYS E 133 2.62 -7.30 47.70
CA LYS E 133 2.00 -8.62 47.63
C LYS E 133 1.47 -8.89 46.23
N GLY E 134 2.35 -8.76 45.23
CA GLY E 134 1.95 -8.91 43.86
C GLY E 134 2.92 -9.70 43.02
N VAL E 135 3.63 -10.63 43.66
CA VAL E 135 4.66 -11.44 43.00
C VAL E 135 4.07 -12.81 42.68
N THR E 136 4.49 -13.37 41.54
CA THR E 136 3.95 -14.61 41.03
C THR E 136 5.06 -15.58 40.70
N ALA E 137 4.72 -16.87 40.67
CA ALA E 137 5.68 -17.90 40.28
C ALA E 137 5.94 -17.93 38.78
N ALA E 138 5.15 -17.20 37.98
CA ALA E 138 5.38 -17.17 36.55
C ALA E 138 6.72 -16.49 36.21
N CYS E 139 7.03 -15.39 36.89
CA CYS E 139 8.36 -14.80 36.82
C CYS E 139 9.16 -15.12 38.08
N PRO E 140 9.95 -16.20 38.09
CA PRO E 140 10.86 -16.41 39.22
C PRO E 140 12.20 -15.74 38.97
N HIS E 141 12.70 -15.08 40.02
CA HIS E 141 14.00 -14.42 39.96
C HIS E 141 14.80 -14.86 41.18
N ALA E 142 15.97 -15.46 40.93
CA ALA E 142 16.82 -16.04 41.97
C ALA E 142 16.07 -17.09 42.78
N GLY E 143 15.19 -17.84 42.12
CA GLY E 143 14.46 -18.93 42.74
C GLY E 143 13.26 -18.52 43.57
N ALA E 144 13.05 -17.22 43.79
CA ALA E 144 11.92 -16.73 44.55
C ALA E 144 10.92 -16.08 43.60
N LYS E 145 9.64 -16.14 43.97
CA LYS E 145 8.60 -15.54 43.15
C LYS E 145 8.80 -14.04 43.05
N SER E 146 8.66 -13.51 41.84
CA SER E 146 8.85 -12.10 41.55
C SER E 146 7.81 -11.70 40.52
N PHE E 147 7.89 -10.47 40.02
CA PHE E 147 6.96 -10.01 38.99
C PHE E 147 7.67 -8.89 38.23
N TYR E 148 7.00 -8.35 37.23
CA TYR E 148 7.55 -7.33 36.34
C TYR E 148 7.98 -6.09 37.12
N LYS E 149 9.04 -5.45 36.64
CA LYS E 149 9.56 -4.24 37.27
C LYS E 149 8.90 -2.97 36.74
N ASN E 150 8.53 -2.95 35.46
CA ASN E 150 7.90 -1.78 34.86
C ASN E 150 6.40 -1.72 35.12
N LEU E 151 5.83 -2.74 35.76
CA LEU E 151 4.41 -2.77 36.07
C LEU E 151 4.22 -3.25 37.50
N ILE E 152 3.23 -2.68 38.19
CA ILE E 152 2.88 -3.08 39.54
C ILE E 152 1.52 -3.76 39.48
N TRP E 153 1.46 -4.99 39.99
CA TRP E 153 0.23 -5.78 39.99
C TRP E 153 -0.48 -5.49 41.31
N LEU E 154 -1.32 -4.47 41.30
CA LEU E 154 -2.02 -4.07 42.52
C LEU E 154 -3.02 -5.12 42.96
N VAL E 155 -3.20 -5.21 44.28
CA VAL E 155 -4.10 -6.14 44.94
C VAL E 155 -4.90 -5.31 45.94
N LYS E 156 -6.02 -5.87 46.39
CA LYS E 156 -6.75 -5.28 47.50
C LYS E 156 -5.85 -5.13 48.72
N LYS E 157 -5.93 -3.97 49.36
CA LYS E 157 -5.13 -3.67 50.54
C LYS E 157 -6.04 -3.68 51.75
N GLY E 158 -5.82 -4.62 52.64
CA GLY E 158 -6.73 -4.82 53.78
C GLY E 158 -7.86 -5.77 53.43
N ASN E 159 -9.06 -5.22 53.24
CA ASN E 159 -10.19 -6.02 52.81
C ASN E 159 -11.04 -5.32 51.74
N SER E 160 -10.50 -4.27 51.11
CA SER E 160 -11.26 -3.53 50.11
C SER E 160 -10.33 -3.02 49.02
N TYR E 161 -10.89 -2.85 47.83
CA TYR E 161 -10.17 -2.29 46.69
C TYR E 161 -10.83 -0.96 46.32
N PRO E 162 -10.26 0.16 46.74
CA PRO E 162 -10.84 1.46 46.39
C PRO E 162 -10.77 1.73 44.90
N LYS E 163 -11.66 2.61 44.45
CA LYS E 163 -11.72 2.98 43.04
C LYS E 163 -10.49 3.80 42.70
N LEU E 164 -9.52 3.16 42.07
CA LEU E 164 -8.27 3.82 41.71
C LEU E 164 -8.52 4.95 40.73
N SER E 165 -7.97 6.12 41.04
CA SER E 165 -7.99 7.28 40.15
C SER E 165 -6.61 7.88 40.11
N LYS E 166 -6.02 7.93 38.92
CA LYS E 166 -4.66 8.45 38.77
C LYS E 166 -4.49 8.99 37.37
N SER E 167 -3.97 10.22 37.27
CA SER E 167 -3.81 10.89 35.99
C SER E 167 -2.37 11.33 35.81
N TYR E 168 -1.90 11.27 34.56
CA TYR E 168 -0.57 11.77 34.21
C TYR E 168 -0.72 12.78 33.08
N ILE E 169 -0.51 14.05 33.40
CA ILE E 169 -0.46 15.09 32.39
C ILE E 169 0.92 15.03 31.74
N ASN E 170 0.97 14.65 30.47
CA ASN E 170 2.24 14.51 29.77
C ASN E 170 2.91 15.87 29.64
N ASP E 171 4.09 16.02 30.27
CA ASP E 171 4.80 17.28 30.30
C ASP E 171 6.25 17.11 29.87
N LYS E 172 6.51 16.20 28.93
CA LYS E 172 7.86 15.93 28.46
C LYS E 172 8.06 16.28 27.00
N GLY E 173 7.02 16.69 26.28
CA GLY E 173 7.13 17.10 24.90
C GLY E 173 7.26 15.98 23.90
N LYS E 174 7.18 14.72 24.32
CA LYS E 174 7.24 13.59 23.42
C LYS E 174 6.21 12.56 23.85
N GLU E 175 5.90 11.64 22.93
CA GLU E 175 4.91 10.60 23.19
C GLU E 175 5.37 9.71 24.34
N VAL E 176 4.44 9.40 25.24
CA VAL E 176 4.74 8.64 26.45
C VAL E 176 3.93 7.34 26.38
N LEU E 177 4.62 6.21 26.25
CA LEU E 177 3.96 4.92 26.23
C LEU E 177 3.60 4.49 27.64
N VAL E 178 2.37 4.04 27.82
CA VAL E 178 1.86 3.59 29.10
C VAL E 178 1.30 2.19 28.90
N LEU E 179 1.91 1.20 29.55
CA LEU E 179 1.51 -0.19 29.39
C LEU E 179 0.95 -0.72 30.71
N TRP E 180 -0.35 -0.98 30.73
CA TRP E 180 -1.02 -1.56 31.88
C TRP E 180 -1.45 -2.98 31.54
N GLY E 181 -1.98 -3.68 32.54
CA GLY E 181 -2.50 -5.01 32.36
C GLY E 181 -3.85 -5.15 33.01
N ILE E 182 -4.62 -6.12 32.50
CA ILE E 182 -5.89 -6.51 33.09
C ILE E 182 -5.80 -8.00 33.43
N HIS E 183 -6.13 -8.35 34.67
CA HIS E 183 -5.98 -9.71 35.15
C HIS E 183 -7.32 -10.44 35.05
N HIS E 184 -7.30 -11.60 34.41
CA HIS E 184 -8.49 -12.46 34.30
C HIS E 184 -8.28 -13.70 35.15
N PRO E 185 -8.86 -13.76 36.34
CA PRO E 185 -8.67 -14.93 37.21
C PRO E 185 -9.36 -16.17 36.65
N SER E 186 -8.84 -17.33 37.07
CA SER E 186 -9.44 -18.59 36.66
C SER E 186 -10.73 -18.89 37.42
N THR E 187 -10.88 -18.35 38.63
CA THR E 187 -12.00 -18.68 39.49
C THR E 187 -12.55 -17.38 40.07
N SER E 188 -13.88 -17.32 40.24
CA SER E 188 -14.50 -16.15 40.85
C SER E 188 -14.03 -15.95 42.28
N ALA E 189 -13.67 -17.05 42.97
CA ALA E 189 -13.07 -16.93 44.29
C ALA E 189 -11.74 -16.20 44.23
N ASP E 190 -10.94 -16.47 43.19
CA ASP E 190 -9.70 -15.74 43.00
C ASP E 190 -9.96 -14.26 42.75
N GLN E 191 -10.98 -13.95 41.95
CA GLN E 191 -11.39 -12.57 41.74
C GLN E 191 -11.75 -11.89 43.05
N GLN E 192 -12.58 -12.53 43.87
CA GLN E 192 -13.01 -11.93 45.12
C GLN E 192 -11.85 -11.76 46.10
N SER E 193 -10.98 -12.76 46.19
CA SER E 193 -9.89 -12.74 47.16
C SER E 193 -8.70 -11.91 46.71
N LEU E 194 -8.63 -11.53 45.44
CA LEU E 194 -7.58 -10.65 44.94
C LEU E 194 -8.06 -9.21 44.79
N TYR E 195 -9.32 -9.02 44.44
CA TYR E 195 -9.91 -7.70 44.22
C TYR E 195 -11.30 -7.74 44.84
N GLN E 196 -11.50 -6.96 45.91
CA GLN E 196 -12.71 -7.09 46.74
C GLN E 196 -13.99 -7.02 45.92
N ASN E 197 -14.01 -6.17 44.90
CA ASN E 197 -15.18 -6.04 44.04
C ASN E 197 -15.23 -7.18 43.03
N ALA E 198 -16.45 -7.61 42.71
CA ALA E 198 -16.68 -8.66 41.74
C ALA E 198 -17.03 -8.13 40.35
N ASP E 199 -17.92 -7.14 40.26
CA ASP E 199 -18.27 -6.50 39.00
C ASP E 199 -17.33 -5.31 38.73
N THR E 200 -16.15 -5.65 38.23
CA THR E 200 -15.03 -4.71 38.12
C THR E 200 -14.86 -4.25 36.69
N TYR E 201 -14.80 -2.94 36.50
CA TYR E 201 -14.48 -2.32 35.23
C TYR E 201 -13.17 -1.56 35.37
N VAL E 202 -12.43 -1.49 34.28
CA VAL E 202 -11.21 -0.69 34.21
C VAL E 202 -11.28 0.16 32.96
N PHE E 203 -11.20 1.47 33.12
CA PHE E 203 -11.27 2.42 32.02
C PHE E 203 -9.96 3.18 31.97
N VAL E 204 -9.37 3.27 30.78
CA VAL E 204 -8.12 3.98 30.56
C VAL E 204 -8.37 4.98 29.44
N GLY E 205 -8.64 6.23 29.80
CA GLY E 205 -8.82 7.28 28.83
C GLY E 205 -7.52 8.01 28.54
N SER E 206 -7.39 8.48 27.30
CA SER E 206 -6.19 9.16 26.85
C SER E 206 -6.51 10.51 26.23
N SER E 207 -7.79 10.89 26.18
CA SER E 207 -8.42 11.98 25.42
C SER E 207 -8.39 11.72 23.93
N ARG E 208 -7.81 10.60 23.49
CA ARG E 208 -7.93 10.09 22.14
C ARG E 208 -8.24 8.60 22.13
N TYR E 209 -7.96 7.88 23.20
CA TYR E 209 -8.15 6.44 23.31
C TYR E 209 -9.05 6.16 24.50
N SER E 210 -10.21 5.57 24.24
CA SER E 210 -11.18 5.24 25.27
C SER E 210 -11.62 3.80 25.10
N LYS E 211 -11.52 3.02 26.17
CA LYS E 211 -11.92 1.62 26.13
C LYS E 211 -12.10 1.12 27.56
N LYS E 212 -13.16 0.33 27.77
CA LYS E 212 -13.46 -0.25 29.07
C LYS E 212 -13.20 -1.75 29.05
N PHE E 213 -12.54 -2.25 30.09
CA PHE E 213 -12.11 -3.63 30.19
C PHE E 213 -12.89 -4.32 31.29
N LYS E 214 -13.23 -5.59 31.08
CA LYS E 214 -13.92 -6.37 32.08
C LYS E 214 -13.29 -7.76 32.15
N PRO E 215 -13.35 -8.42 33.30
CA PRO E 215 -12.72 -9.73 33.43
C PRO E 215 -13.43 -10.81 32.63
N GLU E 216 -12.67 -11.85 32.30
CA GLU E 216 -13.19 -13.07 31.71
C GLU E 216 -12.80 -14.19 32.68
N ILE E 217 -13.66 -14.43 33.66
CA ILE E 217 -13.34 -15.35 34.75
C ILE E 217 -13.83 -16.75 34.37
N ALA E 218 -12.89 -17.65 34.11
CA ALA E 218 -13.19 -19.03 33.76
C ALA E 218 -11.92 -19.86 33.87
N ILE E 219 -12.07 -21.11 34.29
CA ILE E 219 -10.93 -22.00 34.46
C ILE E 219 -10.36 -22.36 33.09
N ARG E 220 -9.05 -22.32 32.97
CA ARG E 220 -8.34 -22.50 31.71
C ARG E 220 -7.34 -23.63 31.82
N PRO E 221 -6.92 -24.21 30.68
CA PRO E 221 -5.79 -25.13 30.70
C PRO E 221 -4.53 -24.45 31.23
N LYS E 222 -3.75 -25.21 32.00
CA LYS E 222 -2.58 -24.65 32.65
C LYS E 222 -1.52 -24.28 31.62
N VAL E 223 -1.04 -23.04 31.70
CA VAL E 223 0.11 -22.58 30.94
C VAL E 223 1.07 -21.95 31.92
N ARG E 224 2.27 -22.53 32.04
CA ARG E 224 3.28 -22.09 33.01
C ARG E 224 2.71 -22.06 34.42
N ASP E 225 1.97 -23.12 34.77
CA ASP E 225 1.42 -23.36 36.12
C ASP E 225 0.41 -22.29 36.52
N GLN E 226 -0.16 -21.56 35.56
CA GLN E 226 -1.15 -20.54 35.84
C GLN E 226 -2.40 -20.81 35.01
N GLU E 227 -3.57 -20.84 35.67
CA GLU E 227 -4.84 -21.07 35.00
C GLU E 227 -5.56 -19.79 34.62
N GLY E 228 -4.96 -18.62 34.86
CA GLY E 228 -5.57 -17.37 34.46
C GLY E 228 -4.74 -16.65 33.42
N ARG E 229 -5.36 -15.76 32.65
CA ARG E 229 -4.64 -14.97 31.67
C ARG E 229 -4.50 -13.53 32.17
N MET E 230 -3.58 -12.79 31.55
CA MET E 230 -3.30 -11.42 31.96
C MET E 230 -3.08 -10.62 30.70
N ASN E 231 -4.13 -9.95 30.23
CA ASN E 231 -4.11 -9.23 28.96
C ASN E 231 -3.39 -7.90 29.13
N TYR E 232 -2.38 -7.67 28.30
CA TYR E 232 -1.60 -6.43 28.32
C TYR E 232 -2.11 -5.44 27.28
N TYR E 233 -2.27 -4.19 27.70
CA TYR E 233 -2.74 -3.12 26.82
C TYR E 233 -1.75 -1.97 26.88
N TRP E 234 -1.88 -1.05 25.92
CA TRP E 234 -0.98 0.10 25.84
C TRP E 234 -1.64 1.20 25.03
N THR E 235 -1.08 2.40 25.13
CA THR E 235 -1.51 3.53 24.34
C THR E 235 -0.38 4.55 24.27
N LEU E 236 -0.46 5.43 23.27
CA LEU E 236 0.49 6.53 23.10
C LEU E 236 -0.14 7.79 23.67
N VAL E 237 0.42 8.30 24.77
CA VAL E 237 -0.02 9.57 25.31
C VAL E 237 0.59 10.69 24.47
N GLU E 238 -0.28 11.53 23.90
CA GLU E 238 0.16 12.64 23.09
C GLU E 238 0.97 13.61 23.96
N PRO E 239 1.96 14.35 23.38
CA PRO E 239 2.80 15.23 24.20
C PRO E 239 2.11 16.35 24.96
N GLY E 240 0.80 16.54 24.81
CA GLY E 240 0.15 17.58 25.57
C GLY E 240 -1.07 17.15 26.36
N ASP E 241 -1.63 15.97 26.10
CA ASP E 241 -2.90 15.59 26.70
C ASP E 241 -2.69 14.83 28.00
N LYS E 242 -3.77 14.23 28.50
CA LYS E 242 -3.82 13.53 29.76
C LYS E 242 -4.07 12.05 29.53
N ILE E 243 -3.71 11.23 30.52
CA ILE E 243 -4.13 9.84 30.59
C ILE E 243 -4.76 9.61 31.96
N THR E 244 -5.87 8.89 31.98
CA THR E 244 -6.66 8.68 33.20
C THR E 244 -6.79 7.18 33.43
N PHE E 245 -6.53 6.75 34.66
CA PHE E 245 -6.58 5.35 35.05
C PHE E 245 -7.63 5.18 36.13
N GLU E 246 -8.87 4.98 35.71
CA GLU E 246 -9.97 4.72 36.63
C GLU E 246 -10.25 3.23 36.62
N ALA E 247 -10.22 2.60 37.80
CA ALA E 247 -10.28 1.14 37.85
C ALA E 247 -10.76 0.71 39.22
N THR E 248 -11.85 -0.07 39.25
CA THR E 248 -12.39 -0.60 40.49
C THR E 248 -12.03 -2.07 40.68
N GLY E 249 -10.99 -2.54 40.00
CA GLY E 249 -10.66 -3.95 39.98
C GLY E 249 -9.34 -4.28 39.33
N ASN E 250 -9.35 -5.33 38.51
CA ASN E 250 -8.14 -5.94 37.93
C ASN E 250 -7.30 -4.95 37.14
N LEU E 251 -6.14 -4.58 37.65
CA LEU E 251 -5.30 -3.61 36.94
C LEU E 251 -3.86 -3.75 37.39
N VAL E 252 -2.98 -4.12 36.47
CA VAL E 252 -1.53 -4.05 36.68
C VAL E 252 -1.09 -2.70 36.14
N VAL E 253 -1.15 -1.69 37.00
CA VAL E 253 -0.94 -0.29 36.66
C VAL E 253 0.57 -0.08 36.44
N PRO E 254 1.00 0.77 35.52
CA PRO E 254 2.45 0.84 35.21
C PRO E 254 3.26 1.57 36.27
N ARG E 255 4.34 0.91 36.72
CA ARG E 255 5.38 1.60 37.47
C ARG E 255 6.12 2.60 36.59
N TYR E 256 6.55 2.16 35.41
CA TYR E 256 7.38 2.96 34.51
C TYR E 256 6.66 3.17 33.19
N ALA E 257 6.62 4.41 32.73
CA ALA E 257 6.25 4.71 31.35
C ALA E 257 7.53 4.77 30.52
N PHE E 258 7.41 5.12 29.25
CA PHE E 258 8.55 5.12 28.34
C PHE E 258 8.42 6.31 27.39
N ALA E 259 9.12 7.39 27.72
CA ALA E 259 9.18 8.55 26.83
C ALA E 259 9.86 8.16 25.52
N MET E 260 9.35 8.69 24.42
CA MET E 260 9.73 8.23 23.09
C MET E 260 9.49 9.30 22.05
N GLU E 261 10.45 9.43 21.13
CA GLU E 261 10.29 10.23 19.92
C GLU E 261 10.62 9.30 18.77
N ARG E 262 9.60 8.97 17.96
CA ARG E 262 9.72 7.92 16.95
C ARG E 262 10.33 8.47 15.67
N ASN E 263 11.45 7.86 15.24
CA ASN E 263 11.92 8.07 13.88
C ASN E 263 11.07 7.31 12.88
N ALA E 264 10.71 6.08 13.22
CA ALA E 264 9.89 5.13 12.45
C ALA E 264 10.61 4.65 11.20
N GLY E 265 10.36 3.39 10.82
CA GLY E 265 10.93 2.82 9.61
C GLY E 265 11.81 1.60 9.80
N SER E 266 12.04 1.12 11.02
CA SER E 266 12.90 -0.04 11.23
C SER E 266 12.09 -1.18 11.83
N GLY E 267 12.74 -2.34 11.91
CA GLY E 267 12.07 -3.56 12.34
C GLY E 267 12.82 -4.36 13.39
N ILE E 268 12.53 -5.66 13.45
CA ILE E 268 13.08 -6.55 14.47
C ILE E 268 13.86 -7.66 13.77
N ILE E 269 15.08 -7.90 14.22
CA ILE E 269 15.93 -8.97 13.72
C ILE E 269 16.04 -10.06 14.78
N ILE E 270 15.75 -11.30 14.38
CA ILE E 270 15.73 -12.43 15.29
C ILE E 270 16.85 -13.37 14.84
N SER E 271 17.94 -13.41 15.59
CA SER E 271 19.08 -14.28 15.30
C SER E 271 19.94 -14.44 16.54
N ASP E 272 20.74 -15.51 16.56
CA ASP E 272 21.79 -15.72 17.55
C ASP E 272 23.12 -15.09 17.16
N THR E 273 23.11 -14.21 16.16
CA THR E 273 24.33 -13.52 15.75
C THR E 273 24.85 -12.64 16.89
N PRO E 274 26.14 -12.71 17.23
CA PRO E 274 26.68 -11.84 18.27
C PRO E 274 26.70 -10.38 17.87
N VAL E 275 26.53 -9.51 18.87
CA VAL E 275 26.57 -8.06 18.67
C VAL E 275 27.97 -7.54 18.95
N HIS E 276 28.51 -6.77 18.02
CA HIS E 276 29.76 -6.07 18.18
C HIS E 276 29.55 -4.65 17.68
N ASP E 277 30.63 -3.86 17.67
CA ASP E 277 30.56 -2.48 17.19
C ASP E 277 31.10 -2.41 15.77
N CYS E 278 30.27 -1.98 14.82
CA CYS E 278 30.65 -1.88 13.43
C CYS E 278 30.03 -0.61 12.88
N ASN E 279 30.05 -0.46 11.55
CA ASN E 279 29.53 0.76 10.95
C ASN E 279 29.04 0.30 9.59
N THR E 280 27.75 -0.05 9.51
CA THR E 280 27.22 -0.72 8.33
C THR E 280 25.97 -0.01 7.82
N THR E 281 25.75 -0.12 6.51
CA THR E 281 24.55 0.43 5.89
C THR E 281 23.33 -0.48 6.05
N CYS E 282 23.52 -1.79 6.19
CA CYS E 282 22.40 -2.71 6.29
C CYS E 282 22.77 -3.85 7.20
N GLN E 283 21.77 -4.43 7.86
CA GLN E 283 21.99 -5.62 8.66
C GLN E 283 20.80 -6.56 8.51
N THR E 284 21.08 -7.82 8.19
CA THR E 284 20.10 -8.88 8.13
C THR E 284 20.32 -9.84 9.29
N PRO E 285 19.36 -10.71 9.61
CA PRO E 285 19.60 -11.71 10.67
C PRO E 285 20.78 -12.63 10.41
N LYS E 286 21.16 -12.85 9.15
CA LYS E 286 22.32 -13.68 8.86
C LYS E 286 23.64 -12.92 8.91
N GLY E 287 23.63 -11.62 9.16
CA GLY E 287 24.85 -10.84 9.17
C GLY E 287 24.76 -9.61 8.29
N ALA E 288 25.52 -8.57 8.67
CA ALA E 288 25.35 -7.27 8.03
C ALA E 288 25.90 -7.22 6.61
N ILE E 289 25.80 -6.06 5.97
CA ILE E 289 26.23 -5.87 4.59
C ILE E 289 26.86 -4.50 4.45
N ASN E 290 28.18 -4.45 4.21
CA ASN E 290 28.88 -3.22 3.86
C ASN E 290 29.19 -3.25 2.36
N THR E 291 28.19 -2.92 1.55
CA THR E 291 28.38 -2.78 0.10
C THR E 291 27.51 -1.65 -0.43
N SER E 292 27.93 -1.10 -1.57
CA SER E 292 27.12 -0.17 -2.34
C SER E 292 26.41 -0.85 -3.51
N LEU E 293 26.53 -2.18 -3.64
CA LEU E 293 26.05 -2.89 -4.80
C LEU E 293 24.52 -2.92 -4.85
N PRO E 294 23.92 -3.17 -6.04
CA PRO E 294 22.45 -3.07 -6.14
C PRO E 294 21.63 -4.23 -5.58
N PHE E 295 22.13 -5.46 -5.65
CA PHE E 295 21.36 -6.64 -5.29
C PHE E 295 22.07 -7.46 -4.22
N GLN E 296 21.31 -8.20 -3.43
CA GLN E 296 21.87 -9.00 -2.35
C GLN E 296 21.03 -10.25 -2.14
N ASN E 297 21.71 -11.35 -1.81
CA ASN E 297 21.08 -12.67 -1.68
C ASN E 297 20.99 -13.18 -0.25
N ILE E 298 21.58 -12.47 0.72
CA ILE E 298 21.79 -12.98 2.08
C ILE E 298 20.51 -13.42 2.77
N HIS E 299 19.60 -12.48 3.03
CA HIS E 299 18.35 -12.82 3.69
C HIS E 299 17.25 -11.94 3.09
N PRO E 300 16.03 -12.47 2.95
CA PRO E 300 14.91 -11.60 2.57
C PRO E 300 14.64 -10.46 3.55
N ILE E 301 14.77 -10.72 4.85
CA ILE E 301 14.44 -9.73 5.88
C ILE E 301 15.59 -8.74 5.95
N THR E 302 15.41 -7.56 5.38
CA THR E 302 16.45 -6.54 5.35
C THR E 302 15.91 -5.25 5.94
N ILE E 303 16.56 -4.74 6.97
CA ILE E 303 16.17 -3.50 7.63
C ILE E 303 17.24 -2.47 7.31
N GLY E 304 16.88 -1.46 6.52
CA GLY E 304 17.81 -0.38 6.21
C GLY E 304 17.80 0.06 4.76
N LYS E 305 18.63 1.05 4.43
CA LYS E 305 18.79 1.54 3.05
C LYS E 305 19.76 0.62 2.31
N CYS E 306 19.29 -0.59 2.02
CA CYS E 306 20.20 -1.63 1.59
C CYS E 306 19.62 -2.44 0.45
N PRO E 307 20.48 -3.17 -0.35
CA PRO E 307 20.04 -3.75 -1.64
C PRO E 307 18.82 -4.63 -1.64
N LYS E 308 18.30 -4.85 -2.85
CA LYS E 308 17.08 -5.61 -3.06
C LYS E 308 17.37 -7.10 -3.04
N TYR E 309 16.53 -7.87 -2.37
CA TYR E 309 16.73 -9.31 -2.25
C TYR E 309 16.30 -10.02 -3.53
N VAL E 310 17.14 -10.93 -4.01
CA VAL E 310 16.83 -11.76 -5.17
C VAL E 310 17.13 -13.22 -4.82
N LYS E 311 16.80 -14.11 -5.75
CA LYS E 311 17.08 -15.52 -5.63
C LYS E 311 18.30 -15.95 -6.43
N SER E 312 19.07 -14.99 -6.94
CA SER E 312 20.14 -15.28 -7.88
C SER E 312 21.35 -15.88 -7.16
N THR E 313 22.28 -16.39 -7.96
CA THR E 313 23.55 -16.92 -7.48
C THR E 313 24.74 -16.26 -8.13
N LYS E 314 24.65 -15.92 -9.41
CA LYS E 314 25.73 -15.27 -10.15
C LYS E 314 25.16 -14.04 -10.86
N LEU E 315 25.10 -12.91 -10.15
CA LEU E 315 24.79 -11.63 -10.78
C LEU E 315 26.08 -10.87 -11.06
N ARG E 316 26.91 -11.45 -11.90
CA ARG E 316 28.24 -10.93 -12.18
C ARG E 316 28.16 -10.08 -13.44
N LEU E 317 28.46 -8.79 -13.30
CA LEU E 317 28.43 -7.84 -14.42
C LEU E 317 29.84 -7.73 -15.00
N ALA E 318 29.99 -8.16 -16.25
CA ALA E 318 31.28 -8.26 -16.93
C ALA E 318 31.67 -6.89 -17.49
N THR E 319 32.30 -6.09 -16.64
CA THR E 319 32.88 -4.83 -17.11
C THR E 319 33.94 -5.07 -18.17
N GLY E 320 34.64 -6.19 -18.09
CA GLY E 320 35.68 -6.51 -19.04
C GLY E 320 35.17 -7.34 -20.21
N LEU E 321 35.94 -7.28 -21.30
CA LEU E 321 35.61 -7.97 -22.54
C LEU E 321 35.81 -9.48 -22.39
N ARG E 322 35.50 -10.19 -23.47
CA ARG E 322 35.57 -11.65 -23.48
C ARG E 322 37.01 -12.13 -23.39
N ASN E 323 37.29 -12.97 -22.41
CA ASN E 323 38.63 -13.49 -22.14
C ASN E 323 38.81 -14.81 -22.89
N ILE E 324 39.51 -14.76 -24.01
CA ILE E 324 39.82 -15.97 -24.78
C ILE E 324 41.33 -16.14 -24.83
N PRO E 325 41.96 -16.68 -23.79
CA PRO E 325 43.41 -16.89 -23.82
C PRO E 325 43.79 -17.97 -24.82
N SER E 326 45.00 -17.86 -25.34
CA SER E 326 45.51 -18.82 -26.31
C SER E 326 46.82 -19.44 -25.86
N GLY F 1 29.49 5.93 -32.10
CA GLY F 1 28.86 5.02 -31.16
C GLY F 1 29.22 3.57 -31.39
N LEU F 2 28.23 2.69 -31.21
CA LEU F 2 28.46 1.27 -31.47
C LEU F 2 28.67 1.01 -32.96
N PHE F 3 27.95 1.73 -33.82
CA PHE F 3 28.09 1.56 -35.26
C PHE F 3 29.09 2.53 -35.87
N GLY F 4 29.56 3.52 -35.13
CA GLY F 4 30.63 4.38 -35.59
C GLY F 4 30.22 5.47 -36.55
N ALA F 5 28.96 5.88 -36.54
CA ALA F 5 28.53 6.95 -37.44
C ALA F 5 28.59 8.31 -36.77
N ILE F 6 27.84 8.50 -35.69
CA ILE F 6 27.88 9.76 -34.96
C ILE F 6 29.16 9.81 -34.14
N ALA F 7 29.93 10.89 -34.31
CA ALA F 7 31.27 11.07 -33.74
C ALA F 7 32.26 10.01 -34.23
N GLY F 8 31.93 9.33 -35.32
CA GLY F 8 32.82 8.36 -35.93
C GLY F 8 33.54 8.97 -37.11
N PHE F 9 33.20 8.55 -38.33
CA PHE F 9 33.73 9.22 -39.51
C PHE F 9 33.25 10.66 -39.60
N ILE F 10 31.96 10.90 -39.35
CA ILE F 10 31.39 12.23 -39.29
C ILE F 10 31.23 12.62 -37.82
N GLU F 11 31.75 13.80 -37.46
CA GLU F 11 31.71 14.27 -36.08
C GLU F 11 30.75 15.41 -35.84
N GLY F 12 30.53 16.28 -36.81
CA GLY F 12 29.75 17.49 -36.62
C GLY F 12 28.41 17.42 -37.34
N GLY F 13 27.35 17.78 -36.62
CA GLY F 13 26.06 17.99 -37.23
C GLY F 13 26.01 19.26 -38.05
N TRP F 14 24.98 19.36 -38.88
CA TRP F 14 24.85 20.44 -39.86
C TRP F 14 23.72 21.36 -39.46
N THR F 15 24.04 22.63 -39.21
CA THR F 15 23.02 23.59 -38.82
C THR F 15 22.29 24.18 -40.02
N GLY F 16 22.72 23.88 -41.24
CA GLY F 16 22.09 24.46 -42.42
C GLY F 16 20.70 23.91 -42.67
N MET F 17 20.51 22.60 -42.54
CA MET F 17 19.28 21.93 -42.94
C MET F 17 18.41 21.63 -41.74
N VAL F 18 17.12 21.96 -41.86
CA VAL F 18 16.09 21.57 -40.91
C VAL F 18 15.01 20.73 -41.60
N ASP F 19 15.32 20.20 -42.79
CA ASP F 19 14.34 19.43 -43.53
C ASP F 19 14.13 18.05 -42.92
N GLY F 20 15.19 17.43 -42.42
CA GLY F 20 15.08 16.09 -41.88
C GLY F 20 16.15 15.80 -40.86
N TRP F 21 16.04 14.61 -40.26
CA TRP F 21 17.06 14.15 -39.32
C TRP F 21 18.37 13.82 -40.03
N TYR F 22 18.30 13.22 -41.21
CA TYR F 22 19.47 12.88 -42.00
C TYR F 22 19.43 13.64 -43.31
N GLY F 23 20.61 13.94 -43.85
CA GLY F 23 20.65 14.76 -45.04
C GLY F 23 21.92 14.56 -45.84
N TYR F 24 22.07 15.40 -46.85
CA TYR F 24 23.22 15.36 -47.74
C TYR F 24 23.91 16.71 -47.87
N HIS F 25 24.88 16.79 -48.78
CA HIS F 25 25.47 18.05 -49.20
C HIS F 25 26.01 17.83 -50.60
N HIS F 26 25.35 18.43 -51.59
CA HIS F 26 25.83 18.39 -52.96
C HIS F 26 26.56 19.69 -53.27
N GLN F 27 27.75 19.58 -53.83
CA GLN F 27 28.59 20.74 -54.13
C GLN F 27 29.03 20.71 -55.58
N ASN F 28 28.11 20.32 -56.48
CA ASN F 28 28.41 20.27 -57.90
C ASN F 28 28.49 21.68 -58.46
N GLU F 29 28.85 21.77 -59.74
CA GLU F 29 28.94 23.07 -60.40
C GLU F 29 27.58 23.70 -60.65
N GLN F 30 26.50 22.92 -60.59
CA GLN F 30 25.17 23.45 -60.87
C GLN F 30 24.56 24.16 -59.66
N GLY F 31 25.06 23.89 -58.45
CA GLY F 31 24.52 24.55 -57.27
C GLY F 31 25.13 23.97 -56.01
N SER F 32 24.45 24.18 -54.90
CA SER F 32 24.93 23.74 -53.59
C SER F 32 23.75 23.73 -52.63
N GLY F 33 24.04 23.49 -51.36
CA GLY F 33 23.01 23.50 -50.35
C GLY F 33 22.70 22.09 -49.84
N TYR F 34 22.07 22.05 -48.67
CA TYR F 34 21.74 20.81 -48.00
C TYR F 34 20.39 20.30 -48.45
N ALA F 35 20.25 18.98 -48.51
CA ALA F 35 18.97 18.36 -48.90
C ALA F 35 18.82 17.05 -48.16
N ALA F 36 17.73 16.91 -47.42
CA ALA F 36 17.49 15.71 -46.63
C ALA F 36 17.02 14.57 -47.53
N ASP F 37 17.24 13.33 -47.07
CA ASP F 37 16.79 12.15 -47.78
C ASP F 37 15.37 11.84 -47.32
N LEU F 38 14.41 11.96 -48.23
CA LEU F 38 13.00 11.88 -47.84
C LEU F 38 12.64 10.50 -47.27
N LYS F 39 13.00 9.43 -47.97
CA LYS F 39 12.53 8.10 -47.57
C LYS F 39 13.16 7.64 -46.25
N SER F 40 14.47 7.85 -46.07
CA SER F 40 15.13 7.40 -44.85
C SER F 40 14.66 8.20 -43.65
N THR F 41 14.60 9.52 -43.79
CA THR F 41 14.10 10.35 -42.69
C THR F 41 12.66 10.01 -42.35
N GLN F 42 11.81 9.80 -43.37
CA GLN F 42 10.41 9.48 -43.10
C GLN F 42 10.25 8.16 -42.37
N ASN F 43 10.89 7.09 -42.89
CA ASN F 43 10.71 5.80 -42.21
C ASN F 43 11.43 5.75 -40.87
N ALA F 44 12.51 6.52 -40.70
CA ALA F 44 13.20 6.54 -39.43
C ALA F 44 12.42 7.32 -38.38
N ILE F 45 11.84 8.46 -38.76
CA ILE F 45 11.02 9.21 -37.82
C ILE F 45 9.74 8.44 -37.53
N ASP F 46 9.24 7.66 -38.50
CA ASP F 46 8.09 6.80 -38.25
C ASP F 46 8.41 5.74 -37.22
N LYS F 47 9.55 5.07 -37.37
CA LYS F 47 9.93 4.05 -36.38
C LYS F 47 10.26 4.67 -35.03
N ILE F 48 10.82 5.88 -35.00
CA ILE F 48 11.13 6.52 -33.73
C ILE F 48 9.85 6.93 -33.01
N THR F 49 8.88 7.51 -33.74
CA THR F 49 7.61 7.83 -33.12
C THR F 49 6.86 6.57 -32.70
N ASN F 50 7.04 5.48 -33.44
CA ASN F 50 6.48 4.19 -33.01
C ASN F 50 7.13 3.71 -31.73
N LYS F 51 8.45 3.92 -31.58
CA LYS F 51 9.13 3.59 -30.33
C LYS F 51 8.58 4.41 -29.18
N VAL F 52 8.40 5.72 -29.38
CA VAL F 52 7.89 6.58 -28.33
C VAL F 52 6.46 6.19 -27.96
N ASN F 53 5.63 5.92 -28.97
CA ASN F 53 4.26 5.48 -28.73
C ASN F 53 4.19 4.09 -28.13
N SER F 54 5.22 3.26 -28.33
CA SER F 54 5.27 1.98 -27.65
C SER F 54 5.63 2.16 -26.17
N VAL F 55 6.57 3.05 -25.88
CA VAL F 55 6.93 3.33 -24.48
C VAL F 55 5.75 3.97 -23.76
N ILE F 56 4.96 4.79 -24.45
CA ILE F 56 3.86 5.51 -23.82
C ILE F 56 2.58 4.66 -23.76
N GLU F 57 2.19 4.06 -24.89
CA GLU F 57 0.89 3.40 -24.99
C GLU F 57 0.86 2.07 -24.23
N LYS F 58 1.95 1.31 -24.27
CA LYS F 58 1.99 0.02 -23.59
C LYS F 58 1.90 0.15 -22.08
N MET F 59 2.07 1.35 -21.54
CA MET F 59 1.94 1.59 -20.11
C MET F 59 0.47 1.94 -19.76
N ASN F 60 -0.47 1.55 -20.61
CA ASN F 60 -1.89 1.76 -20.33
C ASN F 60 -2.29 1.11 -19.01
N THR F 61 -3.06 1.84 -18.22
CA THR F 61 -3.38 1.46 -16.86
C THR F 61 -4.87 1.70 -16.65
N GLN F 62 -5.36 1.35 -15.47
CA GLN F 62 -6.77 1.50 -15.14
C GLN F 62 -6.93 2.35 -13.89
N PHE F 63 -8.18 2.66 -13.57
CA PHE F 63 -8.53 3.68 -12.58
C PHE F 63 -8.20 3.17 -11.19
N THR F 64 -7.07 3.62 -10.64
CA THR F 64 -6.60 3.21 -9.33
C THR F 64 -6.37 4.43 -8.46
N ALA F 65 -6.91 4.39 -7.24
CA ALA F 65 -6.63 5.39 -6.22
C ALA F 65 -5.38 4.95 -5.46
N VAL F 66 -4.26 5.63 -5.70
CA VAL F 66 -2.99 5.21 -5.13
C VAL F 66 -2.97 5.42 -3.62
N GLY F 67 -3.54 6.52 -3.15
CA GLY F 67 -3.44 6.87 -1.74
C GLY F 67 -4.41 6.07 -0.89
N LYS F 68 -3.88 5.48 0.19
CA LYS F 68 -4.68 4.79 1.19
C LYS F 68 -4.45 5.45 2.53
N GLU F 69 -5.49 5.47 3.36
CA GLU F 69 -5.46 6.17 4.64
C GLU F 69 -5.69 5.20 5.78
N PHE F 70 -4.81 5.24 6.79
CA PHE F 70 -4.81 4.31 7.89
C PHE F 70 -4.69 5.05 9.21
N ASN F 71 -5.25 4.46 10.27
CA ASN F 71 -5.21 5.07 11.59
C ASN F 71 -3.97 4.60 12.34
N HIS F 72 -3.90 4.93 13.63
CA HIS F 72 -2.70 4.62 14.42
C HIS F 72 -2.62 3.15 14.79
N LEU F 73 -3.77 2.52 15.10
CA LEU F 73 -3.75 1.12 15.50
C LEU F 73 -3.51 0.17 14.33
N GLU F 74 -3.53 0.67 13.10
CA GLU F 74 -3.09 -0.10 11.94
C GLU F 74 -1.84 0.60 11.41
N LYS F 75 -0.69 0.24 11.99
CA LYS F 75 0.59 0.76 11.57
C LYS F 75 1.42 -0.25 10.80
N ARG F 76 1.27 -1.54 11.11
CA ARG F 76 1.87 -2.56 10.27
C ARG F 76 1.25 -2.58 8.88
N ILE F 77 -0.07 -2.42 8.80
CA ILE F 77 -0.73 -2.33 7.51
C ILE F 77 -0.34 -1.03 6.81
N GLU F 78 -0.18 0.05 7.59
CA GLU F 78 0.27 1.31 7.02
C GLU F 78 1.69 1.21 6.46
N ASN F 79 2.59 0.54 7.19
CA ASN F 79 3.94 0.35 6.67
C ASN F 79 3.97 -0.68 5.55
N LEU F 80 3.03 -1.62 5.54
CA LEU F 80 2.90 -2.51 4.38
C LEU F 80 2.48 -1.73 3.14
N ASN F 81 1.55 -0.79 3.31
CA ASN F 81 1.17 0.10 2.22
C ASN F 81 2.34 0.96 1.79
N LYS F 82 3.10 1.49 2.75
CA LYS F 82 4.27 2.30 2.42
C LYS F 82 5.33 1.47 1.72
N LYS F 83 5.50 0.21 2.12
CA LYS F 83 6.45 -0.67 1.45
C LYS F 83 5.98 -1.01 0.04
N VAL F 84 4.67 -1.19 -0.15
CA VAL F 84 4.14 -1.44 -1.48
C VAL F 84 4.37 -0.24 -2.38
N ASP F 85 4.06 0.96 -1.87
CA ASP F 85 4.25 2.18 -2.64
C ASP F 85 5.72 2.44 -2.93
N ASP F 86 6.59 2.22 -1.94
CA ASP F 86 8.02 2.45 -2.16
C ASP F 86 8.64 1.38 -3.04
N GLY F 87 8.15 0.14 -2.95
CA GLY F 87 8.66 -0.90 -3.83
C GLY F 87 8.25 -0.66 -5.26
N PHE F 88 7.02 -0.21 -5.48
CA PHE F 88 6.61 0.24 -6.80
C PHE F 88 7.44 1.43 -7.24
N LEU F 89 7.79 2.31 -6.29
CA LEU F 89 8.63 3.46 -6.60
C LEU F 89 10.02 3.03 -7.06
N ASP F 90 10.65 2.09 -6.37
CA ASP F 90 11.97 1.62 -6.81
C ASP F 90 11.88 0.84 -8.11
N ILE F 91 10.85 0.01 -8.27
CA ILE F 91 10.67 -0.74 -9.51
C ILE F 91 10.49 0.20 -10.68
N TRP F 92 9.67 1.24 -10.51
CA TRP F 92 9.38 2.14 -11.61
C TRP F 92 10.49 3.15 -11.85
N THR F 93 11.21 3.58 -10.81
CA THR F 93 12.34 4.47 -11.01
C THR F 93 13.51 3.73 -11.63
N TYR F 94 13.76 2.49 -11.22
CA TYR F 94 14.89 1.74 -11.73
C TYR F 94 14.55 1.03 -13.04
N ASN F 95 13.30 1.08 -13.47
CA ASN F 95 12.90 0.61 -14.80
C ASN F 95 12.24 1.71 -15.62
N ALA F 96 12.42 2.97 -15.23
CA ALA F 96 12.18 4.10 -16.12
C ALA F 96 13.40 5.00 -16.29
N GLU F 97 14.15 5.27 -15.21
CA GLU F 97 15.40 5.99 -15.37
C GLU F 97 16.43 5.11 -16.07
N LEU F 98 16.59 3.87 -15.60
CA LEU F 98 17.48 2.94 -16.29
C LEU F 98 16.91 2.53 -17.63
N LEU F 99 15.58 2.46 -17.74
CA LEU F 99 14.96 2.22 -19.04
C LEU F 99 15.27 3.35 -20.01
N VAL F 100 15.24 4.60 -19.54
CA VAL F 100 15.59 5.72 -20.39
C VAL F 100 17.08 5.69 -20.73
N LEU F 101 17.92 5.31 -19.78
CA LEU F 101 19.36 5.17 -20.08
C LEU F 101 19.61 4.08 -21.11
N LEU F 102 18.79 3.04 -21.13
CA LEU F 102 18.93 1.99 -22.14
C LEU F 102 18.36 2.42 -23.49
N GLU F 103 17.13 2.94 -23.48
CA GLU F 103 16.45 3.33 -24.72
C GLU F 103 17.11 4.53 -25.39
N ASN F 104 17.67 5.46 -24.62
CA ASN F 104 18.39 6.57 -25.24
C ASN F 104 19.63 6.05 -25.97
N GLU F 105 20.33 5.11 -25.36
CA GLU F 105 21.47 4.49 -26.05
C GLU F 105 21.01 3.72 -27.28
N ARG F 106 19.87 3.02 -27.17
CA ARG F 106 19.32 2.35 -28.35
C ARG F 106 18.88 3.32 -29.43
N THR F 107 18.40 4.50 -29.05
CA THR F 107 17.93 5.43 -30.06
C THR F 107 19.09 6.12 -30.76
N LEU F 108 20.10 6.58 -30.00
CA LEU F 108 21.29 7.11 -30.66
C LEU F 108 22.07 6.02 -31.39
N ASP F 109 21.95 4.76 -30.98
CA ASP F 109 22.53 3.67 -31.75
C ASP F 109 21.73 3.39 -33.01
N TYR F 110 20.42 3.61 -32.98
CA TYR F 110 19.61 3.51 -34.18
C TYR F 110 19.93 4.64 -35.15
N HIS F 111 20.18 5.83 -34.62
CA HIS F 111 20.64 6.92 -35.48
C HIS F 111 22.01 6.62 -36.05
N ASP F 112 22.91 6.04 -35.23
CA ASP F 112 24.18 5.51 -35.73
C ASP F 112 23.95 4.55 -36.89
N SER F 113 23.00 3.61 -36.72
CA SER F 113 22.79 2.60 -37.74
C SER F 113 22.18 3.20 -39.00
N ASN F 114 21.28 4.17 -38.86
CA ASN F 114 20.72 4.80 -40.05
C ASN F 114 21.77 5.59 -40.82
N VAL F 115 22.59 6.38 -40.12
CA VAL F 115 23.63 7.13 -40.80
C VAL F 115 24.66 6.18 -41.42
N LYS F 116 25.05 5.13 -40.69
CA LYS F 116 26.03 4.17 -41.20
C LYS F 116 25.48 3.40 -42.39
N ASN F 117 24.20 3.01 -42.34
CA ASN F 117 23.61 2.26 -43.46
C ASN F 117 23.34 3.14 -44.65
N LEU F 118 23.07 4.43 -44.45
CA LEU F 118 22.96 5.35 -45.58
C LEU F 118 24.33 5.55 -46.21
N TYR F 119 25.37 5.67 -45.39
CA TYR F 119 26.75 5.64 -45.88
C TYR F 119 27.00 4.39 -46.71
N GLU F 120 26.70 3.22 -46.16
CA GLU F 120 26.94 1.96 -46.85
C GLU F 120 26.14 1.85 -48.14
N LYS F 121 24.92 2.39 -48.14
CA LYS F 121 24.12 2.42 -49.36
C LYS F 121 24.78 3.27 -50.44
N VAL F 122 25.33 4.43 -50.05
CA VAL F 122 26.01 5.27 -51.03
C VAL F 122 27.29 4.58 -51.53
N ARG F 123 28.02 3.90 -50.63
CA ARG F 123 29.17 3.10 -51.05
C ARG F 123 28.77 2.01 -52.03
N SER F 124 27.64 1.33 -51.78
CA SER F 124 27.18 0.27 -52.66
C SER F 124 26.78 0.82 -54.02
N GLN F 125 26.10 1.96 -54.05
CA GLN F 125 25.65 2.53 -55.32
C GLN F 125 26.82 3.03 -56.15
N LEU F 126 27.77 3.74 -55.52
CA LEU F 126 28.87 4.33 -56.26
C LEU F 126 30.03 3.37 -56.51
N LYS F 127 30.13 2.30 -55.73
CA LYS F 127 31.23 1.33 -55.80
C LYS F 127 32.54 2.09 -55.61
N ASN F 128 33.51 1.99 -56.52
CA ASN F 128 34.79 2.68 -56.38
C ASN F 128 34.85 4.00 -57.16
N ASN F 129 33.71 4.48 -57.67
CA ASN F 129 33.72 5.72 -58.45
C ASN F 129 34.14 6.93 -57.62
N ALA F 130 33.88 6.91 -56.31
CA ALA F 130 34.27 8.01 -55.44
C ALA F 130 35.43 7.60 -54.53
N LYS F 131 36.20 8.60 -54.12
CA LYS F 131 37.31 8.41 -53.19
C LYS F 131 36.78 8.71 -51.78
N GLU F 132 36.68 7.68 -50.96
CA GLU F 132 36.12 7.82 -49.63
C GLU F 132 37.08 8.57 -48.73
N ILE F 133 36.68 9.74 -48.25
CA ILE F 133 37.54 10.59 -47.43
C ILE F 133 37.22 10.45 -45.94
N GLY F 134 36.00 10.04 -45.60
CA GLY F 134 35.49 10.18 -44.25
C GLY F 134 34.60 11.38 -44.12
N ASN F 135 33.95 11.48 -42.96
CA ASN F 135 32.90 12.48 -42.68
C ASN F 135 31.74 12.34 -43.66
N GLY F 136 31.54 11.15 -44.21
CA GLY F 136 30.53 10.91 -45.21
C GLY F 136 30.87 11.45 -46.58
N CYS F 137 32.02 12.09 -46.74
CA CYS F 137 32.36 12.73 -48.00
C CYS F 137 32.67 11.70 -49.08
N PHE F 138 32.25 11.99 -50.30
CA PHE F 138 32.57 11.17 -51.46
C PHE F 138 33.23 12.07 -52.51
N GLU F 139 34.52 11.88 -52.74
CA GLU F 139 35.26 12.67 -53.72
C GLU F 139 34.97 12.09 -55.10
N PHE F 140 34.14 12.79 -55.86
CA PHE F 140 33.68 12.29 -57.15
C PHE F 140 34.81 12.32 -58.17
N TYR F 141 35.09 11.15 -58.77
CA TYR F 141 35.93 11.09 -59.95
C TYR F 141 35.16 11.33 -61.25
N HIS F 142 33.96 11.88 -61.16
CA HIS F 142 33.20 12.27 -62.34
C HIS F 142 32.51 13.59 -62.09
N LYS F 143 32.31 14.37 -63.15
CA LYS F 143 31.59 15.63 -63.08
C LYS F 143 30.11 15.31 -63.00
N CYS F 144 29.61 15.17 -61.77
CA CYS F 144 28.28 14.64 -61.51
C CYS F 144 27.32 15.80 -61.36
N ASP F 145 26.43 15.97 -62.33
CA ASP F 145 25.43 17.03 -62.30
C ASP F 145 24.34 16.72 -61.27
N ASN F 146 23.34 17.61 -61.21
CA ASN F 146 22.24 17.43 -60.28
C ASN F 146 21.39 16.20 -60.59
N THR F 147 21.38 15.76 -61.85
CA THR F 147 20.63 14.55 -62.23
C THR F 147 21.15 13.33 -61.49
N CYS F 148 22.47 13.12 -61.50
CA CYS F 148 23.01 11.98 -60.78
C CYS F 148 23.03 12.21 -59.27
N MET F 149 23.05 13.46 -58.81
CA MET F 149 22.74 13.74 -57.40
C MET F 149 21.38 13.16 -57.02
N GLU F 150 20.36 13.47 -57.82
CA GLU F 150 19.02 13.00 -57.53
C GLU F 150 18.93 11.48 -57.64
N SER F 151 19.64 10.88 -58.61
CA SER F 151 19.56 9.43 -58.75
C SER F 151 20.21 8.72 -57.57
N VAL F 152 21.38 9.20 -57.11
CA VAL F 152 22.03 8.59 -55.95
C VAL F 152 21.20 8.80 -54.69
N LYS F 153 20.65 10.00 -54.51
CA LYS F 153 19.80 10.25 -53.34
C LYS F 153 18.53 9.41 -53.38
N ASN F 154 18.02 9.11 -54.57
CA ASN F 154 16.83 8.27 -54.69
C ASN F 154 17.16 6.81 -54.37
N GLY F 155 18.30 6.32 -54.83
CA GLY F 155 18.72 4.97 -54.50
C GLY F 155 19.17 4.14 -55.69
N THR F 156 19.00 4.65 -56.90
CA THR F 156 19.38 3.94 -58.11
C THR F 156 20.49 4.71 -58.82
N TYR F 157 21.60 4.02 -59.08
CA TYR F 157 22.75 4.61 -59.77
C TYR F 157 23.13 3.71 -60.94
N ASP F 158 23.31 4.31 -62.11
CA ASP F 158 23.79 3.59 -63.29
C ASP F 158 25.32 3.68 -63.28
N TYR F 159 25.95 2.64 -62.72
CA TYR F 159 27.40 2.59 -62.66
C TYR F 159 28.09 2.56 -64.03
N PRO F 160 27.69 1.73 -65.01
CA PRO F 160 28.45 1.70 -66.28
C PRO F 160 28.48 3.01 -67.05
N LYS F 161 27.44 3.84 -66.97
CA LYS F 161 27.41 5.05 -67.78
C LYS F 161 28.47 6.06 -67.35
N TYR F 162 28.84 6.07 -66.07
CA TYR F 162 29.91 6.93 -65.59
C TYR F 162 31.20 6.17 -65.32
N SER F 163 31.19 4.84 -65.51
CA SER F 163 32.36 4.03 -65.17
C SER F 163 33.57 4.37 -66.02
N GLU F 164 33.38 4.55 -67.33
CA GLU F 164 34.51 4.83 -68.21
C GLU F 164 35.11 6.21 -67.90
N GLU F 165 34.27 7.20 -67.60
CA GLU F 165 34.79 8.52 -67.29
C GLU F 165 35.50 8.51 -65.94
N ALA F 166 34.98 7.75 -64.98
CA ALA F 166 35.66 7.61 -63.70
C ALA F 166 37.00 6.91 -63.86
N LYS F 167 37.06 5.89 -64.72
CA LYS F 167 38.32 5.21 -64.98
C LYS F 167 39.34 6.12 -65.64
N LEU F 168 38.91 6.94 -66.61
CA LEU F 168 39.87 7.84 -67.25
C LEU F 168 40.33 8.94 -66.30
N ASN F 169 39.44 9.42 -65.42
CA ASN F 169 39.87 10.39 -64.42
C ASN F 169 40.86 9.77 -63.44
N ARG F 170 40.53 8.62 -62.88
CA ARG F 170 41.43 7.91 -61.96
C ARG F 170 42.36 7.03 -62.80
N GLU F 171 43.34 7.68 -63.41
CA GLU F 171 44.30 6.97 -64.26
C GLU F 171 45.65 7.66 -64.25
N GLY G 1 17.92 -3.48 -41.30
CA GLY G 1 17.73 -3.08 -39.93
C GLY G 1 18.89 -2.27 -39.39
N LEU G 2 19.31 -2.57 -38.16
CA LEU G 2 20.47 -1.89 -37.59
C LEU G 2 21.76 -2.29 -38.29
N PHE G 3 21.86 -3.54 -38.74
CA PHE G 3 23.05 -4.01 -39.44
C PHE G 3 22.89 -4.04 -40.95
N GLY G 4 21.68 -3.83 -41.46
CA GLY G 4 21.50 -3.56 -42.87
C GLY G 4 21.50 -4.77 -43.78
N ALA G 5 21.42 -5.99 -43.26
CA ALA G 5 21.44 -7.17 -44.10
C ALA G 5 20.03 -7.66 -44.44
N ILE G 6 19.24 -8.00 -43.43
CA ILE G 6 17.85 -8.40 -43.68
C ILE G 6 17.04 -7.14 -43.96
N ALA G 7 16.35 -7.14 -45.10
CA ALA G 7 15.59 -6.01 -45.64
C ALA G 7 16.47 -4.79 -45.93
N GLY G 8 17.78 -4.97 -45.94
CA GLY G 8 18.70 -3.93 -46.38
C GLY G 8 19.01 -4.15 -47.85
N PHE G 9 20.27 -4.48 -48.17
CA PHE G 9 20.58 -4.86 -49.53
C PHE G 9 19.95 -6.19 -49.90
N ILE G 10 19.94 -7.15 -48.97
CA ILE G 10 19.23 -8.41 -49.18
C ILE G 10 17.76 -8.13 -48.90
N GLU G 11 16.96 -8.02 -49.96
CA GLU G 11 15.56 -7.62 -49.81
C GLU G 11 14.61 -8.81 -49.66
N GLY G 12 14.97 -9.98 -50.17
CA GLY G 12 14.05 -11.10 -50.23
C GLY G 12 14.54 -12.31 -49.46
N GLY G 13 13.62 -12.93 -48.72
CA GLY G 13 13.87 -14.25 -48.16
C GLY G 13 13.67 -15.34 -49.19
N TRP G 14 14.01 -16.57 -48.81
CA TRP G 14 14.07 -17.68 -49.74
C TRP G 14 13.19 -18.83 -49.24
N THR G 15 12.23 -19.24 -50.06
CA THR G 15 11.35 -20.34 -49.71
C THR G 15 11.80 -21.68 -50.26
N GLY G 16 12.82 -21.70 -51.11
CA GLY G 16 13.29 -22.96 -51.68
C GLY G 16 13.92 -23.86 -50.65
N MET G 17 14.70 -23.30 -49.74
CA MET G 17 15.41 -24.08 -48.74
C MET G 17 14.64 -24.19 -47.44
N VAL G 18 14.77 -25.36 -46.79
CA VAL G 18 14.24 -25.58 -45.45
C VAL G 18 15.29 -26.15 -44.51
N ASP G 19 16.54 -26.28 -44.95
CA ASP G 19 17.57 -26.89 -44.13
C ASP G 19 17.89 -26.04 -42.91
N GLY G 20 18.00 -24.73 -43.08
CA GLY G 20 18.42 -23.87 -41.99
C GLY G 20 17.84 -22.48 -42.10
N TRP G 21 18.13 -21.68 -41.07
CA TRP G 21 17.73 -20.28 -41.05
C TRP G 21 18.52 -19.45 -42.07
N TYR G 22 19.81 -19.75 -42.22
CA TYR G 22 20.66 -19.03 -43.17
C TYR G 22 21.07 -20.01 -44.27
N GLY G 23 21.51 -19.46 -45.39
CA GLY G 23 21.84 -20.36 -46.49
C GLY G 23 22.47 -19.62 -47.65
N TYR G 24 22.80 -20.39 -48.68
CA TYR G 24 23.39 -19.88 -49.91
C TYR G 24 22.56 -20.34 -51.11
N HIS G 25 22.92 -19.81 -52.27
CA HIS G 25 22.46 -20.34 -53.55
C HIS G 25 23.66 -20.41 -54.48
N HIS G 26 23.88 -21.58 -55.09
CA HIS G 26 24.98 -21.76 -56.01
C HIS G 26 24.45 -22.03 -57.41
N GLN G 27 24.93 -21.25 -58.38
CA GLN G 27 24.55 -21.39 -59.78
C GLN G 27 25.77 -21.93 -60.55
N ASN G 28 26.46 -22.86 -59.91
CA ASN G 28 27.64 -23.51 -60.46
C ASN G 28 27.25 -24.28 -61.73
N GLU G 29 28.22 -24.48 -62.63
CA GLU G 29 27.93 -25.32 -63.79
C GLU G 29 27.74 -26.79 -63.41
N GLN G 30 28.17 -27.20 -62.22
CA GLN G 30 27.96 -28.58 -61.78
C GLN G 30 26.51 -28.81 -61.38
N GLY G 31 25.91 -27.88 -60.65
CA GLY G 31 24.54 -28.05 -60.22
C GLY G 31 23.94 -26.76 -59.70
N SER G 32 22.86 -26.91 -58.93
CA SER G 32 22.16 -25.74 -58.39
C SER G 32 21.45 -26.17 -57.11
N GLY G 33 20.71 -25.23 -56.54
CA GLY G 33 19.97 -25.48 -55.32
C GLY G 33 20.51 -24.68 -54.15
N TYR G 34 19.68 -24.55 -53.12
CA TYR G 34 20.06 -23.83 -51.91
C TYR G 34 20.69 -24.78 -50.91
N ALA G 35 21.76 -24.34 -50.26
CA ALA G 35 22.47 -25.15 -49.28
C ALA G 35 22.85 -24.28 -48.08
N ALA G 36 22.43 -24.69 -46.90
CA ALA G 36 22.62 -23.92 -45.68
C ALA G 36 24.01 -24.15 -45.08
N ASP G 37 24.40 -23.23 -44.19
CA ASP G 37 25.54 -23.45 -43.32
C ASP G 37 25.08 -24.23 -42.09
N LEU G 38 25.62 -25.43 -41.90
CA LEU G 38 25.22 -26.23 -40.74
C LEU G 38 25.67 -25.59 -39.44
N LYS G 39 26.94 -25.18 -39.36
CA LYS G 39 27.48 -24.66 -38.11
C LYS G 39 26.89 -23.31 -37.73
N SER G 40 26.76 -22.40 -38.71
CA SER G 40 26.19 -21.09 -38.44
C SER G 40 24.74 -21.19 -37.96
N THR G 41 23.91 -21.95 -38.68
CA THR G 41 22.55 -22.16 -38.24
C THR G 41 22.47 -22.89 -36.91
N GLN G 42 23.41 -23.81 -36.64
CA GLN G 42 23.40 -24.53 -35.38
C GLN G 42 23.65 -23.59 -34.20
N ASN G 43 24.71 -22.78 -34.28
CA ASN G 43 24.95 -21.86 -33.17
C ASN G 43 23.86 -20.78 -33.10
N ALA G 44 23.24 -20.45 -34.25
CA ALA G 44 22.13 -19.51 -34.25
C ALA G 44 20.93 -20.05 -33.50
N ILE G 45 20.50 -21.28 -33.82
CA ILE G 45 19.33 -21.84 -33.13
C ILE G 45 19.66 -22.08 -31.68
N ASP G 46 20.92 -22.45 -31.37
CA ASP G 46 21.32 -22.64 -29.99
C ASP G 46 21.17 -21.35 -29.19
N LYS G 47 21.69 -20.24 -29.73
CA LYS G 47 21.62 -18.98 -29.01
C LYS G 47 20.19 -18.45 -28.92
N ILE G 48 19.42 -18.54 -30.00
CA ILE G 48 18.02 -18.08 -29.95
C ILE G 48 17.20 -18.89 -28.95
N THR G 49 17.31 -20.23 -29.00
CA THR G 49 16.59 -21.03 -28.01
C THR G 49 17.17 -20.84 -26.61
N ASN G 50 18.41 -20.35 -26.49
CA ASN G 50 18.91 -20.00 -25.17
C ASN G 50 18.27 -18.69 -24.69
N LYS G 51 18.01 -17.75 -25.59
CA LYS G 51 17.21 -16.58 -25.24
C LYS G 51 15.83 -17.00 -24.75
N VAL G 52 15.19 -17.91 -25.49
CA VAL G 52 13.86 -18.37 -25.10
C VAL G 52 13.89 -19.09 -23.76
N ASN G 53 14.89 -19.95 -23.55
CA ASN G 53 15.01 -20.66 -22.28
C ASN G 53 15.44 -19.74 -21.15
N SER G 54 16.05 -18.60 -21.45
CA SER G 54 16.34 -17.63 -20.41
C SER G 54 15.10 -16.84 -20.02
N VAL G 55 14.34 -16.36 -21.01
CA VAL G 55 13.13 -15.61 -20.68
C VAL G 55 12.07 -16.51 -20.08
N ILE G 56 12.14 -17.83 -20.31
CA ILE G 56 11.24 -18.78 -19.66
C ILE G 56 11.77 -19.21 -18.29
N GLU G 57 13.01 -19.70 -18.25
CA GLU G 57 13.56 -20.37 -17.07
C GLU G 57 13.89 -19.40 -15.95
N LYS G 58 14.50 -18.26 -16.28
CA LYS G 58 14.84 -17.28 -15.25
C LYS G 58 13.61 -16.73 -14.55
N MET G 59 12.44 -16.81 -15.18
CA MET G 59 11.19 -16.48 -14.53
C MET G 59 10.83 -17.72 -13.70
N ASN G 60 11.21 -17.69 -12.43
CA ASN G 60 10.91 -18.76 -11.50
C ASN G 60 9.80 -18.29 -10.56
N THR G 61 8.67 -18.98 -10.59
CA THR G 61 7.52 -18.63 -9.78
C THR G 61 7.31 -19.74 -8.75
N GLN G 62 7.36 -19.38 -7.48
CA GLN G 62 7.08 -20.34 -6.43
C GLN G 62 5.58 -20.43 -6.19
N PHE G 63 5.19 -21.35 -5.32
CA PHE G 63 3.78 -21.67 -5.11
C PHE G 63 3.11 -20.51 -4.38
N THR G 64 2.40 -19.67 -5.14
CA THR G 64 1.70 -18.52 -4.59
C THR G 64 0.25 -18.57 -5.04
N ALA G 65 -0.66 -18.48 -4.07
CA ALA G 65 -2.09 -18.35 -4.35
C ALA G 65 -2.37 -16.86 -4.49
N VAL G 66 -2.59 -16.40 -5.72
CA VAL G 66 -2.78 -14.97 -5.97
C VAL G 66 -4.11 -14.50 -5.41
N GLY G 67 -5.15 -15.34 -5.48
CA GLY G 67 -6.46 -14.92 -5.05
C GLY G 67 -6.55 -14.82 -3.53
N LYS G 68 -7.01 -13.67 -3.04
CA LYS G 68 -7.31 -13.46 -1.64
C LYS G 68 -8.73 -12.93 -1.51
N GLU G 69 -9.44 -13.35 -0.48
CA GLU G 69 -10.87 -13.07 -0.33
C GLU G 69 -11.07 -12.18 0.90
N PHE G 70 -11.71 -11.03 0.68
CA PHE G 70 -11.94 -10.04 1.73
C PHE G 70 -13.42 -9.70 1.78
N ASN G 71 -13.91 -9.43 2.99
CA ASN G 71 -15.31 -9.08 3.18
C ASN G 71 -15.51 -7.57 3.00
N HIS G 72 -16.72 -7.12 3.26
CA HIS G 72 -17.10 -5.73 3.00
C HIS G 72 -16.43 -4.77 3.98
N LEU G 73 -16.28 -5.19 5.24
CA LEU G 73 -15.78 -4.29 6.28
C LEU G 73 -14.29 -4.04 6.18
N GLU G 74 -13.58 -4.80 5.35
CA GLU G 74 -12.16 -4.59 5.10
C GLU G 74 -11.92 -4.10 3.68
N LYS G 75 -12.77 -3.16 3.22
CA LYS G 75 -12.66 -2.64 1.87
C LYS G 75 -11.32 -1.96 1.61
N ARG G 76 -10.71 -1.37 2.64
CA ARG G 76 -9.37 -0.81 2.47
C ARG G 76 -8.33 -1.88 2.21
N ILE G 77 -8.37 -2.99 2.96
CA ILE G 77 -7.42 -4.06 2.70
C ILE G 77 -7.72 -4.72 1.36
N GLU G 78 -9.00 -4.77 0.97
CA GLU G 78 -9.35 -5.27 -0.35
C GLU G 78 -8.82 -4.39 -1.46
N ASN G 79 -8.90 -3.06 -1.30
CA ASN G 79 -8.33 -2.16 -2.29
C ASN G 79 -6.81 -2.15 -2.24
N LEU G 80 -6.22 -2.42 -1.08
CA LEU G 80 -4.76 -2.60 -1.02
C LEU G 80 -4.34 -3.84 -1.79
N ASN G 81 -5.08 -4.94 -1.62
CA ASN G 81 -4.83 -6.14 -2.42
C ASN G 81 -5.05 -5.87 -3.90
N LYS G 82 -6.08 -5.12 -4.23
CA LYS G 82 -6.35 -4.77 -5.62
C LYS G 82 -5.25 -3.90 -6.19
N LYS G 83 -4.71 -2.98 -5.38
CA LYS G 83 -3.60 -2.16 -5.85
C LYS G 83 -2.32 -2.98 -6.00
N VAL G 84 -2.10 -3.96 -5.12
CA VAL G 84 -0.96 -4.85 -5.26
C VAL G 84 -1.09 -5.67 -6.55
N ASP G 85 -2.27 -6.23 -6.79
CA ASP G 85 -2.51 -7.01 -8.00
C ASP G 85 -2.43 -6.13 -9.25
N ASP G 86 -2.96 -4.91 -9.18
CA ASP G 86 -2.93 -4.01 -10.33
C ASP G 86 -1.51 -3.51 -10.59
N GLY G 87 -0.74 -3.25 -9.54
CA GLY G 87 0.65 -2.87 -9.72
C GLY G 87 1.49 -3.99 -10.28
N PHE G 88 1.27 -5.22 -9.79
CA PHE G 88 1.96 -6.36 -10.37
C PHE G 88 1.54 -6.58 -11.81
N LEU G 89 0.25 -6.39 -12.10
CA LEU G 89 -0.26 -6.52 -13.46
C LEU G 89 0.34 -5.47 -14.37
N ASP G 90 0.40 -4.22 -13.91
CA ASP G 90 0.96 -3.15 -14.71
C ASP G 90 2.46 -3.34 -14.92
N ILE G 91 3.18 -3.74 -13.87
CA ILE G 91 4.61 -3.99 -14.00
C ILE G 91 4.86 -5.15 -14.96
N TRP G 92 4.13 -6.25 -14.79
CA TRP G 92 4.39 -7.41 -15.62
C TRP G 92 3.93 -7.19 -17.05
N THR G 93 2.80 -6.51 -17.26
CA THR G 93 2.36 -6.18 -18.60
C THR G 93 3.32 -5.22 -19.29
N TYR G 94 3.79 -4.18 -18.57
CA TYR G 94 4.68 -3.21 -19.19
C TYR G 94 6.03 -3.83 -19.49
N ASN G 95 6.63 -4.52 -18.51
CA ASN G 95 7.91 -5.17 -18.74
C ASN G 95 7.80 -6.32 -19.73
N ALA G 96 6.68 -7.04 -19.77
CA ALA G 96 6.52 -8.12 -20.74
C ALA G 96 6.32 -7.58 -22.14
N GLU G 97 5.48 -6.54 -22.30
CA GLU G 97 5.28 -5.92 -23.60
C GLU G 97 6.58 -5.32 -24.11
N LEU G 98 7.24 -4.46 -23.31
CA LEU G 98 8.48 -3.85 -23.76
C LEU G 98 9.60 -4.88 -23.87
N LEU G 99 9.55 -5.93 -23.06
CA LEU G 99 10.51 -7.02 -23.20
C LEU G 99 10.32 -7.72 -24.53
N VAL G 100 9.09 -7.94 -24.95
CA VAL G 100 8.86 -8.54 -26.26
C VAL G 100 9.24 -7.57 -27.38
N LEU G 101 8.88 -6.30 -27.26
CA LEU G 101 9.25 -5.34 -28.29
C LEU G 101 10.75 -5.06 -28.33
N LEU G 102 11.50 -5.41 -27.29
CA LEU G 102 12.95 -5.28 -27.35
C LEU G 102 13.66 -6.58 -27.67
N GLU G 103 13.19 -7.73 -27.16
CA GLU G 103 13.77 -9.01 -27.56
C GLU G 103 13.46 -9.34 -29.00
N ASN G 104 12.26 -9.05 -29.49
CA ASN G 104 12.00 -9.19 -30.93
C ASN G 104 12.98 -8.36 -31.74
N GLU G 105 13.22 -7.12 -31.31
CA GLU G 105 14.15 -6.26 -32.03
C GLU G 105 15.58 -6.78 -31.93
N ARG G 106 15.99 -7.23 -30.75
CA ARG G 106 17.32 -7.82 -30.58
C ARG G 106 17.48 -9.11 -31.37
N THR G 107 16.45 -9.97 -31.39
CA THR G 107 16.52 -11.19 -32.17
C THR G 107 16.61 -10.89 -33.66
N LEU G 108 15.80 -9.95 -34.15
CA LEU G 108 15.86 -9.61 -35.57
C LEU G 108 17.15 -8.89 -35.92
N ASP G 109 17.70 -8.08 -35.01
CA ASP G 109 19.01 -7.50 -35.24
C ASP G 109 20.13 -8.53 -35.11
N TYR G 110 19.90 -9.58 -34.32
CA TYR G 110 20.85 -10.68 -34.27
C TYR G 110 20.86 -11.42 -35.59
N HIS G 111 19.68 -11.72 -36.13
CA HIS G 111 19.61 -12.28 -37.48
C HIS G 111 20.21 -11.34 -38.51
N ASP G 112 20.02 -10.02 -38.32
CA ASP G 112 20.69 -9.04 -39.18
C ASP G 112 22.20 -9.21 -39.10
N SER G 113 22.72 -9.35 -37.89
CA SER G 113 24.16 -9.45 -37.69
C SER G 113 24.68 -10.80 -38.16
N ASN G 114 23.89 -11.87 -38.04
CA ASN G 114 24.33 -13.16 -38.54
C ASN G 114 24.41 -13.17 -40.06
N VAL G 115 23.39 -12.64 -40.73
CA VAL G 115 23.44 -12.56 -42.19
C VAL G 115 24.56 -11.62 -42.63
N LYS G 116 24.71 -10.48 -41.94
CA LYS G 116 25.76 -9.53 -42.28
C LYS G 116 27.14 -10.13 -42.05
N ASN G 117 27.32 -10.88 -40.96
CA ASN G 117 28.61 -11.49 -40.68
C ASN G 117 28.91 -12.65 -41.60
N LEU G 118 27.88 -13.38 -42.05
CA LEU G 118 28.09 -14.36 -43.11
C LEU G 118 28.58 -13.67 -44.37
N TYR G 119 27.97 -12.53 -44.72
CA TYR G 119 28.44 -11.77 -45.88
C TYR G 119 29.86 -11.29 -45.67
N GLU G 120 30.19 -10.79 -44.48
CA GLU G 120 31.53 -10.30 -44.18
C GLU G 120 32.57 -11.42 -44.25
N LYS G 121 32.24 -12.59 -43.70
CA LYS G 121 33.14 -13.73 -43.80
C LYS G 121 33.34 -14.14 -45.25
N VAL G 122 32.29 -14.10 -46.06
CA VAL G 122 32.42 -14.46 -47.48
C VAL G 122 33.34 -13.48 -48.21
N ARG G 123 33.14 -12.17 -47.99
CA ARG G 123 34.03 -11.23 -48.66
C ARG G 123 35.44 -11.24 -48.06
N SER G 124 35.60 -11.75 -46.84
CA SER G 124 36.93 -11.93 -46.27
C SER G 124 37.65 -13.10 -46.90
N GLN G 125 36.95 -14.22 -47.11
CA GLN G 125 37.60 -15.37 -47.76
C GLN G 125 37.92 -15.08 -49.21
N LEU G 126 36.96 -14.59 -49.99
CA LEU G 126 37.28 -14.35 -51.40
C LEU G 126 38.10 -13.09 -51.65
N LYS G 127 38.09 -12.14 -50.72
CA LYS G 127 38.84 -10.87 -50.84
C LYS G 127 38.36 -10.17 -52.11
N ASN G 128 39.24 -9.83 -53.04
CA ASN G 128 38.87 -9.07 -54.22
C ASN G 128 38.36 -9.99 -55.34
N ASN G 129 38.49 -11.31 -55.19
CA ASN G 129 38.09 -12.24 -56.25
C ASN G 129 36.60 -12.19 -56.53
N ALA G 130 35.79 -12.02 -55.49
CA ALA G 130 34.37 -11.85 -55.67
C ALA G 130 34.04 -10.42 -56.09
N LYS G 131 32.82 -10.22 -56.59
CA LYS G 131 32.34 -8.90 -56.98
C LYS G 131 30.97 -8.70 -56.37
N GLU G 132 30.88 -7.79 -55.41
CA GLU G 132 29.60 -7.49 -54.76
C GLU G 132 28.65 -6.86 -55.76
N ILE G 133 27.43 -7.40 -55.85
CA ILE G 133 26.42 -6.91 -56.77
C ILE G 133 25.15 -6.45 -56.06
N GLY G 134 25.10 -6.56 -54.74
CA GLY G 134 23.89 -6.31 -54.00
C GLY G 134 23.04 -7.56 -53.86
N ASN G 135 22.00 -7.44 -53.04
CA ASN G 135 21.09 -8.54 -52.67
C ASN G 135 21.82 -9.70 -52.00
N GLY G 136 23.04 -9.47 -51.50
CA GLY G 136 23.81 -10.51 -50.86
C GLY G 136 24.54 -11.43 -51.81
N CYS G 137 24.33 -11.29 -53.11
CA CYS G 137 24.90 -12.23 -54.06
C CYS G 137 26.36 -11.88 -54.35
N PHE G 138 27.12 -12.91 -54.72
CA PHE G 138 28.57 -12.82 -54.90
C PHE G 138 28.91 -13.41 -56.26
N GLU G 139 29.12 -12.57 -57.26
CA GLU G 139 29.52 -13.05 -58.57
C GLU G 139 31.03 -13.28 -58.62
N PHE G 140 31.42 -14.44 -59.14
CA PHE G 140 32.80 -14.90 -59.13
C PHE G 140 33.51 -14.51 -60.42
N TYR G 141 34.84 -14.53 -60.39
CA TYR G 141 35.67 -14.40 -61.58
C TYR G 141 36.52 -15.63 -61.82
N HIS G 142 35.96 -16.81 -61.60
CA HIS G 142 36.58 -18.08 -61.99
C HIS G 142 35.49 -19.15 -62.01
N LYS G 143 35.88 -20.36 -62.41
CA LYS G 143 34.92 -21.46 -62.50
C LYS G 143 34.36 -21.82 -61.14
N CYS G 144 35.23 -22.06 -60.16
CA CYS G 144 34.84 -22.38 -58.78
C CYS G 144 33.86 -23.56 -58.74
N ASP G 145 34.42 -24.74 -59.05
CA ASP G 145 33.66 -25.99 -59.04
C ASP G 145 33.15 -26.33 -57.65
N ASN G 146 32.43 -27.47 -57.52
CA ASN G 146 31.77 -27.81 -56.26
C ASN G 146 32.74 -27.93 -55.10
N THR G 147 34.01 -28.27 -55.37
CA THR G 147 35.02 -28.23 -54.32
C THR G 147 35.22 -26.82 -53.79
N CYS G 148 35.31 -25.84 -54.70
CA CYS G 148 35.47 -24.44 -54.30
C CYS G 148 34.20 -23.90 -53.63
N MET G 149 33.02 -24.34 -54.13
CA MET G 149 31.76 -24.15 -53.40
C MET G 149 31.89 -24.57 -51.94
N GLU G 150 32.30 -25.82 -51.72
CA GLU G 150 32.34 -26.36 -50.36
C GLU G 150 33.40 -25.68 -49.52
N SER G 151 34.54 -25.29 -50.13
CA SER G 151 35.58 -24.60 -49.38
C SER G 151 35.11 -23.23 -48.91
N VAL G 152 34.42 -22.48 -49.77
CA VAL G 152 33.89 -21.18 -49.35
C VAL G 152 32.81 -21.36 -48.29
N LYS G 153 31.93 -22.36 -48.46
CA LYS G 153 30.86 -22.58 -47.49
C LYS G 153 31.41 -23.00 -46.12
N ASN G 154 32.46 -23.83 -46.11
CA ASN G 154 33.01 -24.31 -44.84
C ASN G 154 33.70 -23.18 -44.08
N GLY G 155 34.56 -22.43 -44.75
CA GLY G 155 35.25 -21.33 -44.10
C GLY G 155 36.71 -21.19 -44.44
N THR G 156 37.28 -22.14 -45.18
CA THR G 156 38.67 -22.09 -45.61
C THR G 156 38.72 -21.92 -47.12
N TYR G 157 39.40 -20.88 -47.58
CA TYR G 157 39.48 -20.54 -48.99
C TYR G 157 40.93 -20.26 -49.36
N ASP G 158 41.39 -20.86 -50.45
CA ASP G 158 42.76 -20.65 -50.92
C ASP G 158 42.73 -19.56 -51.99
N TYR G 159 42.90 -18.32 -51.54
CA TYR G 159 42.95 -17.17 -52.46
C TYR G 159 44.09 -17.24 -53.47
N PRO G 160 45.35 -17.54 -53.10
CA PRO G 160 46.41 -17.58 -54.13
C PRO G 160 46.19 -18.62 -55.22
N LYS G 161 45.49 -19.73 -54.94
CA LYS G 161 45.31 -20.77 -55.94
C LYS G 161 44.45 -20.28 -57.10
N TYR G 162 43.39 -19.53 -56.81
CA TYR G 162 42.55 -18.93 -57.85
C TYR G 162 42.94 -17.51 -58.18
N SER G 163 44.02 -16.99 -57.59
CA SER G 163 44.42 -15.61 -57.84
C SER G 163 44.77 -15.38 -59.30
N GLU G 164 45.52 -16.31 -59.92
CA GLU G 164 45.86 -16.14 -61.33
C GLU G 164 44.64 -16.25 -62.22
N GLU G 165 43.73 -17.18 -61.92
CA GLU G 165 42.53 -17.36 -62.73
C GLU G 165 41.65 -16.12 -62.66
N ALA G 166 41.54 -15.51 -61.48
CA ALA G 166 40.84 -14.23 -61.39
C ALA G 166 41.64 -13.10 -62.03
N LYS G 167 42.97 -13.24 -62.14
CA LYS G 167 43.78 -12.25 -62.83
C LYS G 167 43.52 -12.26 -64.33
N LEU G 168 43.21 -13.42 -64.91
CA LEU G 168 42.72 -13.43 -66.30
C LEU G 168 41.50 -12.55 -66.47
N ASN G 169 40.54 -12.63 -65.55
CA ASN G 169 39.40 -11.73 -65.60
C ASN G 169 39.82 -10.31 -65.18
N ARG G 170 38.98 -9.34 -65.56
CA ARG G 170 39.24 -7.91 -65.34
C ARG G 170 40.59 -7.50 -65.96
N GLU G 171 40.81 -7.96 -67.19
CA GLU G 171 42.05 -7.73 -67.96
C GLU G 171 43.28 -8.27 -67.23
N GLY H 1 30.62 -11.72 -32.52
CA GLY H 1 29.31 -11.43 -31.97
C GLY H 1 28.41 -10.71 -32.95
N LEU H 2 27.64 -9.74 -32.44
CA LEU H 2 26.79 -8.93 -33.32
C LEU H 2 27.61 -8.05 -34.25
N PHE H 3 28.77 -7.58 -33.80
CA PHE H 3 29.63 -6.77 -34.65
C PHE H 3 30.78 -7.56 -35.24
N GLY H 4 31.07 -8.75 -34.71
CA GLY H 4 31.90 -9.71 -35.41
C GLY H 4 33.39 -9.55 -35.30
N ALA H 5 33.88 -8.79 -34.31
CA ALA H 5 35.31 -8.65 -34.08
C ALA H 5 35.81 -9.55 -32.97
N ILE H 6 35.20 -9.47 -31.79
CA ILE H 6 35.55 -10.39 -30.70
C ILE H 6 34.99 -11.76 -31.04
N ALA H 7 35.87 -12.76 -31.09
CA ALA H 7 35.61 -14.12 -31.56
C ALA H 7 35.17 -14.16 -33.03
N GLY H 8 35.37 -13.08 -33.77
CA GLY H 8 35.06 -13.04 -35.18
C GLY H 8 36.32 -13.18 -36.02
N PHE H 9 36.81 -12.08 -36.59
CA PHE H 9 38.08 -12.11 -37.29
C PHE H 9 39.26 -11.83 -36.36
N ILE H 10 39.00 -11.57 -35.08
CA ILE H 10 40.04 -11.60 -34.05
C ILE H 10 39.64 -12.74 -33.12
N GLU H 11 40.27 -13.89 -33.28
CA GLU H 11 39.87 -15.08 -32.54
C GLU H 11 40.51 -15.20 -31.18
N GLY H 12 41.71 -14.67 -31.00
CA GLY H 12 42.47 -14.88 -29.77
C GLY H 12 42.77 -13.59 -29.04
N GLY H 13 42.56 -13.61 -27.72
CA GLY H 13 43.01 -12.53 -26.88
C GLY H 13 44.51 -12.60 -26.62
N TRP H 14 45.05 -11.50 -26.11
CA TRP H 14 46.49 -11.35 -25.92
C TRP H 14 46.82 -11.29 -24.44
N THR H 15 47.67 -12.21 -23.99
CA THR H 15 48.05 -12.24 -22.58
C THR H 15 49.27 -11.40 -22.27
N GLY H 16 50.05 -11.02 -23.29
CA GLY H 16 51.22 -10.21 -23.05
C GLY H 16 50.91 -8.80 -22.58
N MET H 17 49.82 -8.22 -23.06
CA MET H 17 49.50 -6.83 -22.78
C MET H 17 48.94 -6.66 -21.37
N VAL H 18 49.30 -5.53 -20.76
CA VAL H 18 48.79 -5.18 -19.43
C VAL H 18 48.14 -3.80 -19.40
N ASP H 19 48.46 -2.92 -20.34
CA ASP H 19 48.12 -1.50 -20.22
C ASP H 19 46.60 -1.28 -20.26
N GLY H 20 45.91 -1.92 -21.21
CA GLY H 20 44.51 -1.61 -21.38
C GLY H 20 43.68 -2.76 -21.92
N TRP H 21 42.37 -2.51 -21.98
CA TRP H 21 41.43 -3.49 -22.52
C TRP H 21 41.66 -3.76 -24.00
N TYR H 22 41.91 -2.70 -24.79
CA TYR H 22 42.19 -2.83 -26.20
C TYR H 22 43.63 -2.42 -26.45
N GLY H 23 44.22 -2.93 -27.53
CA GLY H 23 45.59 -2.57 -27.81
C GLY H 23 46.06 -3.11 -29.15
N TYR H 24 47.32 -2.84 -29.43
CA TYR H 24 47.95 -3.19 -30.71
C TYR H 24 49.23 -3.95 -30.44
N HIS H 25 49.70 -4.64 -31.48
CA HIS H 25 51.00 -5.29 -31.49
C HIS H 25 51.73 -4.91 -32.77
N HIS H 26 52.98 -4.50 -32.65
CA HIS H 26 53.78 -4.09 -33.78
C HIS H 26 55.05 -4.92 -33.83
N GLN H 27 55.47 -5.30 -35.04
CA GLN H 27 56.62 -6.16 -35.25
C GLN H 27 57.54 -5.54 -36.30
N ASN H 28 57.80 -4.25 -36.15
CA ASN H 28 58.71 -3.57 -37.04
C ASN H 28 60.17 -3.90 -36.69
N GLU H 29 61.09 -3.45 -37.55
CA GLU H 29 62.50 -3.74 -37.35
C GLU H 29 63.08 -3.02 -36.13
N GLN H 30 62.40 -1.99 -35.63
CA GLN H 30 62.93 -1.20 -34.51
C GLN H 30 62.56 -1.79 -33.15
N GLY H 31 61.56 -2.65 -33.08
CA GLY H 31 61.20 -3.23 -31.80
C GLY H 31 59.96 -4.09 -31.93
N SER H 32 59.37 -4.40 -30.78
CA SER H 32 58.19 -5.26 -30.72
C SER H 32 57.52 -5.04 -29.37
N GLY H 33 56.36 -5.66 -29.20
CA GLY H 33 55.64 -5.57 -27.94
C GLY H 33 54.24 -5.02 -28.07
N TYR H 34 53.40 -5.29 -27.09
CA TYR H 34 52.01 -4.87 -27.10
C TYR H 34 51.88 -3.49 -26.47
N ALA H 35 51.22 -2.58 -27.16
CA ALA H 35 51.05 -1.20 -26.69
C ALA H 35 49.62 -0.78 -26.92
N ALA H 36 48.95 -0.35 -25.86
CA ALA H 36 47.55 0.06 -25.92
C ALA H 36 47.42 1.54 -26.25
N ASP H 37 46.21 1.94 -26.63
CA ASP H 37 45.87 3.35 -26.79
C ASP H 37 45.28 3.87 -25.50
N LEU H 38 45.85 4.96 -24.99
CA LEU H 38 45.29 5.57 -23.79
C LEU H 38 43.90 6.16 -24.06
N LYS H 39 43.71 6.81 -25.22
CA LYS H 39 42.44 7.50 -25.47
C LYS H 39 41.27 6.52 -25.59
N SER H 40 41.41 5.49 -26.44
CA SER H 40 40.31 4.56 -26.67
C SER H 40 39.99 3.76 -25.40
N THR H 41 41.02 3.22 -24.75
CA THR H 41 40.80 2.42 -23.56
C THR H 41 40.26 3.25 -22.42
N GLN H 42 40.77 4.48 -22.25
CA GLN H 42 40.26 5.33 -21.17
C GLN H 42 38.82 5.74 -21.40
N ASN H 43 38.46 6.15 -22.62
CA ASN H 43 37.07 6.54 -22.83
C ASN H 43 36.14 5.32 -22.75
N ALA H 44 36.62 4.14 -23.15
CA ALA H 44 35.80 2.94 -23.05
C ALA H 44 35.61 2.52 -21.60
N ILE H 45 36.67 2.54 -20.80
CA ILE H 45 36.54 2.16 -19.40
C ILE H 45 35.73 3.21 -18.65
N ASP H 46 35.82 4.49 -19.06
CA ASP H 46 34.97 5.51 -18.47
C ASP H 46 33.50 5.23 -18.74
N LYS H 47 33.17 4.86 -19.98
CA LYS H 47 31.79 4.54 -20.31
C LYS H 47 31.32 3.26 -19.61
N ILE H 48 32.19 2.27 -19.47
CA ILE H 48 31.80 1.03 -18.79
C ILE H 48 31.58 1.27 -17.30
N THR H 49 32.48 2.01 -16.65
CA THR H 49 32.27 2.32 -15.24
C THR H 49 31.06 3.23 -15.05
N ASN H 50 30.78 4.12 -16.01
CA ASN H 50 29.55 4.91 -15.96
C ASN H 50 28.33 4.00 -16.10
N LYS H 51 28.41 2.98 -16.94
CA LYS H 51 27.33 2.01 -17.07
C LYS H 51 27.10 1.25 -15.77
N VAL H 52 28.17 0.81 -15.12
CA VAL H 52 28.05 0.08 -13.86
C VAL H 52 27.49 1.00 -12.78
N ASN H 53 27.93 2.26 -12.76
CA ASN H 53 27.34 3.21 -11.82
C ASN H 53 25.89 3.49 -12.13
N SER H 54 25.50 3.47 -13.41
CA SER H 54 24.09 3.61 -13.75
C SER H 54 23.28 2.43 -13.25
N VAL H 55 23.86 1.23 -13.25
CA VAL H 55 23.20 0.10 -12.61
C VAL H 55 23.12 0.32 -11.09
N ILE H 56 24.14 0.94 -10.50
CA ILE H 56 24.26 0.95 -9.04
C ILE H 56 23.52 2.11 -8.38
N GLU H 57 23.92 3.35 -8.68
CA GLU H 57 23.36 4.49 -7.93
C GLU H 57 21.94 4.82 -8.36
N LYS H 58 21.57 4.56 -9.62
CA LYS H 58 20.18 4.77 -10.03
C LYS H 58 19.23 3.84 -9.30
N MET H 59 19.73 2.72 -8.78
CA MET H 59 18.99 1.92 -7.81
C MET H 59 19.13 2.66 -6.48
N ASN H 60 18.14 3.50 -6.19
CA ASN H 60 18.07 4.22 -4.93
C ASN H 60 16.93 3.66 -4.10
N THR H 61 17.24 3.23 -2.89
CA THR H 61 16.27 2.71 -1.96
C THR H 61 16.11 3.70 -0.81
N GLN H 62 15.17 3.41 0.08
CA GLN H 62 14.91 4.24 1.25
C GLN H 62 15.03 3.37 2.49
N PHE H 63 14.95 4.02 3.65
CA PHE H 63 15.05 3.29 4.91
C PHE H 63 13.76 2.54 5.15
N THR H 64 13.73 1.27 4.74
CA THR H 64 12.52 0.46 4.76
C THR H 64 12.77 -0.80 5.56
N ALA H 65 11.87 -1.11 6.49
CA ALA H 65 11.89 -2.37 7.21
C ALA H 65 11.10 -3.38 6.39
N VAL H 66 11.82 -4.24 5.67
CA VAL H 66 11.16 -5.23 4.81
C VAL H 66 10.41 -6.26 5.66
N GLY H 67 10.91 -6.57 6.84
CA GLY H 67 10.27 -7.57 7.68
C GLY H 67 9.04 -7.04 8.38
N LYS H 68 7.93 -7.78 8.23
CA LYS H 68 6.70 -7.51 8.97
C LYS H 68 6.33 -8.75 9.77
N GLU H 69 5.72 -8.53 10.94
CA GLU H 69 5.42 -9.60 11.87
C GLU H 69 3.92 -9.68 12.12
N PHE H 70 3.35 -10.87 11.91
CA PHE H 70 1.91 -11.07 11.95
C PHE H 70 1.60 -12.25 12.86
N ASN H 71 0.51 -12.15 13.61
CA ASN H 71 0.04 -13.29 14.39
C ASN H 71 -0.88 -14.15 13.52
N HIS H 72 -1.55 -15.11 14.14
CA HIS H 72 -2.25 -16.17 13.40
C HIS H 72 -3.69 -15.84 13.05
N LEU H 73 -4.30 -14.83 13.69
CA LEU H 73 -5.63 -14.43 13.24
C LEU H 73 -5.58 -13.59 11.97
N GLU H 74 -4.40 -13.09 11.62
CA GLU H 74 -4.19 -12.36 10.38
C GLU H 74 -3.23 -13.18 9.50
N LYS H 75 -3.83 -14.11 8.76
CA LYS H 75 -3.12 -14.93 7.80
C LYS H 75 -3.41 -14.51 6.37
N ARG H 76 -4.57 -13.90 6.13
CA ARG H 76 -4.79 -13.24 4.85
C ARG H 76 -3.85 -12.06 4.68
N ILE H 77 -3.65 -11.28 5.74
CA ILE H 77 -2.67 -10.18 5.68
C ILE H 77 -1.25 -10.72 5.68
N GLU H 78 -1.00 -11.83 6.40
CA GLU H 78 0.33 -12.43 6.37
C GLU H 78 0.68 -12.97 4.99
N ASN H 79 -0.28 -13.63 4.33
CA ASN H 79 -0.05 -14.07 2.96
C ASN H 79 -0.09 -12.92 1.97
N LEU H 80 -0.77 -11.81 2.30
CA LEU H 80 -0.67 -10.61 1.47
C LEU H 80 0.74 -10.04 1.52
N ASN H 81 1.32 -9.99 2.72
CA ASN H 81 2.73 -9.61 2.85
C ASN H 81 3.63 -10.60 2.14
N LYS H 82 3.33 -11.89 2.25
CA LYS H 82 4.12 -12.90 1.56
C LYS H 82 4.03 -12.73 0.06
N LYS H 83 2.84 -12.43 -0.46
CA LYS H 83 2.68 -12.21 -1.89
C LYS H 83 3.37 -10.92 -2.33
N VAL H 84 3.35 -9.89 -1.49
CA VAL H 84 4.05 -8.65 -1.82
C VAL H 84 5.55 -8.89 -1.88
N ASP H 85 6.09 -9.54 -0.85
CA ASP H 85 7.52 -9.83 -0.80
C ASP H 85 7.93 -10.80 -1.91
N ASP H 86 7.11 -11.80 -2.19
CA ASP H 86 7.44 -12.79 -3.21
C ASP H 86 7.27 -12.21 -4.61
N GLY H 87 6.29 -11.34 -4.82
CA GLY H 87 6.15 -10.68 -6.10
C GLY H 87 7.27 -9.70 -6.35
N PHE H 88 7.70 -8.97 -5.31
CA PHE H 88 8.90 -8.16 -5.42
C PHE H 88 10.12 -9.04 -5.66
N LEU H 89 10.14 -10.23 -5.08
CA LEU H 89 11.23 -11.17 -5.30
C LEU H 89 11.27 -11.63 -6.75
N ASP H 90 10.12 -12.03 -7.31
CA ASP H 90 10.10 -12.43 -8.72
C ASP H 90 10.43 -11.27 -9.63
N ILE H 91 9.88 -10.08 -9.36
CA ILE H 91 10.16 -8.91 -10.19
C ILE H 91 11.65 -8.58 -10.15
N TRP H 92 12.24 -8.55 -8.96
CA TRP H 92 13.63 -8.13 -8.84
C TRP H 92 14.58 -9.21 -9.33
N THR H 93 14.27 -10.49 -9.06
CA THR H 93 15.10 -11.58 -9.58
C THR H 93 15.03 -11.63 -11.10
N TYR H 94 13.83 -11.53 -11.68
CA TYR H 94 13.70 -11.65 -13.12
C TYR H 94 14.31 -10.44 -13.82
N ASN H 95 14.05 -9.24 -13.29
CA ASN H 95 14.65 -8.03 -13.85
C ASN H 95 16.17 -8.03 -13.70
N ALA H 96 16.68 -8.48 -12.55
CA ALA H 96 18.13 -8.51 -12.34
C ALA H 96 18.80 -9.55 -13.21
N GLU H 97 18.23 -10.76 -13.29
CA GLU H 97 18.79 -11.79 -14.15
C GLU H 97 18.74 -11.36 -15.62
N LEU H 98 17.63 -10.82 -16.09
CA LEU H 98 17.58 -10.45 -17.51
C LEU H 98 18.32 -9.15 -17.77
N LEU H 99 18.53 -8.32 -16.76
CA LEU H 99 19.35 -7.13 -16.93
C LEU H 99 20.81 -7.53 -17.03
N VAL H 100 21.22 -8.56 -16.28
CA VAL H 100 22.58 -9.07 -16.31
C VAL H 100 22.75 -10.14 -17.39
N LEU H 101 21.68 -10.46 -18.12
CA LEU H 101 21.81 -11.25 -19.34
C LEU H 101 21.76 -10.40 -20.60
N LEU H 102 21.11 -9.24 -20.56
CA LEU H 102 21.07 -8.35 -21.71
C LEU H 102 22.16 -7.29 -21.67
N GLU H 103 22.37 -6.64 -20.53
CA GLU H 103 23.47 -5.73 -20.37
C GLU H 103 24.81 -6.43 -20.45
N ASN H 104 24.87 -7.73 -20.15
CA ASN H 104 26.09 -8.50 -20.36
C ASN H 104 26.18 -9.12 -21.74
N GLU H 105 25.22 -8.89 -22.62
CA GLU H 105 25.47 -9.09 -24.03
C GLU H 105 25.67 -7.74 -24.71
N ARG H 106 25.35 -6.65 -24.03
CA ARG H 106 25.60 -5.31 -24.55
C ARG H 106 26.96 -4.76 -24.15
N THR H 107 27.47 -5.09 -22.98
CA THR H 107 28.87 -4.78 -22.69
C THR H 107 29.79 -5.52 -23.65
N LEU H 108 29.53 -6.81 -23.89
CA LEU H 108 30.36 -7.54 -24.84
C LEU H 108 30.12 -7.09 -26.28
N ASP H 109 28.90 -6.68 -26.62
CA ASP H 109 28.69 -6.07 -27.93
C ASP H 109 29.38 -4.72 -28.04
N TYR H 110 29.52 -4.00 -26.92
CA TYR H 110 30.20 -2.71 -26.95
C TYR H 110 31.71 -2.89 -27.06
N HIS H 111 32.28 -3.86 -26.36
CA HIS H 111 33.69 -4.18 -26.54
C HIS H 111 33.95 -4.68 -27.95
N ASP H 112 33.03 -5.48 -28.49
CA ASP H 112 33.05 -5.86 -29.89
C ASP H 112 33.02 -4.62 -30.79
N SER H 113 32.17 -3.64 -30.44
CA SER H 113 32.08 -2.41 -31.21
C SER H 113 33.38 -1.64 -31.18
N ASN H 114 34.03 -1.57 -30.00
CA ASN H 114 35.27 -0.81 -29.91
C ASN H 114 36.39 -1.50 -30.68
N VAL H 115 36.48 -2.82 -30.62
CA VAL H 115 37.50 -3.53 -31.40
C VAL H 115 37.22 -3.35 -32.90
N LYS H 116 35.96 -3.48 -33.31
CA LYS H 116 35.60 -3.31 -34.70
C LYS H 116 35.88 -1.88 -35.17
N ASN H 117 35.58 -0.89 -34.33
CA ASN H 117 35.80 0.51 -34.69
C ASN H 117 37.28 0.85 -34.73
N LEU H 118 38.09 0.26 -33.85
CA LEU H 118 39.54 0.41 -33.96
C LEU H 118 40.03 -0.16 -35.28
N TYR H 119 39.51 -1.34 -35.67
CA TYR H 119 39.90 -1.92 -36.95
C TYR H 119 39.48 -1.02 -38.12
N GLU H 120 38.26 -0.46 -38.04
CA GLU H 120 37.79 0.43 -39.09
C GLU H 120 38.62 1.71 -39.16
N LYS H 121 38.99 2.27 -38.02
CA LYS H 121 39.84 3.46 -38.03
C LYS H 121 41.22 3.15 -38.61
N VAL H 122 41.75 1.95 -38.33
CA VAL H 122 43.04 1.58 -38.91
C VAL H 122 42.93 1.46 -40.42
N ARG H 123 41.88 0.80 -40.93
CA ARG H 123 41.79 0.69 -42.38
C ARG H 123 41.39 2.01 -43.04
N SER H 124 40.76 2.92 -42.30
CA SER H 124 40.45 4.24 -42.84
C SER H 124 41.69 5.12 -42.91
N GLN H 125 42.58 5.04 -41.92
CA GLN H 125 43.83 5.77 -42.00
C GLN H 125 44.75 5.16 -43.04
N LEU H 126 44.92 3.85 -43.01
CA LEU H 126 45.90 3.16 -43.84
C LEU H 126 45.47 3.02 -45.30
N LYS H 127 44.17 3.04 -45.57
CA LYS H 127 43.59 2.93 -46.93
C LYS H 127 44.06 1.62 -47.56
N ASN H 128 44.46 1.65 -48.83
CA ASN H 128 44.89 0.47 -49.57
C ASN H 128 46.36 0.14 -49.28
N ASN H 129 47.07 1.02 -48.56
CA ASN H 129 48.50 0.83 -48.35
C ASN H 129 48.81 -0.44 -47.56
N ALA H 130 48.00 -0.75 -46.54
CA ALA H 130 48.18 -1.95 -45.75
C ALA H 130 47.06 -2.93 -46.05
N LYS H 131 47.42 -4.04 -46.69
CA LYS H 131 46.45 -5.11 -46.93
C LYS H 131 45.99 -5.73 -45.61
N GLU H 132 44.75 -6.19 -45.61
CA GLU H 132 44.19 -6.91 -44.47
C GLU H 132 44.53 -8.39 -44.62
N ILE H 133 45.42 -8.89 -43.75
CA ILE H 133 45.88 -10.28 -43.83
C ILE H 133 44.97 -11.23 -43.08
N GLY H 134 44.03 -10.72 -42.28
CA GLY H 134 43.25 -11.55 -41.38
C GLY H 134 43.83 -11.52 -39.98
N ASN H 135 43.14 -12.24 -39.09
CA ASN H 135 43.45 -12.30 -37.66
C ASN H 135 43.39 -10.92 -37.00
N GLY H 136 42.67 -9.98 -37.61
CA GLY H 136 42.63 -8.62 -37.12
C GLY H 136 43.86 -7.81 -37.39
N CYS H 137 44.79 -8.31 -38.20
CA CYS H 137 46.08 -7.70 -38.42
C CYS H 137 46.08 -6.87 -39.68
N PHE H 138 47.17 -6.12 -39.87
CA PHE H 138 47.38 -5.30 -41.06
C PHE H 138 48.79 -5.55 -41.57
N GLU H 139 48.91 -6.24 -42.70
CA GLU H 139 50.20 -6.51 -43.32
C GLU H 139 50.55 -5.33 -44.22
N PHE H 140 51.57 -4.58 -43.82
CA PHE H 140 51.93 -3.33 -44.49
C PHE H 140 52.63 -3.59 -45.81
N TYR H 141 52.63 -2.57 -46.67
CA TYR H 141 53.41 -2.58 -47.91
C TYR H 141 54.45 -1.46 -47.93
N HIS H 142 55.01 -1.10 -46.77
CA HIS H 142 56.16 -0.20 -46.72
C HIS H 142 56.88 -0.41 -45.40
N LYS H 143 58.13 0.04 -45.36
CA LYS H 143 58.98 -0.06 -44.17
C LYS H 143 58.58 1.07 -43.21
N CYS H 144 57.53 0.80 -42.44
CA CYS H 144 56.92 1.79 -41.56
C CYS H 144 57.60 1.71 -40.19
N ASP H 145 58.30 2.77 -39.81
CA ASP H 145 59.06 2.82 -38.57
C ASP H 145 58.13 3.06 -37.38
N ASN H 146 58.71 3.24 -36.20
CA ASN H 146 57.93 3.48 -34.98
C ASN H 146 57.19 4.82 -35.04
N THR H 147 57.71 5.78 -35.81
CA THR H 147 57.05 7.07 -35.95
C THR H 147 55.65 6.92 -36.56
N CYS H 148 55.53 6.14 -37.62
CA CYS H 148 54.21 5.94 -38.20
C CYS H 148 53.38 4.91 -37.43
N MET H 149 54.00 4.02 -36.66
CA MET H 149 53.25 3.31 -35.61
C MET H 149 52.52 4.29 -34.71
N GLU H 150 53.25 5.29 -34.19
CA GLU H 150 52.65 6.29 -33.32
C GLU H 150 51.60 7.10 -34.07
N SER H 151 51.84 7.39 -35.35
CA SER H 151 50.88 8.19 -36.12
C SER H 151 49.57 7.43 -36.32
N VAL H 152 49.64 6.12 -36.62
CA VAL H 152 48.42 5.35 -36.80
C VAL H 152 47.71 5.17 -35.47
N LYS H 153 48.45 4.91 -34.39
CA LYS H 153 47.81 4.77 -33.08
C LYS H 153 47.20 6.07 -32.61
N ASN H 154 47.75 7.21 -33.03
CA ASN H 154 47.24 8.52 -32.64
C ASN H 154 46.16 9.04 -33.58
N GLY H 155 45.91 8.35 -34.70
CA GLY H 155 44.89 8.81 -35.63
C GLY H 155 45.29 9.96 -36.50
N THR H 156 46.58 10.08 -36.84
CA THR H 156 47.13 11.21 -37.58
C THR H 156 48.02 10.72 -38.72
N TYR H 157 47.63 9.60 -39.34
CA TYR H 157 48.37 9.07 -40.49
C TYR H 157 48.35 10.03 -41.67
N ASP H 158 49.51 10.19 -42.30
CA ASP H 158 49.65 10.98 -43.53
C ASP H 158 49.73 9.99 -44.69
N TYR H 159 48.61 9.84 -45.38
CA TYR H 159 48.54 8.91 -46.52
C TYR H 159 49.47 9.27 -47.68
N PRO H 160 49.51 10.52 -48.20
CA PRO H 160 50.32 10.78 -49.40
C PRO H 160 51.82 10.52 -49.24
N LYS H 161 52.39 10.73 -48.05
CA LYS H 161 53.84 10.69 -47.92
C LYS H 161 54.40 9.28 -48.07
N TYR H 162 53.64 8.26 -47.69
CA TYR H 162 53.98 6.87 -47.97
C TYR H 162 53.26 6.29 -49.17
N SER H 163 52.62 7.12 -49.99
CA SER H 163 51.91 6.60 -51.16
C SER H 163 52.88 5.99 -52.17
N GLU H 164 54.03 6.64 -52.39
CA GLU H 164 54.98 6.17 -53.40
C GLU H 164 55.59 4.84 -53.00
N GLU H 165 56.02 4.71 -51.74
CA GLU H 165 56.63 3.46 -51.28
C GLU H 165 55.61 2.32 -51.30
N ALA H 166 54.38 2.60 -50.87
CA ALA H 166 53.35 1.58 -50.86
C ALA H 166 52.98 1.16 -52.28
N LYS H 167 52.94 2.10 -53.22
CA LYS H 167 52.58 1.73 -54.58
C LYS H 167 53.71 1.02 -55.31
N LEU H 168 54.97 1.31 -54.97
CA LEU H 168 56.05 0.55 -55.58
C LEU H 168 56.17 -0.84 -54.98
N ASN H 169 55.88 -1.00 -53.69
CA ASN H 169 55.93 -2.32 -53.07
C ASN H 169 54.73 -3.18 -53.43
N ARG H 170 53.57 -2.56 -53.70
CA ARG H 170 52.37 -3.32 -54.01
C ARG H 170 52.46 -4.03 -55.35
N GLU H 171 53.34 -3.60 -56.25
CA GLU H 171 53.51 -4.22 -57.55
C GLU H 171 54.18 -5.60 -57.42
C1 NAG I . -14.12 24.90 13.66
C2 NAG I . -14.67 24.69 15.08
C3 NAG I . -14.20 25.83 15.99
C4 NAG I . -12.70 26.06 15.87
C5 NAG I . -12.32 26.21 14.40
C6 NAG I . -10.84 26.45 14.15
C7 NAG I . -16.76 23.38 14.91
C8 NAG I . -18.26 23.48 14.90
N2 NAG I . -16.10 24.55 15.05
O3 NAG I . -14.58 25.52 17.30
O4 NAG I . -12.38 27.21 16.62
O5 NAG I . -12.72 25.05 13.70
O6 NAG I . -10.08 25.71 15.07
O7 NAG I . -16.21 22.30 14.79
C1 NAG J . 17.30 28.52 -32.86
C2 NAG J . 16.91 29.99 -32.63
C3 NAG J . 15.46 30.21 -33.08
C4 NAG J . 15.25 29.70 -34.50
C5 NAG J . 15.78 28.25 -34.63
C6 NAG J . 15.66 27.69 -36.03
C7 NAG J . 16.60 29.93 -30.13
C8 NAG J . 17.08 30.62 -28.88
N2 NAG J . 17.14 30.41 -31.27
O3 NAG J . 15.18 31.58 -32.96
O4 NAG J . 13.87 29.77 -34.77
O5 NAG J . 17.12 28.21 -34.22
O6 NAG J . 16.40 28.48 -36.93
O7 NAG J . 15.79 29.01 -30.07
C1 NAG K . 24.76 18.00 -16.32
C2 NAG K . 25.66 17.98 -15.09
C3 NAG K . 24.94 18.65 -13.92
C4 NAG K . 24.46 20.05 -14.33
C5 NAG K . 23.62 19.96 -15.61
C6 NAG K . 23.17 21.29 -16.14
C7 NAG K . 27.29 16.15 -14.94
C8 NAG K . 27.49 14.72 -14.52
N2 NAG K . 26.06 16.64 -14.75
O3 NAG K . 25.80 18.69 -12.83
O4 NAG K . 23.70 20.55 -13.24
O5 NAG K . 24.41 19.33 -16.62
O6 NAG K . 22.15 21.82 -15.33
O7 NAG K . 28.21 16.80 -15.42
C1 NAG L . -14.07 18.59 -21.09
C2 NAG L . -15.40 18.28 -21.82
C3 NAG L . -16.02 19.57 -22.36
C4 NAG L . -16.08 20.68 -21.31
C5 NAG L . -14.70 20.80 -20.65
C6 NAG L . -14.59 21.87 -19.59
C7 NAG L . -15.71 16.09 -22.92
C8 NAG L . -15.36 15.28 -24.14
N2 NAG L . -15.19 17.33 -22.89
O3 NAG L . -17.31 19.25 -22.84
O4 NAG L . -16.46 21.86 -21.96
O5 NAG L . -14.39 19.54 -20.09
O6 NAG L . -15.46 21.59 -18.52
O7 NAG L . -16.42 15.64 -22.03
C1 NAG M . -5.14 19.71 -21.46
C2 NAG M . -4.53 19.22 -22.79
C3 NAG M . -4.67 20.20 -23.96
C4 NAG M . -6.05 20.83 -23.99
C5 NAG M . -6.25 21.49 -22.63
C6 NAG M . -7.50 22.35 -22.55
C7 NAG M . -2.53 17.82 -23.17
C8 NAG M . -1.05 17.70 -22.89
N2 NAG M . -3.13 18.90 -22.64
O3 NAG M . -4.39 19.49 -25.14
O4 NAG M . -6.06 21.76 -25.04
O5 NAG M . -6.32 20.46 -21.66
O6 NAG M . -7.35 23.30 -21.52
O7 NAG M . -3.11 16.98 -23.85
C1 NAG N . -29.98 -24.57 -0.66
C2 NAG N . -30.94 -24.21 0.48
C3 NAG N . -32.37 -24.11 -0.08
C4 NAG N . -32.39 -23.11 -1.23
C5 NAG N . -31.35 -23.50 -2.28
C6 NAG N . -31.24 -22.52 -3.43
C7 NAG N . -30.11 -24.95 2.66
C8 NAG N . -30.10 -26.09 3.66
N2 NAG N . -30.82 -25.17 1.54
O3 NAG N . -33.22 -23.75 0.96
O4 NAG N . -33.70 -23.13 -1.77
O5 NAG N . -30.07 -23.58 -1.66
O6 NAG N . -30.10 -22.83 -4.20
O7 NAG N . -29.51 -23.91 2.89
C1 NAG O . 0.56 -36.89 -13.37
C2 NAG O . 1.62 -37.92 -12.92
C3 NAG O . 1.39 -39.24 -13.65
C4 NAG O . -0.06 -39.72 -13.51
C5 NAG O . -1.01 -38.57 -13.86
C6 NAG O . -2.48 -38.89 -13.71
C7 NAG O . 3.86 -37.25 -12.15
C8 NAG O . 5.20 -36.72 -12.60
N2 NAG O . 2.95 -37.42 -13.13
O3 NAG O . 2.29 -40.18 -13.13
O4 NAG O . -0.23 -40.82 -14.37
O5 NAG O . -0.69 -37.46 -13.04
O6 NAG O . -2.91 -39.68 -14.79
O7 NAG O . 3.63 -37.49 -10.98
C1 NAG P . 3.91 -24.39 -46.01
C2 NAG P . 2.57 -25.08 -45.72
C3 NAG P . 2.82 -26.47 -45.16
C4 NAG P . 3.77 -27.26 -46.05
C5 NAG P . 5.04 -26.44 -46.30
C6 NAG P . 6.05 -27.12 -47.19
C7 NAG P . 0.58 -23.76 -45.10
C8 NAG P . -0.06 -22.98 -43.98
N2 NAG P . 1.78 -24.30 -44.81
O3 NAG P . 1.58 -27.12 -45.02
O4 NAG P . 4.06 -28.48 -45.38
O5 NAG P . 4.68 -25.20 -46.87
O6 NAG P . 7.17 -26.28 -47.37
O7 NAG P . 0.04 -23.87 -46.19
C1 NAG Q . 1.46 -30.68 -20.58
C2 NAG Q . 0.89 -32.02 -21.06
C3 NAG Q . 2.04 -32.91 -21.53
C4 NAG Q . 2.92 -32.20 -22.55
C5 NAG Q . 3.36 -30.84 -21.97
C6 NAG Q . 4.21 -30.02 -22.91
C7 NAG Q . -1.20 -32.60 -19.90
C8 NAG Q . -1.78 -33.33 -18.73
N2 NAG Q . 0.14 -32.65 -20.02
O3 NAG Q . 1.47 -34.08 -22.06
O4 NAG Q . 4.01 -33.03 -22.83
O5 NAG Q . 2.22 -30.10 -21.62
O6 NAG Q . 3.46 -29.68 -24.06
O7 NAG Q . -1.92 -32.00 -20.70
C1 NAG R . -2.37 -5.93 -37.89
C2 NAG R . -2.99 -4.59 -37.43
C3 NAG R . -4.18 -4.89 -36.50
C4 NAG R . -5.15 -5.85 -37.16
C5 NAG R . -4.41 -7.11 -37.62
C6 NAG R . -5.28 -8.12 -38.34
C7 NAG R . -1.60 -2.58 -37.26
C8 NAG R . -0.57 -1.87 -36.41
N2 NAG R . -2.02 -3.76 -36.78
O3 NAG R . -4.78 -3.65 -36.19
O4 NAG R . -6.15 -6.16 -36.21
O5 NAG R . -3.35 -6.73 -38.49
O6 NAG R . -4.49 -9.14 -38.88
O7 NAG R . -1.99 -2.10 -38.31
C1 NAG S . 12.91 -18.46 31.26
C2 NAG S . 11.72 -18.76 32.17
C3 NAG S . 11.99 -20.07 32.91
C4 NAG S . 12.28 -21.19 31.91
C5 NAG S . 13.43 -20.75 30.98
C6 NAG S . 13.80 -21.76 29.93
C7 NAG S . 10.58 -16.70 32.86
C8 NAG S . 10.52 -15.62 33.91
N2 NAG S . 11.50 -17.65 33.06
O3 NAG S . 10.88 -20.37 33.72
O4 NAG S . 12.61 -22.34 32.64
O5 NAG S . 13.08 -19.53 30.35
O6 NAG S . 14.81 -21.22 29.10
O7 NAG S . 9.82 -16.69 31.90
C1 NAG T . 32.12 4.35 11.50
C2 NAG T . 32.24 5.69 12.24
C3 NAG T . 33.73 5.85 12.58
C4 NAG T . 34.31 4.62 13.30
C5 NAG T . 33.77 3.32 12.67
C6 NAG T . 34.09 2.05 13.43
C7 NAG T . 30.75 7.65 11.99
C8 NAG T . 30.17 7.32 13.35
N2 NAG T . 31.72 6.83 11.53
O3 NAG T . 33.86 6.99 13.40
O4 NAG T . 35.71 4.68 13.19
O5 NAG T . 32.38 3.46 12.53
O6 NAG T . 34.41 2.33 14.77
O7 NAG T . 30.35 8.62 11.36
C1 NAG U . 33.08 -0.75 4.34
C2 NAG U . 34.30 -0.65 5.26
C3 NAG U . 35.21 0.47 4.76
C4 NAG U . 35.55 0.29 3.29
C5 NAG U . 34.26 0.14 2.48
C6 NAG U . 34.47 -0.11 1.00
C7 NAG U . 33.70 -1.39 7.54
C8 NAG U . 33.23 -0.92 8.89
N2 NAG U . 33.87 -0.43 6.62
O3 NAG U . 36.37 0.47 5.57
O4 NAG U . 36.29 1.43 2.88
O5 NAG U . 33.52 -0.93 3.01
O6 NAG U . 33.24 -0.40 0.38
O7 NAG U . 33.90 -2.58 7.31
C1 NAG V . 28.37 -23.69 -16.90
C2 NAG V . 28.08 -25.15 -17.24
C3 NAG V . 27.61 -25.93 -16.00
C4 NAG V . 28.55 -25.69 -14.81
C5 NAG V . 28.71 -24.18 -14.59
C6 NAG V . 29.63 -23.83 -13.44
C7 NAG V . 25.85 -24.84 -18.36
C8 NAG V . 25.15 -25.14 -19.67
N2 NAG V . 27.13 -25.28 -18.32
O3 NAG V . 27.55 -27.29 -16.34
O4 NAG V . 28.00 -26.32 -13.69
O5 NAG V . 29.22 -23.61 -15.78
O6 NAG V . 30.87 -24.47 -13.62
O7 NAG V . 25.26 -24.26 -17.46
C1 NAG W . 48.30 -14.86 -13.62
C2 NAG W . 48.21 -15.19 -12.13
C3 NAG W . 48.98 -14.13 -11.35
C4 NAG W . 50.41 -14.01 -11.86
C5 NAG W . 50.41 -13.80 -13.39
C6 NAG W . 51.78 -13.78 -14.02
C7 NAG W . 46.27 -16.38 -11.18
C8 NAG W . 44.82 -16.22 -10.78
N2 NAG W . 46.83 -15.26 -11.69
O3 NAG W . 48.94 -14.47 -9.99
O4 NAG W . 51.00 -12.92 -11.19
O5 NAG W . 49.66 -14.85 -14.00
O6 NAG W . 52.42 -12.57 -13.70
O7 NAG W . 46.86 -17.43 -11.04
#